data_7NKI
#
_entry.id   7NKI
#
_cell.length_a   1.00
_cell.length_b   1.00
_cell.length_c   1.00
_cell.angle_alpha   90.00
_cell.angle_beta   90.00
_cell.angle_gamma   90.00
#
_symmetry.space_group_name_H-M   'P 1'
#
loop_
_entity.id
_entity.type
_entity.pdbx_description
1 polymer 'Polymerase acidic protein'
2 polymer 'RNA-directed RNA polymerase catalytic subunit'
3 polymer 'Polymerase basic protein 2,Polymerase basic protein 2'
4 polymer "RNA (5'-R(P*GP*GP*CP*CP*UP*GP*CP*U)-3')"
5 polymer "RNA (5'-R(P*AP*GP*UP*AP*GP*AP*AP*AP*CP*AP*AP*GP*GP*CP*C)-3')"
6 polymer Nb8209
#
loop_
_entity_poly.entity_id
_entity_poly.type
_entity_poly.pdbx_seq_one_letter_code
_entity_poly.pdbx_strand_id
1 'polypeptide(L)'
;MEDFVRQCFNPMIVELAEKAMKEYGEDLKIETNKFAAICTHLEVCFMYSDFHFINERGESIIVESGDPNALLKHRFEIIE
GRDRTMAWTVVNSICNTTGAEKPKFLPDLYDYKENRFIEIGVTRREVHIYYLEKANKIKSEKTHIHIFSFTGEEMATKAD
YTLDEESRARIKTRLFTIRQEMASRGLWDSFRQSERGEETIEERFEITGTMRRLADQSLPPNFSSLENFRAYVDGFEPNG
YIEGKLSQMSKEVNARIEPFLKTTPRPLRLPDGPPCSQRSKFLLMDALKLSIEDPSHEGEGIPLYDAIKCMRTFFGWKEP
NVVKPHEKGINPNYLLAWKQVLAELQDIENEEKIPKTKNMKKTSQLKWALGENMAPEKVDFDDCKDVSDLKQYDSDEPEL
RSLASWIQSEFNKACELTDSSWIELDEIGEDVAPIEHIASMRRNYFTAEVSHCRATEYIMKGVYINTALLNASCAAMDDF
QLIPMISKCRTKEGRRKTNLYGFIIKGRSHLRNDTDVVNFVSMEFSLTDPRLEPHKWEKYCVLEIGDMLLRSAIGQVSRP
MFLYVRTNGTSKIKMKWGMEMRRCLLQSLQQIESMIEAESSVKEKDMTKEFFENKSETWPIGESPKGVEEGSIGKVCRTL
LAKSVFNSLYASPQLEGFSAESRKLLLIVQALRDNLEPGTFDLGGLYEAIEECLINDPWVLLNASWFNSFLTHALR
;
A
2 'polypeptide(L)'
;MDVNPTLLFLKVPAQNAISTTFPYTGDPPYSHGTGTGYTMDTVNRTHQYSEKGRWTTNTETGAPQLNPIDGPLPEDNEPS
GYAQTDCVLEAMAFLEESHPGIFENSCLETMEVVQQTRVDKLTQGRQTYDWTLNRNQPAATALANTIEVFRSNGLTANES
GRLIDFLKDVMESMDKEEMEITTHFQRKRRVRDNMTKKMVTQRTIGKKKQRLNKRSYLIRALTLNTMTKDAERGKLKRRA
IATPGMQIRGFVYFVETLARSICEKLEQSGLPVGGNEKKAKLANVVRKMMTNSQDTELSFTITGDNTKWNENQNPRMFLA
MITYITRNQPEWFRNVLSIAPIMFSNKMARLGKGYMFESKSMKLRTQIPAEMLASIDLKYFNDSTRKKIEKIRPLLIDGT
ASLSPGMMMGMFNMLSTVLGVSILNLGQKRYTKTTYWWDGLQSSDDFALIVNAPNHEGIQAGVDRFYRTCKLLGINMSKK
KSYINRTGTFEFTSFFYRYGFVANFSMELPSFGVSGINESADMSIGVTVIKNNMINNDLGPATAQMALQLFIKDYRYTYR
CHRGDTQIQTRRSFEIKKLWEQTRSKAGLLVSDGGPNLYNIRNLHIPEVCLKWELMDEDYQGRLCNPLNPFVSHKEIESV
NNAVMMPAHGPAKNMEYDAVATTHSWIPKRNRSILNTSQRGILEDEQMYQKCCNLFEKFFPSSSYRRPVGISSMVEAMVS
RARIDARIDFESGRIKKEEFAEIMKICSTIEELRRQK
;
B
3 'polypeptide(L)'
;MERIKELRDLMSQSRTREILTKTTVDHMAIIKKYTSGRQEKNPALRMKWMMAMKYPITADKRIMEMIPERNEQGQTLWSK
TNDAGSDRVMVSPLAVTWWNRNGPTTSAVHYPKIYKTYFEKVERLKHGTFGPVHFRNQVKIRRRVDINPGHADLSAKEAQ
DVIMEVVFPNEVGARILTSESQLTITKEKKEELQDCKISPLMVAYMLERELVRKTRFLPVAGGTSSVYIEVLHLTQGTCW
EQMYTPGGEVRNDDVDQSLIIAARNIVRRATVSADPLASLLEMCHSTQIGGIRMVDILRQNPTEEQAVDICKAAMGLRIS
SSFSFGGFTFKRTSGSSVKREEEVLTGNLQTLKIRVHEGYEEFTMVGRRATAILRKATRRLIQLIVSGRDEQSIAEAIIV
AMVFSQEDCMIKAVRGDLNFVNRANQRLNPMHQLLRHFQKDAKVLFQNWGIEPIDNVMGMIGILPDMTPSTEMSMRGVRV
SKMGVDEYSSTERVVVSIDRFLRVRDQRGNVLLSPEEVSETQGTEKLTITYSSSMMWEVNGPESVLVNTYQWIIRNWETV
KIQWSQNPTMLYNKMEFEPFQSLVPKAARGQYSGFVRTLFQQMRDVLGTFDTVQIIKLLPFAAAPPKQSRMQFSSLTVNV
RGSGMRILVRGNSPVFNYNKATKRLTVLGKDAGALTEDPDEGTAGVESAVLRGFLILGKEDRRYGPALSINELSNLAKGE
KANVLIGQGDVVLVMKRKRDSSILTDSQTATKRIRMAINENLYFQGELKTAALAQHDEAVDNKFNKEQQNAFYEILHLPN
LNEEQRNAFIQSLKDDPSQSANLLAEAKKLNDAQAPKVDNKFNKEQQNAFYEILHLPNLNEEQRNAFIQSLKADPSQSAN
LLAEAKKLNGAQAPKVDANSAGKST
;
C
4 'polyribonucleotide' GGCCUGCUUUUGCUAUU E
5 'polyribonucleotide' AGUAGAAACAAGGCC D
6 'polypeptide(L)'
;QVQLQESGGGLVQPGGSLRLSCAASGNIRSINTMSWYRQAPGKERELVASDSTGGSTGGSTVYAASVKGRFTISRDNAKN
TVYLQMNMLKPEDTAVYYCYVYGMSRFGSTISTLFGQGTQVTVSSHHHHHHEPEA
;
F
#
loop_
_chem_comp.id
_chem_comp.type
_chem_comp.name
_chem_comp.formula
A RNA linking ADENOSINE-5'-MONOPHOSPHATE 'C10 H14 N5 O7 P'
C RNA linking CYTIDINE-5'-MONOPHOSPHATE 'C9 H14 N3 O8 P'
G RNA linking GUANOSINE-5'-MONOPHOSPHATE 'C10 H14 N5 O8 P'
U RNA linking URIDINE-5'-MONOPHOSPHATE 'C9 H13 N2 O9 P'
#
# COMPACT_ATOMS: atom_id res chain seq x y z
N MET A 1 -38.76 21.94 31.54
CA MET A 1 -39.17 20.53 31.81
C MET A 1 -37.98 19.69 32.27
N GLU A 2 -36.79 20.03 31.75
CA GLU A 2 -35.57 19.32 32.12
C GLU A 2 -35.27 19.42 33.61
N ASP A 3 -35.83 20.42 34.30
CA ASP A 3 -35.62 20.51 35.74
C ASP A 3 -36.11 19.26 36.45
N PHE A 4 -37.16 18.63 35.91
CA PHE A 4 -37.68 17.40 36.50
C PHE A 4 -36.63 16.29 36.50
N VAL A 5 -35.94 16.11 35.37
CA VAL A 5 -34.89 15.09 35.31
C VAL A 5 -33.63 15.52 36.02
N ARG A 6 -33.41 16.82 36.21
CA ARG A 6 -32.41 17.26 37.17
C ARG A 6 -32.73 16.80 38.58
N GLN A 7 -34.01 16.93 38.97
CA GLN A 7 -34.38 16.71 40.37
C GLN A 7 -34.50 15.22 40.70
N CYS A 8 -35.40 14.52 40.04
CA CYS A 8 -35.85 13.22 40.58
C CYS A 8 -34.87 12.10 40.28
N PHE A 9 -34.63 11.80 39.01
CA PHE A 9 -33.98 10.56 38.65
C PHE A 9 -32.51 10.55 39.03
N ASN A 10 -31.99 9.35 39.28
CA ASN A 10 -30.62 9.16 39.71
C ASN A 10 -29.65 9.48 38.57
N PRO A 11 -28.38 9.72 38.90
CA PRO A 11 -27.40 10.00 37.82
C PRO A 11 -27.33 8.89 36.78
N MET A 12 -27.09 7.65 37.22
CA MET A 12 -26.93 6.53 36.31
C MET A 12 -27.92 6.61 35.14
N ILE A 13 -29.21 6.76 35.44
CA ILE A 13 -30.21 6.77 34.38
C ILE A 13 -30.09 8.02 33.52
N VAL A 14 -29.77 9.18 34.11
CA VAL A 14 -29.76 10.39 33.31
C VAL A 14 -28.61 10.37 32.31
N GLU A 15 -27.43 9.89 32.72
CA GLU A 15 -26.37 9.79 31.71
C GLU A 15 -26.59 8.64 30.74
N LEU A 16 -27.25 7.55 31.15
CA LEU A 16 -27.62 6.53 30.18
C LEU A 16 -28.54 7.12 29.12
N ALA A 17 -29.53 7.90 29.54
CA ALA A 17 -30.45 8.54 28.61
C ALA A 17 -29.74 9.60 27.77
N GLU A 18 -28.75 10.28 28.33
CA GLU A 18 -27.99 11.26 27.55
C GLU A 18 -27.16 10.60 26.46
N LYS A 19 -26.56 9.45 26.75
CA LYS A 19 -25.85 8.72 25.69
C LYS A 19 -26.81 8.15 24.67
N ALA A 20 -27.99 7.67 25.09
CA ALA A 20 -29.01 7.27 24.12
C ALA A 20 -29.45 8.47 23.28
N MET A 21 -29.43 9.66 23.88
CA MET A 21 -29.76 10.88 23.15
C MET A 21 -28.73 11.14 22.06
N LYS A 22 -27.44 11.04 22.42
CA LYS A 22 -26.36 11.19 21.45
C LYS A 22 -26.40 10.10 20.39
N GLU A 23 -26.95 8.93 20.71
CA GLU A 23 -26.96 7.80 19.78
C GLU A 23 -27.46 8.18 18.40
N TYR A 24 -28.70 8.66 18.30
CA TYR A 24 -29.31 8.96 17.01
C TYR A 24 -29.09 10.39 16.56
N GLY A 25 -28.32 11.18 17.31
CA GLY A 25 -27.78 12.43 16.77
C GLY A 25 -28.69 13.63 16.80
N GLU A 26 -29.78 13.60 17.56
CA GLU A 26 -30.63 14.77 17.70
C GLU A 26 -30.32 15.50 19.00
N ASP A 27 -30.58 16.79 19.02
CA ASP A 27 -30.19 17.66 20.12
C ASP A 27 -31.29 17.74 21.17
N LEU A 28 -30.88 17.82 22.43
CA LEU A 28 -31.81 17.76 23.55
C LEU A 28 -32.51 19.10 23.82
N LYS A 29 -31.96 20.21 23.33
CA LYS A 29 -32.55 21.51 23.64
C LYS A 29 -33.84 21.77 22.86
N ILE A 30 -34.01 21.13 21.71
CA ILE A 30 -35.19 21.38 20.89
C ILE A 30 -36.42 20.63 21.40
N GLU A 31 -36.26 19.36 21.79
CA GLU A 31 -37.39 18.56 22.26
C GLU A 31 -36.89 17.65 23.38
N THR A 32 -37.32 17.94 24.60
CA THR A 32 -36.87 17.21 25.79
C THR A 32 -37.89 16.19 26.30
N ASN A 33 -39.16 16.33 25.94
CA ASN A 33 -40.16 15.39 26.44
C ASN A 33 -39.82 13.96 26.04
N LYS A 34 -39.18 13.76 24.89
CA LYS A 34 -38.72 12.43 24.52
C LYS A 34 -37.70 11.92 25.53
N PHE A 35 -36.80 12.79 25.97
CA PHE A 35 -35.81 12.40 26.96
C PHE A 35 -36.49 11.88 28.22
N ALA A 36 -37.46 12.64 28.73
CA ALA A 36 -38.16 12.22 29.94
C ALA A 36 -38.93 10.91 29.72
N ALA A 37 -39.63 10.80 28.60
CA ALA A 37 -40.44 9.62 28.36
C ALA A 37 -39.57 8.36 28.29
N ILE A 38 -38.50 8.42 27.49
CA ILE A 38 -37.65 7.25 27.35
C ILE A 38 -36.82 6.99 28.60
N CYS A 39 -36.49 8.01 29.39
CA CYS A 39 -35.79 7.74 30.64
C CYS A 39 -36.73 7.10 31.66
N THR A 40 -38.02 7.45 31.64
CA THR A 40 -38.98 6.72 32.47
C THR A 40 -39.15 5.29 31.99
N HIS A 41 -39.16 5.07 30.67
CA HIS A 41 -39.16 3.71 30.13
C HIS A 41 -37.96 2.93 30.64
N LEU A 42 -36.78 3.55 30.59
CA LEU A 42 -35.56 2.89 31.07
C LEU A 42 -35.63 2.64 32.57
N GLU A 43 -36.21 3.56 33.32
CA GLU A 43 -36.35 3.39 34.77
C GLU A 43 -37.26 2.22 35.09
N VAL A 44 -38.39 2.11 34.39
CA VAL A 44 -39.27 0.97 34.64
C VAL A 44 -38.55 -0.30 34.25
N CYS A 45 -37.75 -0.26 33.18
CA CYS A 45 -36.96 -1.43 32.81
C CYS A 45 -36.06 -1.88 33.96
N PHE A 46 -35.28 -0.94 34.52
CA PHE A 46 -34.45 -1.30 35.67
C PHE A 46 -35.31 -1.86 36.80
N MET A 47 -36.24 -1.03 37.29
CA MET A 47 -36.96 -1.35 38.51
C MET A 47 -37.73 -2.65 38.37
N TYR A 48 -38.05 -3.04 37.13
CA TYR A 48 -38.70 -4.31 36.82
C TYR A 48 -37.70 -5.45 36.77
N SER A 49 -36.47 -5.17 36.35
CA SER A 49 -35.46 -6.21 36.23
C SER A 49 -34.73 -6.44 37.56
N ASP A 50 -34.27 -5.38 38.21
CA ASP A 50 -33.52 -5.53 39.44
C ASP A 50 -34.42 -6.07 40.56
N PHE A 51 -33.80 -6.38 41.69
CA PHE A 51 -34.50 -6.91 42.86
C PHE A 51 -35.15 -8.25 42.54
N HIS A 52 -34.79 -8.86 41.42
CA HIS A 52 -35.38 -10.12 40.97
C HIS A 52 -34.27 -11.08 40.59
N PHE A 53 -34.06 -12.11 41.42
CA PHE A 53 -32.98 -13.06 41.23
C PHE A 53 -33.56 -14.47 41.10
N ILE A 54 -32.73 -15.40 40.61
CA ILE A 54 -33.11 -16.80 40.47
C ILE A 54 -31.99 -17.67 41.01
N ASN A 55 -32.35 -18.83 41.51
CA ASN A 55 -31.42 -19.89 41.89
C ASN A 55 -31.64 -21.09 40.96
N GLU A 56 -30.94 -22.19 41.25
CA GLU A 56 -30.98 -23.35 40.36
C GLU A 56 -32.40 -23.80 40.03
N ARG A 57 -33.39 -23.45 40.84
CA ARG A 57 -34.78 -23.74 40.52
C ARG A 57 -35.30 -22.70 39.54
N GLY A 58 -36.62 -22.69 39.35
CA GLY A 58 -37.29 -21.58 38.72
C GLY A 58 -37.65 -20.56 39.77
N GLU A 59 -38.93 -20.22 39.90
CA GLU A 59 -39.48 -19.60 41.10
C GLU A 59 -38.51 -18.58 41.69
N SER A 60 -38.28 -17.53 40.91
CA SER A 60 -37.26 -16.51 41.21
C SER A 60 -37.22 -16.17 42.70
N ILE A 61 -36.00 -16.08 43.22
CA ILE A 61 -35.78 -15.59 44.58
C ILE A 61 -35.74 -14.06 44.53
N ILE A 62 -36.59 -13.42 45.32
CA ILE A 62 -36.71 -11.97 45.34
C ILE A 62 -36.12 -11.47 46.66
N VAL A 63 -35.07 -10.67 46.57
CA VAL A 63 -34.41 -10.10 47.74
C VAL A 63 -34.28 -8.60 47.55
N GLU A 64 -34.61 -7.84 48.58
CA GLU A 64 -34.50 -6.38 48.51
C GLU A 64 -33.06 -5.92 48.35
N SER A 65 -32.09 -6.74 48.75
CA SER A 65 -30.68 -6.40 48.59
C SER A 65 -29.89 -7.69 48.41
N GLY A 66 -29.13 -7.76 47.32
CA GLY A 66 -28.33 -8.94 47.03
C GLY A 66 -27.27 -9.19 48.08
N ASP A 67 -27.38 -10.33 48.77
CA ASP A 67 -26.41 -10.68 49.80
C ASP A 67 -25.13 -11.21 49.18
N PRO A 68 -24.01 -11.12 49.90
CA PRO A 68 -22.74 -11.62 49.36
C PRO A 68 -22.80 -13.13 49.15
N ASN A 69 -22.73 -13.55 47.89
CA ASN A 69 -22.80 -14.96 47.54
C ASN A 69 -22.60 -15.16 46.05
N ALA A 70 -22.48 -16.41 45.62
CA ALA A 70 -22.53 -16.73 44.20
C ALA A 70 -23.95 -16.67 43.66
N LEU A 71 -24.94 -16.52 44.54
CA LEU A 71 -26.36 -16.53 44.15
C LEU A 71 -26.84 -15.09 43.89
N LEU A 72 -26.26 -14.48 42.86
CA LEU A 72 -26.63 -13.14 42.43
C LEU A 72 -27.22 -13.11 41.03
N LYS A 73 -27.68 -14.25 40.52
CA LYS A 73 -28.31 -14.31 39.21
C LYS A 73 -29.50 -13.35 39.16
N HIS A 74 -29.66 -12.69 38.02
CA HIS A 74 -30.75 -11.74 37.80
C HIS A 74 -31.87 -12.42 37.03
N ARG A 75 -33.11 -12.26 37.51
CA ARG A 75 -34.25 -12.88 36.85
C ARG A 75 -34.40 -12.38 35.42
N PHE A 76 -34.45 -11.07 35.25
CA PHE A 76 -34.59 -10.44 33.95
C PHE A 76 -33.31 -9.69 33.63
N GLU A 77 -32.75 -9.96 32.45
CA GLU A 77 -31.50 -9.33 32.03
C GLU A 77 -31.79 -8.33 30.93
N ILE A 78 -31.26 -7.11 31.07
CA ILE A 78 -31.75 -5.98 30.31
C ILE A 78 -31.15 -5.96 28.91
N ILE A 79 -31.96 -5.51 27.94
CA ILE A 79 -31.53 -5.36 26.57
C ILE A 79 -31.15 -3.90 26.33
N GLU A 80 -32.09 -3.00 26.56
CA GLU A 80 -31.88 -1.58 26.32
C GLU A 80 -30.90 -1.05 27.38
N GLY A 81 -30.59 0.25 27.30
CA GLY A 81 -29.49 0.78 28.08
C GLY A 81 -28.15 0.50 27.47
N ARG A 82 -28.13 0.10 26.21
CA ARG A 82 -26.92 -0.27 25.50
C ARG A 82 -26.98 0.33 24.10
N ASP A 83 -25.85 0.31 23.40
CA ASP A 83 -25.83 0.81 22.04
C ASP A 83 -26.52 -0.19 21.10
N ARG A 84 -26.91 0.29 19.92
CA ARG A 84 -27.59 -0.57 18.96
C ARG A 84 -26.73 -1.77 18.61
N THR A 85 -25.42 -1.55 18.41
CA THR A 85 -24.54 -2.67 18.09
C THR A 85 -24.56 -3.72 19.18
N MET A 86 -24.45 -3.30 20.44
CA MET A 86 -24.49 -4.28 21.52
C MET A 86 -25.88 -4.84 21.75
N ALA A 87 -26.93 -4.04 21.54
CA ALA A 87 -28.28 -4.59 21.69
C ALA A 87 -28.50 -5.73 20.70
N TRP A 88 -28.03 -5.55 19.47
CA TRP A 88 -28.16 -6.62 18.50
C TRP A 88 -27.16 -7.74 18.76
N THR A 89 -26.02 -7.43 19.38
CA THR A 89 -25.12 -8.48 19.84
C THR A 89 -25.80 -9.39 20.84
N VAL A 90 -26.45 -8.81 21.85
CA VAL A 90 -27.17 -9.61 22.84
C VAL A 90 -28.32 -10.35 22.20
N VAL A 91 -29.04 -9.71 21.28
CA VAL A 91 -30.14 -10.40 20.61
C VAL A 91 -29.63 -11.65 19.91
N ASN A 92 -28.57 -11.50 19.10
CA ASN A 92 -28.07 -12.64 18.34
C ASN A 92 -27.50 -13.71 19.27
N SER A 93 -26.78 -13.30 20.32
CA SER A 93 -26.22 -14.28 21.25
C SER A 93 -27.32 -15.08 21.93
N ILE A 94 -28.38 -14.41 22.37
CA ILE A 94 -29.49 -15.11 23.02
C ILE A 94 -30.15 -16.06 22.04
N CYS A 95 -30.36 -15.61 20.80
CA CYS A 95 -30.99 -16.48 19.81
C CYS A 95 -30.14 -17.72 19.54
N ASN A 96 -28.83 -17.54 19.44
CA ASN A 96 -27.95 -18.67 19.14
C ASN A 96 -27.74 -19.60 20.32
N THR A 97 -27.88 -19.11 21.55
CA THR A 97 -27.72 -19.96 22.73
C THR A 97 -29.05 -20.52 23.21
N THR A 98 -30.12 -19.74 23.14
CA THR A 98 -31.44 -20.18 23.58
C THR A 98 -32.20 -20.93 22.50
N GLY A 99 -31.74 -20.90 21.25
CA GLY A 99 -32.44 -21.57 20.17
C GLY A 99 -33.79 -20.95 19.88
N ALA A 100 -33.98 -19.69 20.32
CA ALA A 100 -35.23 -19.00 20.11
C ALA A 100 -35.22 -18.28 18.77
N GLU A 101 -36.29 -17.55 18.49
CA GLU A 101 -36.43 -16.81 17.24
C GLU A 101 -35.93 -15.39 17.40
N LYS A 102 -35.33 -14.85 16.35
CA LYS A 102 -34.73 -13.53 16.40
C LYS A 102 -35.78 -12.47 16.09
N PRO A 103 -36.09 -11.55 17.00
CA PRO A 103 -37.00 -10.46 16.68
C PRO A 103 -36.34 -9.43 15.77
N LYS A 104 -37.18 -8.69 15.05
CA LYS A 104 -36.69 -7.70 14.09
C LYS A 104 -36.49 -6.33 14.72
N PHE A 105 -37.07 -6.08 15.90
CA PHE A 105 -36.93 -4.83 16.63
C PHE A 105 -36.27 -5.08 17.98
N LEU A 106 -36.07 -4.01 18.73
CA LEU A 106 -35.31 -4.06 19.98
C LEU A 106 -36.22 -4.54 21.11
N PRO A 107 -35.90 -5.67 21.77
CA PRO A 107 -36.61 -6.01 23.01
C PRO A 107 -36.04 -5.25 24.19
N ASP A 108 -36.52 -5.52 25.40
CA ASP A 108 -36.08 -4.82 26.59
C ASP A 108 -35.48 -5.73 27.66
N LEU A 109 -35.84 -7.01 27.70
CA LEU A 109 -35.43 -7.88 28.78
C LEU A 109 -35.48 -9.31 28.29
N TYR A 110 -34.74 -10.19 28.97
CA TYR A 110 -34.85 -11.63 28.73
C TYR A 110 -35.03 -12.36 30.04
N ASP A 111 -35.82 -13.44 30.00
CA ASP A 111 -36.14 -14.26 31.16
C ASP A 111 -35.92 -15.73 30.85
N TYR A 112 -35.56 -16.48 31.91
CA TYR A 112 -35.20 -17.89 31.78
C TYR A 112 -36.42 -18.79 31.88
N LYS A 113 -37.22 -18.66 32.95
CA LYS A 113 -38.37 -19.52 33.18
C LYS A 113 -39.10 -19.80 31.87
N GLU A 114 -39.52 -18.73 31.21
CA GLU A 114 -40.23 -18.77 29.95
C GLU A 114 -39.30 -18.60 28.75
N ASN A 115 -38.01 -18.44 28.99
CA ASN A 115 -36.98 -18.45 27.95
C ASN A 115 -37.36 -17.53 26.78
N ARG A 116 -37.57 -16.25 27.10
CA ARG A 116 -37.99 -15.35 26.04
C ARG A 116 -37.87 -13.89 26.46
N PHE A 117 -38.21 -13.01 25.52
CA PHE A 117 -37.99 -11.57 25.61
C PHE A 117 -39.21 -10.86 26.19
N ILE A 118 -38.96 -9.65 26.69
CA ILE A 118 -39.99 -8.75 27.18
C ILE A 118 -39.70 -7.38 26.57
N GLU A 119 -40.71 -6.78 25.94
CA GLU A 119 -40.59 -5.44 25.37
C GLU A 119 -41.50 -4.52 26.18
N ILE A 120 -40.93 -3.90 27.21
CA ILE A 120 -41.70 -3.05 28.11
C ILE A 120 -41.85 -1.67 27.49
N GLY A 121 -43.09 -1.19 27.42
CA GLY A 121 -43.33 0.17 27.02
C GLY A 121 -44.50 0.77 27.77
N VAL A 122 -44.27 1.87 28.48
CA VAL A 122 -45.30 2.56 29.23
C VAL A 122 -45.56 3.88 28.51
N THR A 123 -46.70 3.97 27.84
CA THR A 123 -47.07 5.15 27.06
C THR A 123 -48.12 5.95 27.80
N ARG A 124 -48.25 7.21 27.38
CA ARG A 124 -49.24 8.10 27.98
C ARG A 124 -50.65 7.59 27.71
N ARG A 125 -50.90 7.15 26.48
CA ARG A 125 -52.22 6.63 26.13
C ARG A 125 -52.51 5.33 26.86
N GLU A 126 -53.78 4.94 26.88
CA GLU A 126 -54.19 3.74 27.57
C GLU A 126 -53.60 2.50 26.89
N VAL A 127 -53.48 1.42 27.67
CA VAL A 127 -52.73 0.25 27.23
C VAL A 127 -53.42 -0.44 26.06
N HIS A 128 -54.74 -0.62 26.14
CA HIS A 128 -55.44 -1.54 25.25
C HIS A 128 -55.42 -1.12 23.78
N ILE A 129 -54.74 -0.03 23.46
CA ILE A 129 -54.48 0.35 22.07
C ILE A 129 -53.00 0.27 21.74
N TYR A 130 -52.15 0.82 22.62
CA TYR A 130 -50.71 0.78 22.40
C TYR A 130 -50.20 -0.65 22.32
N TYR A 131 -50.80 -1.56 23.08
CA TYR A 131 -50.38 -2.95 23.08
C TYR A 131 -50.47 -3.53 21.68
N LEU A 132 -51.69 -3.58 21.11
CA LEU A 132 -51.85 -4.12 19.77
C LEU A 132 -51.17 -3.26 18.71
N GLU A 133 -50.96 -1.96 18.97
CA GLU A 133 -50.18 -1.16 18.05
C GLU A 133 -48.77 -1.74 17.90
N LYS A 134 -48.02 -1.77 19.01
CA LYS A 134 -46.68 -2.35 18.94
C LYS A 134 -46.71 -3.82 18.52
N ALA A 135 -47.82 -4.52 18.79
CA ALA A 135 -47.93 -5.91 18.35
C ALA A 135 -47.97 -6.01 16.84
N ASN A 136 -48.73 -5.13 16.17
CA ASN A 136 -48.76 -5.17 14.71
C ASN A 136 -47.53 -4.54 14.11
N LYS A 137 -46.78 -3.76 14.89
CA LYS A 137 -45.44 -3.35 14.45
C LYS A 137 -44.48 -4.54 14.40
N ILE A 138 -44.63 -5.51 15.29
CA ILE A 138 -43.74 -6.66 15.38
C ILE A 138 -44.42 -7.86 14.74
N LYS A 139 -43.72 -8.53 13.84
CA LYS A 139 -44.33 -9.55 12.99
C LYS A 139 -44.27 -10.92 13.66
N SER A 140 -45.43 -11.55 13.82
CA SER A 140 -45.53 -12.94 14.27
C SER A 140 -44.60 -13.19 15.46
N GLU A 141 -44.86 -12.50 16.57
CA GLU A 141 -43.93 -12.47 17.69
C GLU A 141 -44.37 -13.45 18.77
N LYS A 142 -43.41 -14.24 19.25
CA LYS A 142 -43.61 -15.08 20.42
C LYS A 142 -43.11 -14.43 21.70
N THR A 143 -42.21 -13.46 21.59
CA THR A 143 -41.87 -12.63 22.74
C THR A 143 -43.12 -12.02 23.34
N HIS A 144 -43.34 -12.27 24.62
CA HIS A 144 -44.48 -11.72 25.32
C HIS A 144 -44.29 -10.22 25.52
N ILE A 145 -45.38 -9.48 25.38
CA ILE A 145 -45.38 -8.03 25.49
C ILE A 145 -46.21 -7.64 26.70
N HIS A 146 -45.74 -6.65 27.46
CA HIS A 146 -46.46 -6.18 28.63
C HIS A 146 -46.25 -4.67 28.75
N ILE A 147 -47.33 -3.92 28.92
CA ILE A 147 -47.30 -2.46 28.96
C ILE A 147 -48.17 -1.96 30.10
N PHE A 148 -47.74 -0.87 30.73
CA PHE A 148 -48.55 -0.11 31.67
C PHE A 148 -48.94 1.22 31.04
N SER A 149 -49.86 1.92 31.72
CA SER A 149 -50.23 3.28 31.36
C SER A 149 -50.63 4.03 32.61
N PHE A 150 -50.59 5.35 32.53
CA PHE A 150 -50.60 6.18 33.73
C PHE A 150 -51.84 5.96 34.59
N THR A 151 -52.97 5.58 33.99
CA THR A 151 -54.19 5.41 34.77
C THR A 151 -54.03 4.31 35.81
N GLY A 152 -53.06 3.41 35.61
CA GLY A 152 -52.77 2.39 36.60
C GLY A 152 -53.09 0.97 36.13
N GLU A 153 -53.58 0.86 34.90
CA GLU A 153 -54.03 -0.43 34.38
C GLU A 153 -52.87 -1.21 33.78
N GLU A 154 -52.99 -2.54 33.85
CA GLU A 154 -52.04 -3.46 33.23
C GLU A 154 -52.79 -4.40 32.30
N MET A 155 -52.06 -4.96 31.33
CA MET A 155 -52.64 -5.92 30.42
C MET A 155 -51.53 -6.76 29.81
N ALA A 156 -51.92 -7.89 29.22
CA ALA A 156 -50.99 -8.73 28.49
C ALA A 156 -51.73 -9.86 27.79
N THR A 157 -51.16 -10.37 26.69
CA THR A 157 -51.73 -11.54 26.04
C THR A 157 -51.46 -12.77 26.89
N LYS A 158 -52.19 -13.84 26.61
CA LYS A 158 -52.19 -15.06 27.43
C LYS A 158 -52.65 -14.80 28.86
N ALA A 159 -53.16 -13.61 29.15
CA ALA A 159 -53.41 -13.18 30.52
C ALA A 159 -52.18 -13.40 31.41
N ASP A 160 -51.00 -13.33 30.81
CA ASP A 160 -49.76 -13.70 31.48
C ASP A 160 -49.12 -12.49 32.13
N TYR A 161 -48.79 -12.63 33.40
CA TYR A 161 -48.00 -11.64 34.13
C TYR A 161 -46.88 -12.39 34.83
N THR A 162 -45.64 -12.07 34.49
CA THR A 162 -44.54 -13.03 34.65
C THR A 162 -43.93 -13.07 36.05
N LEU A 163 -44.26 -12.15 36.94
CA LEU A 163 -43.65 -12.19 38.27
C LEU A 163 -44.62 -11.61 39.30
N ASP A 164 -44.12 -11.37 40.50
CA ASP A 164 -44.91 -10.96 41.66
C ASP A 164 -45.79 -9.75 41.36
N GLU A 165 -46.94 -9.67 42.03
CA GLU A 165 -47.84 -8.53 41.86
C GLU A 165 -47.45 -7.34 42.72
N GLU A 166 -46.74 -7.55 43.84
CA GLU A 166 -46.26 -6.41 44.62
C GLU A 166 -45.27 -5.58 43.80
N SER A 167 -44.50 -6.22 42.93
CA SER A 167 -43.64 -5.48 42.02
C SER A 167 -44.46 -4.60 41.09
N ARG A 168 -45.59 -5.10 40.60
CA ARG A 168 -46.43 -4.30 39.72
C ARG A 168 -47.12 -3.17 40.48
N ALA A 169 -47.48 -3.39 41.75
CA ALA A 169 -47.95 -2.31 42.59
C ALA A 169 -46.88 -1.24 42.72
N ARG A 170 -45.63 -1.69 42.88
CA ARG A 170 -44.48 -0.79 42.85
C ARG A 170 -44.46 0.03 41.56
N ILE A 171 -44.63 -0.66 40.42
CA ILE A 171 -44.58 0.00 39.11
C ILE A 171 -45.63 1.10 39.03
N LYS A 172 -46.87 0.77 39.39
CA LYS A 172 -47.95 1.76 39.25
C LYS A 172 -47.89 2.85 40.32
N THR A 173 -47.32 2.57 41.49
CA THR A 173 -47.05 3.63 42.47
C THR A 173 -46.02 4.60 41.92
N ARG A 174 -44.97 4.08 41.29
CA ARG A 174 -43.97 4.89 40.63
C ARG A 174 -44.65 5.73 39.55
N LEU A 175 -45.57 5.08 38.83
CA LEU A 175 -46.28 5.69 37.71
C LEU A 175 -47.10 6.90 38.17
N PHE A 176 -47.95 6.71 39.18
CA PHE A 176 -48.73 7.84 39.69
C PHE A 176 -47.89 8.85 40.44
N THR A 177 -46.76 8.45 41.03
CA THR A 177 -45.82 9.45 41.53
C THR A 177 -45.39 10.39 40.40
N ILE A 178 -45.02 9.80 39.26
CA ILE A 178 -44.67 10.60 38.10
C ILE A 178 -45.84 11.53 37.75
N ARG A 179 -47.04 10.95 37.68
CA ARG A 179 -48.21 11.69 37.21
C ARG A 179 -48.52 12.87 38.12
N GLN A 180 -48.85 12.61 39.38
CA GLN A 180 -49.16 13.71 40.28
C GLN A 180 -47.92 14.42 40.81
N GLU A 181 -46.75 14.20 40.19
CA GLU A 181 -45.67 15.18 40.37
C GLU A 181 -45.65 16.17 39.22
N MET A 182 -45.84 15.69 37.98
CA MET A 182 -46.09 16.67 36.92
C MET A 182 -47.29 17.53 37.27
N ALA A 183 -48.22 16.97 38.04
CA ALA A 183 -49.35 17.77 38.52
C ALA A 183 -48.85 19.05 39.19
N SER A 184 -47.86 18.91 40.07
CA SER A 184 -47.19 20.09 40.59
C SER A 184 -46.43 20.85 39.51
N ARG A 185 -45.93 20.16 38.49
CA ARG A 185 -45.20 20.85 37.42
C ARG A 185 -46.15 21.42 36.37
N GLY A 186 -46.99 20.57 35.76
CA GLY A 186 -48.00 21.04 34.82
C GLY A 186 -47.66 20.90 33.35
N LEU A 187 -47.32 19.68 32.90
CA LEU A 187 -46.77 19.48 31.57
C LEU A 187 -47.73 18.86 30.55
N TRP A 188 -48.95 18.48 30.94
CA TRP A 188 -49.79 17.72 30.01
C TRP A 188 -50.31 18.54 28.84
N ASP A 189 -50.02 19.83 28.76
CA ASP A 189 -50.36 20.57 27.54
C ASP A 189 -49.65 19.97 26.33
N SER A 190 -48.56 19.23 26.56
CA SER A 190 -47.84 18.53 25.51
C SER A 190 -47.41 17.13 25.88
N PHE A 191 -47.53 16.73 27.14
CA PHE A 191 -46.95 15.47 27.58
C PHE A 191 -47.56 14.28 26.86
N ARG A 192 -48.88 14.27 26.70
CA ARG A 192 -49.54 13.17 26.00
C ARG A 192 -49.04 13.06 24.56
N GLN A 193 -48.93 14.19 23.87
CA GLN A 193 -48.52 14.22 22.47
C GLN A 193 -47.41 15.27 22.32
N SER A 194 -46.15 14.82 22.39
CA SER A 194 -44.99 15.68 22.21
C SER A 194 -44.03 15.18 21.16
N GLU A 195 -44.06 13.89 20.81
CA GLU A 195 -43.20 13.32 19.77
C GLU A 195 -44.07 12.78 18.65
N ARG A 196 -43.70 13.11 17.41
CA ARG A 196 -44.46 12.68 16.24
C ARG A 196 -43.59 11.94 15.23
N GLY A 197 -42.32 11.66 15.56
CA GLY A 197 -41.46 10.93 14.66
C GLY A 197 -40.84 11.81 13.60
N GLU A 198 -40.09 12.83 14.01
CA GLU A 198 -39.40 13.71 13.07
C GLU A 198 -37.98 13.20 12.85
N GLU A 199 -37.62 12.98 11.58
CA GLU A 199 -36.26 12.60 11.21
C GLU A 199 -35.90 13.36 9.93
N THR A 200 -35.08 14.40 10.09
CA THR A 200 -34.63 15.21 8.97
C THR A 200 -33.41 16.01 9.40
N ILE A 201 -32.49 16.22 8.44
CA ILE A 201 -31.28 16.98 8.71
C ILE A 201 -30.71 17.42 7.38
N GLU A 202 -30.06 18.57 7.37
CA GLU A 202 -29.41 19.12 6.19
C GLU A 202 -27.92 19.21 6.46
N GLU A 203 -27.11 18.67 5.56
CA GLU A 203 -25.66 18.72 5.74
C GLU A 203 -25.14 20.10 5.40
N ARG A 204 -24.30 20.64 6.30
CA ARG A 204 -23.82 22.01 6.19
C ARG A 204 -22.29 21.98 6.17
N PHE A 205 -21.71 22.43 5.06
CA PHE A 205 -20.26 22.53 4.89
C PHE A 205 -19.97 23.97 4.46
N GLU A 206 -19.78 24.85 5.44
CA GLU A 206 -19.70 26.28 5.20
C GLU A 206 -18.25 26.74 5.20
N ILE A 207 -17.86 27.45 4.15
CA ILE A 207 -16.55 28.08 4.09
C ILE A 207 -16.64 29.44 4.77
N THR A 208 -15.83 29.64 5.80
CA THR A 208 -15.86 30.88 6.56
C THR A 208 -14.52 31.07 7.25
N GLY A 209 -14.29 32.28 7.73
CA GLY A 209 -13.06 32.58 8.41
C GLY A 209 -11.88 32.61 7.45
N THR A 210 -10.71 32.24 7.97
CA THR A 210 -9.49 32.30 7.16
C THR A 210 -9.64 31.53 5.86
N MET A 211 -10.23 30.34 5.94
CA MET A 211 -10.34 29.52 4.73
C MET A 211 -11.17 30.20 3.65
N ARG A 212 -12.06 31.11 4.02
CA ARG A 212 -12.78 31.88 3.00
C ARG A 212 -11.84 32.87 2.30
N ARG A 213 -10.99 33.56 3.06
CA ARG A 213 -10.07 34.52 2.46
C ARG A 213 -9.13 33.82 1.49
N LEU A 214 -8.64 32.63 1.85
CA LEU A 214 -7.83 31.86 0.92
C LEU A 214 -8.59 31.59 -0.38
N ALA A 215 -9.89 31.32 -0.27
CA ALA A 215 -10.70 31.11 -1.47
C ALA A 215 -10.77 32.38 -2.31
N ASP A 216 -10.71 33.55 -1.68
CA ASP A 216 -10.73 34.81 -2.40
C ASP A 216 -9.40 35.11 -3.08
N GLN A 217 -8.33 34.38 -2.76
CA GLN A 217 -7.02 34.58 -3.34
C GLN A 217 -6.61 33.43 -4.27
N SER A 218 -7.57 32.61 -4.68
CA SER A 218 -7.32 31.48 -5.56
C SER A 218 -8.22 31.55 -6.79
N LEU A 219 -8.45 32.75 -7.28
CA LEU A 219 -9.30 33.02 -8.43
C LEU A 219 -8.48 33.59 -9.58
N PRO A 220 -9.06 33.67 -10.77
CA PRO A 220 -8.37 34.34 -11.88
C PRO A 220 -8.00 35.76 -11.52
N PRO A 221 -7.14 36.40 -12.30
CA PRO A 221 -6.59 37.70 -11.87
C PRO A 221 -7.62 38.77 -11.62
N ASN A 222 -8.70 38.80 -12.41
CA ASN A 222 -9.68 39.89 -12.36
C ASN A 222 -10.96 39.48 -11.64
N PHE A 223 -10.86 38.68 -10.58
CA PHE A 223 -11.99 38.33 -9.74
C PHE A 223 -11.68 38.69 -8.29
N SER A 224 -12.73 39.05 -7.55
CA SER A 224 -12.57 39.55 -6.19
C SER A 224 -13.07 38.62 -5.11
N SER A 225 -14.01 37.72 -5.41
CA SER A 225 -14.56 36.84 -4.40
C SER A 225 -15.02 35.54 -5.05
N LEU A 226 -15.01 34.48 -4.25
CA LEU A 226 -15.48 33.19 -4.75
C LEU A 226 -16.96 33.25 -5.14
N GLU A 227 -17.76 34.05 -4.43
CA GLU A 227 -19.15 34.22 -4.81
C GLU A 227 -19.27 34.76 -6.22
N ASN A 228 -18.53 35.83 -6.54
CA ASN A 228 -18.62 36.43 -7.86
C ASN A 228 -18.12 35.47 -8.93
N PHE A 229 -17.03 34.75 -8.67
CA PHE A 229 -16.51 33.82 -9.66
C PHE A 229 -17.49 32.68 -9.91
N ARG A 230 -18.10 32.14 -8.87
CA ARG A 230 -19.09 31.08 -9.06
C ARG A 230 -20.31 31.61 -9.81
N ALA A 231 -20.75 32.84 -9.51
CA ALA A 231 -21.86 33.41 -10.26
C ALA A 231 -21.50 33.54 -11.74
N TYR A 232 -20.28 34.01 -12.03
CA TYR A 232 -19.84 34.13 -13.41
C TYR A 232 -19.81 32.78 -14.10
N VAL A 233 -19.30 31.75 -13.42
CA VAL A 233 -19.24 30.42 -14.00
C VAL A 233 -20.64 29.91 -14.30
N ASP A 234 -21.56 30.07 -13.35
CA ASP A 234 -22.94 29.63 -13.56
C ASP A 234 -23.58 30.37 -14.73
N GLY A 235 -23.28 31.66 -14.88
CA GLY A 235 -23.80 32.43 -15.98
C GLY A 235 -23.01 32.30 -17.28
N PHE A 236 -21.89 31.57 -17.26
CA PHE A 236 -21.07 31.42 -18.45
C PHE A 236 -21.70 30.41 -19.41
N GLU A 237 -21.65 30.74 -20.70
CA GLU A 237 -22.09 29.85 -21.76
C GLU A 237 -21.13 29.98 -22.93
N PRO A 238 -20.91 28.92 -23.70
CA PRO A 238 -19.94 29.00 -24.80
C PRO A 238 -20.42 29.95 -25.90
N ASN A 239 -19.56 30.90 -26.23
CA ASN A 239 -19.86 31.90 -27.27
C ASN A 239 -18.64 32.09 -28.17
N GLY A 240 -18.00 31.00 -28.55
CA GLY A 240 -16.86 31.06 -29.44
C GLY A 240 -15.72 31.89 -28.91
N TYR A 241 -15.17 31.51 -27.76
CA TYR A 241 -14.03 32.20 -27.18
C TYR A 241 -12.70 31.56 -27.53
N ILE A 242 -12.68 30.24 -27.77
CA ILE A 242 -11.44 29.61 -28.20
C ILE A 242 -11.04 30.10 -29.59
N GLU A 243 -12.03 30.31 -30.47
CA GLU A 243 -11.72 30.77 -31.82
C GLU A 243 -11.11 32.17 -31.79
N GLY A 244 -11.65 33.05 -30.94
CA GLY A 244 -11.12 34.41 -30.89
C GLY A 244 -9.67 34.45 -30.48
N LYS A 245 -9.31 33.72 -29.43
CA LYS A 245 -7.93 33.70 -28.97
C LYS A 245 -7.03 32.95 -29.94
N LEU A 246 -7.55 31.91 -30.60
CA LEU A 246 -6.77 31.24 -31.62
C LEU A 246 -6.43 32.18 -32.76
N SER A 247 -7.39 33.00 -33.19
CA SER A 247 -7.13 33.99 -34.23
C SER A 247 -6.16 35.06 -33.73
N GLN A 248 -6.32 35.51 -32.48
CA GLN A 248 -5.45 36.56 -31.95
C GLN A 248 -4.07 36.05 -31.60
N MET A 249 -3.94 34.77 -31.23
CA MET A 249 -2.65 34.23 -30.84
C MET A 249 -1.67 34.31 -32.00
N SER A 250 -0.41 34.58 -31.68
CA SER A 250 0.63 34.71 -32.70
C SER A 250 0.76 33.41 -33.48
N LYS A 251 1.00 33.55 -34.79
CA LYS A 251 1.11 32.40 -35.67
C LYS A 251 2.44 31.67 -35.52
N GLU A 252 3.42 32.27 -34.85
CA GLU A 252 4.67 31.57 -34.59
C GLU A 252 4.49 30.38 -33.65
N VAL A 253 3.36 30.30 -32.95
CA VAL A 253 3.03 29.14 -32.12
C VAL A 253 2.46 28.08 -33.05
N ASN A 254 3.32 27.18 -33.53
CA ASN A 254 2.91 26.16 -34.49
C ASN A 254 3.64 24.87 -34.18
N ALA A 255 3.16 23.79 -34.80
CA ALA A 255 3.73 22.46 -34.66
C ALA A 255 4.07 21.90 -36.05
N ARG A 256 4.75 22.70 -36.85
CA ARG A 256 5.06 22.31 -38.22
C ARG A 256 5.80 20.99 -38.26
N ILE A 257 5.43 20.14 -39.21
CA ILE A 257 5.99 18.81 -39.34
C ILE A 257 7.17 18.88 -40.31
N GLU A 258 8.35 18.47 -39.83
CA GLU A 258 9.53 18.40 -40.68
C GLU A 258 9.62 17.01 -41.29
N PRO A 259 9.58 16.86 -42.62
CA PRO A 259 9.66 15.52 -43.20
C PRO A 259 10.96 14.82 -42.81
N PHE A 260 10.85 13.51 -42.61
CA PHE A 260 11.98 12.66 -42.23
C PHE A 260 12.32 11.77 -43.42
N LEU A 261 13.44 12.04 -44.06
CA LEU A 261 13.87 11.33 -45.26
C LEU A 261 15.15 10.56 -44.99
N LYS A 262 15.62 9.85 -46.01
CA LYS A 262 16.84 9.06 -45.85
C LYS A 262 18.04 9.94 -45.55
N THR A 263 18.10 11.15 -46.11
CA THR A 263 19.21 12.05 -45.93
C THR A 263 19.10 12.91 -44.67
N THR A 264 18.00 12.80 -43.94
CA THR A 264 17.79 13.65 -42.76
C THR A 264 18.63 13.20 -41.57
N PRO A 265 18.55 11.94 -41.15
CA PRO A 265 19.26 11.54 -39.92
C PRO A 265 20.77 11.59 -40.10
N ARG A 266 21.44 12.18 -39.13
CA ARG A 266 22.89 12.27 -39.09
C ARG A 266 23.46 11.32 -38.04
N PRO A 267 24.69 10.85 -38.21
CA PRO A 267 25.27 9.95 -37.22
C PRO A 267 25.40 10.62 -35.85
N LEU A 268 25.17 9.84 -34.80
CA LEU A 268 25.31 10.34 -33.44
C LEU A 268 26.77 10.63 -33.14
N ARG A 269 27.04 11.81 -32.60
CA ARG A 269 28.40 12.20 -32.25
C ARG A 269 28.81 11.55 -30.94
N LEU A 270 30.03 11.00 -30.91
CA LEU A 270 30.53 10.39 -29.69
C LEU A 270 31.48 11.35 -28.98
N PRO A 271 31.52 11.32 -27.64
CA PRO A 271 32.43 12.23 -26.93
C PRO A 271 33.89 11.88 -27.19
N ASP A 272 34.72 12.91 -27.08
CA ASP A 272 36.16 12.76 -27.30
C ASP A 272 36.90 13.02 -26.00
N GLY A 273 37.97 12.27 -25.79
CA GLY A 273 38.76 12.37 -24.59
C GLY A 273 39.66 11.16 -24.41
N PRO A 274 40.17 10.96 -23.19
CA PRO A 274 41.01 9.79 -22.95
C PRO A 274 40.22 8.52 -23.18
N PRO A 275 40.90 7.45 -23.60
CA PRO A 275 40.17 6.21 -23.90
C PRO A 275 39.38 5.71 -22.70
N CYS A 276 38.39 4.88 -22.98
CA CYS A 276 37.53 4.33 -21.95
C CYS A 276 38.22 3.18 -21.23
N SER A 277 38.00 3.09 -19.92
CA SER A 277 38.64 2.10 -19.08
C SER A 277 37.67 0.96 -18.75
N GLN A 278 38.20 -0.03 -18.04
CA GLN A 278 37.41 -1.19 -17.65
C GLN A 278 36.69 -0.90 -16.34
N ARG A 279 35.42 -1.30 -16.28
CA ARG A 279 34.59 -1.07 -15.10
C ARG A 279 34.06 -2.34 -14.45
N SER A 280 34.23 -3.49 -15.08
CA SER A 280 33.66 -4.74 -14.55
C SER A 280 34.25 -5.06 -13.18
N LYS A 281 33.54 -5.86 -12.40
CA LYS A 281 34.00 -6.29 -11.09
C LYS A 281 34.90 -7.51 -11.17
N PHE A 282 35.11 -8.07 -12.37
CA PHE A 282 35.99 -9.21 -12.55
C PHE A 282 36.42 -9.25 -14.01
N LEU A 283 37.51 -9.96 -14.26
CA LEU A 283 37.98 -10.14 -15.63
C LEU A 283 37.01 -11.01 -16.42
N LEU A 284 36.71 -10.59 -17.65
CA LEU A 284 35.78 -11.30 -18.51
C LEU A 284 36.50 -12.02 -19.65
N MET A 285 37.31 -11.29 -20.42
CA MET A 285 37.99 -11.87 -21.56
C MET A 285 39.37 -12.43 -21.22
N ASP A 286 39.98 -11.98 -20.11
CA ASP A 286 41.34 -12.34 -19.78
C ASP A 286 41.41 -13.24 -18.53
N ALA A 287 40.34 -13.96 -18.24
CA ALA A 287 40.31 -14.82 -17.07
C ALA A 287 41.10 -16.09 -17.33
N LEU A 288 41.62 -16.67 -16.25
CA LEU A 288 42.32 -17.95 -16.30
C LEU A 288 41.76 -18.85 -15.22
N LYS A 289 41.78 -20.16 -15.49
CA LYS A 289 41.08 -21.15 -14.66
C LYS A 289 42.08 -22.21 -14.19
N LEU A 290 42.15 -22.39 -12.88
CA LEU A 290 42.88 -23.50 -12.27
C LEU A 290 41.85 -24.52 -11.80
N SER A 291 42.05 -25.79 -12.16
CA SER A 291 41.01 -26.80 -12.03
C SER A 291 41.51 -28.03 -11.29
N ILE A 292 40.54 -28.82 -10.84
CA ILE A 292 40.84 -30.04 -10.10
C ILE A 292 40.16 -31.28 -10.68
N GLU A 293 39.07 -31.12 -11.44
CA GLU A 293 38.35 -32.24 -12.02
C GLU A 293 37.64 -33.07 -10.95
N ASP A 294 37.02 -32.40 -9.99
CA ASP A 294 36.29 -33.05 -8.92
C ASP A 294 34.86 -33.35 -9.35
N PRO A 295 34.18 -34.25 -8.67
CA PRO A 295 32.80 -34.59 -9.02
C PRO A 295 31.73 -33.76 -8.31
N SER A 296 32.10 -32.71 -7.58
CA SER A 296 31.15 -31.92 -6.82
C SER A 296 30.33 -31.02 -7.74
N HIS A 297 29.14 -30.66 -7.27
CA HIS A 297 28.25 -29.78 -8.01
C HIS A 297 28.51 -28.32 -7.63
N GLU A 298 27.78 -27.41 -8.28
CA GLU A 298 28.04 -25.98 -8.15
C GLU A 298 28.12 -25.56 -6.68
N GLY A 299 27.00 -25.69 -5.95
CA GLY A 299 26.99 -25.30 -4.55
C GLY A 299 27.66 -26.30 -3.64
N GLU A 300 27.78 -27.55 -4.07
CA GLU A 300 28.37 -28.58 -3.24
C GLU A 300 29.86 -28.32 -3.05
N GLY A 301 30.32 -28.46 -1.81
CA GLY A 301 31.72 -28.33 -1.48
C GLY A 301 31.97 -27.20 -0.51
N ILE A 302 33.23 -27.04 -0.15
CA ILE A 302 33.70 -25.99 0.75
C ILE A 302 34.65 -25.10 -0.03
N PRO A 303 34.48 -23.77 0.02
CA PRO A 303 35.26 -22.91 -0.89
C PRO A 303 36.76 -22.98 -0.68
N LEU A 304 37.23 -22.78 0.56
CA LEU A 304 38.67 -22.61 0.78
C LEU A 304 39.45 -23.85 0.38
N TYR A 305 38.96 -25.03 0.74
CA TYR A 305 39.69 -26.25 0.40
C TYR A 305 39.75 -26.44 -1.12
N ASP A 306 38.63 -26.18 -1.80
CA ASP A 306 38.64 -26.28 -3.25
C ASP A 306 39.62 -25.31 -3.88
N ALA A 307 39.66 -24.07 -3.38
CA ALA A 307 40.59 -23.08 -3.92
C ALA A 307 42.03 -23.51 -3.71
N ILE A 308 42.36 -24.00 -2.51
CA ILE A 308 43.73 -24.41 -2.24
C ILE A 308 44.10 -25.61 -3.10
N LYS A 309 43.19 -26.57 -3.25
CA LYS A 309 43.47 -27.74 -4.07
C LYS A 309 43.69 -27.35 -5.53
N CYS A 310 42.86 -26.43 -6.03
CA CYS A 310 43.05 -25.94 -7.40
C CYS A 310 44.39 -25.24 -7.57
N MET A 311 44.77 -24.42 -6.58
CA MET A 311 46.02 -23.67 -6.71
C MET A 311 47.24 -24.57 -6.61
N ARG A 312 47.17 -25.63 -5.80
CA ARG A 312 48.25 -26.60 -5.73
C ARG A 312 48.43 -27.38 -7.04
N THR A 313 47.42 -27.39 -7.91
CA THR A 313 47.53 -28.07 -9.19
C THR A 313 48.47 -27.37 -10.16
N PHE A 314 48.87 -26.13 -9.86
CA PHE A 314 49.75 -25.35 -10.72
C PHE A 314 51.13 -25.27 -10.10
N PHE A 315 52.17 -25.48 -10.91
CA PHE A 315 53.55 -25.41 -10.47
C PHE A 315 54.29 -24.39 -11.34
N GLY A 316 55.19 -23.64 -10.72
CA GLY A 316 55.92 -22.61 -11.43
C GLY A 316 55.83 -21.25 -10.75
N TRP A 317 55.42 -21.25 -9.48
CA TRP A 317 55.30 -19.99 -8.75
C TRP A 317 56.63 -19.27 -8.68
N LYS A 318 56.59 -17.96 -8.86
CA LYS A 318 57.75 -17.09 -8.73
C LYS A 318 57.46 -15.99 -7.73
N GLU A 319 58.51 -15.41 -7.19
CA GLU A 319 58.34 -14.28 -6.28
C GLU A 319 57.67 -13.15 -7.04
N PRO A 320 56.54 -12.63 -6.57
CA PRO A 320 55.82 -11.62 -7.35
C PRO A 320 56.58 -10.30 -7.42
N ASN A 321 56.41 -9.62 -8.55
CA ASN A 321 57.03 -8.32 -8.77
C ASN A 321 56.10 -7.45 -9.59
N VAL A 322 56.30 -6.13 -9.50
CA VAL A 322 55.43 -5.20 -10.19
C VAL A 322 55.72 -5.24 -11.69
N VAL A 323 54.63 -5.27 -12.48
CA VAL A 323 54.73 -5.22 -13.93
C VAL A 323 54.11 -3.92 -14.40
N LYS A 324 52.84 -3.71 -14.07
CA LYS A 324 52.15 -2.47 -14.43
C LYS A 324 51.55 -1.85 -13.18
N PRO A 325 51.98 -0.66 -12.77
CA PRO A 325 51.47 -0.07 -11.53
C PRO A 325 50.06 0.46 -11.68
N HIS A 326 49.44 0.69 -10.52
CA HIS A 326 48.09 1.26 -10.51
C HIS A 326 48.06 2.66 -11.08
N GLU A 327 49.17 3.38 -11.00
CA GLU A 327 49.37 4.75 -11.48
C GLU A 327 48.73 5.77 -10.53
N LYS A 328 47.96 5.33 -9.53
CA LYS A 328 47.39 6.24 -8.55
C LYS A 328 47.47 5.73 -7.12
N GLY A 329 47.74 4.45 -6.90
CA GLY A 329 47.82 3.87 -5.58
C GLY A 329 49.23 3.51 -5.18
N ILE A 330 49.32 2.61 -4.21
CA ILE A 330 50.61 2.14 -3.68
C ILE A 330 50.71 0.66 -4.04
N ASN A 331 51.37 0.37 -5.16
CA ASN A 331 51.48 -1.00 -5.62
C ASN A 331 52.13 -1.93 -4.60
N PRO A 332 53.17 -1.52 -3.87
CA PRO A 332 53.72 -2.41 -2.84
C PRO A 332 52.67 -2.94 -1.89
N ASN A 333 51.63 -2.16 -1.59
CA ASN A 333 50.54 -2.67 -0.78
C ASN A 333 49.85 -3.86 -1.46
N TYR A 334 49.61 -3.75 -2.77
CA TYR A 334 49.01 -4.87 -3.49
C TYR A 334 49.91 -6.10 -3.46
N LEU A 335 51.22 -5.89 -3.66
CA LEU A 335 52.17 -7.01 -3.60
C LEU A 335 52.12 -7.69 -2.25
N LEU A 336 52.19 -6.89 -1.18
CA LEU A 336 52.17 -7.45 0.17
C LEU A 336 50.84 -8.15 0.46
N ALA A 337 49.75 -7.61 -0.07
CA ALA A 337 48.45 -8.26 0.12
C ALA A 337 48.41 -9.62 -0.57
N TRP A 338 48.97 -9.71 -1.77
CA TRP A 338 49.01 -11.00 -2.46
C TRP A 338 49.84 -12.02 -1.66
N LYS A 339 51.01 -11.60 -1.20
CA LYS A 339 51.83 -12.52 -0.41
C LYS A 339 51.16 -12.90 0.90
N GLN A 340 50.45 -11.96 1.53
CA GLN A 340 49.69 -12.26 2.73
C GLN A 340 48.61 -13.29 2.45
N VAL A 341 47.89 -13.14 1.34
CA VAL A 341 46.85 -14.10 0.98
C VAL A 341 47.45 -15.48 0.82
N LEU A 342 48.59 -15.57 0.13
CA LEU A 342 49.24 -16.87 -0.05
C LEU A 342 49.65 -17.46 1.30
N ALA A 343 50.25 -16.65 2.16
CA ALA A 343 50.71 -17.14 3.45
C ALA A 343 49.55 -17.67 4.28
N GLU A 344 48.44 -16.93 4.33
CA GLU A 344 47.31 -17.36 5.13
C GLU A 344 46.60 -18.56 4.51
N LEU A 345 46.63 -18.68 3.19
CA LEU A 345 46.13 -19.89 2.54
C LEU A 345 46.92 -21.11 3.00
N GLN A 346 48.25 -20.98 3.04
CA GLN A 346 49.06 -22.07 3.57
C GLN A 346 48.73 -22.33 5.04
N ASP A 347 48.54 -21.26 5.82
CA ASP A 347 48.20 -21.43 7.23
C ASP A 347 46.93 -22.25 7.40
N ILE A 348 45.93 -22.03 6.54
CA ILE A 348 44.74 -22.88 6.57
C ILE A 348 45.08 -24.29 6.15
N GLU A 349 45.91 -24.44 5.12
CA GLU A 349 46.25 -25.78 4.66
C GLU A 349 46.86 -26.61 5.79
N ASN A 350 47.60 -25.98 6.69
CA ASN A 350 48.30 -26.75 7.72
C ASN A 350 47.33 -27.35 8.74
N GLU A 351 46.35 -26.56 9.19
CA GLU A 351 45.55 -26.94 10.36
C GLU A 351 44.59 -28.07 10.01
N GLU A 352 43.79 -28.46 11.01
CA GLU A 352 43.03 -29.72 10.98
C GLU A 352 41.98 -29.76 9.87
N LYS A 353 40.96 -28.90 9.94
CA LYS A 353 39.89 -28.88 8.95
C LYS A 353 39.74 -27.47 8.40
N ILE A 354 39.66 -27.37 7.07
CA ILE A 354 39.60 -26.09 6.38
C ILE A 354 38.35 -25.37 6.87
N PRO A 355 38.46 -24.14 7.40
CA PRO A 355 37.25 -23.44 7.82
C PRO A 355 36.35 -23.12 6.63
N LYS A 356 35.04 -23.11 6.88
CA LYS A 356 34.10 -22.78 5.81
C LYS A 356 34.30 -21.35 5.32
N THR A 357 34.57 -20.41 6.23
CA THR A 357 34.84 -19.03 5.90
C THR A 357 35.99 -18.53 6.76
N LYS A 358 36.94 -17.83 6.13
CA LYS A 358 38.11 -17.35 6.84
C LYS A 358 38.09 -15.83 6.94
N ASN A 359 38.55 -15.33 8.08
CA ASN A 359 38.80 -13.91 8.29
C ASN A 359 40.29 -13.62 8.22
N MET A 360 40.64 -12.50 7.61
CA MET A 360 42.03 -12.10 7.46
C MET A 360 42.39 -11.02 8.47
N LYS A 361 43.70 -10.85 8.67
CA LYS A 361 44.20 -9.82 9.56
C LYS A 361 44.05 -8.44 8.93
N LYS A 362 43.81 -7.44 9.78
CA LYS A 362 43.62 -6.07 9.31
C LYS A 362 44.94 -5.31 9.39
N THR A 363 45.82 -5.61 8.43
CA THR A 363 47.09 -4.93 8.32
C THR A 363 46.91 -3.60 7.60
N SER A 364 47.90 -2.71 7.76
CA SER A 364 47.86 -1.42 7.09
C SER A 364 47.70 -1.59 5.58
N GLN A 365 48.24 -2.66 5.03
CA GLN A 365 48.15 -2.91 3.59
C GLN A 365 46.70 -2.90 3.13
N LEU A 366 45.88 -3.80 3.68
CA LEU A 366 44.48 -3.87 3.32
C LEU A 366 43.65 -2.76 3.95
N LYS A 367 44.17 -2.12 5.00
CA LYS A 367 43.51 -0.92 5.51
C LYS A 367 43.51 0.17 4.45
N TRP A 368 44.63 0.35 3.75
CA TRP A 368 44.67 1.28 2.64
C TRP A 368 43.91 0.75 1.43
N ALA A 369 44.12 -0.52 1.09
CA ALA A 369 43.50 -1.08 -0.11
C ALA A 369 41.99 -1.12 0.00
N LEU A 370 41.44 -1.29 1.20
CA LEU A 370 40.00 -1.35 1.41
C LEU A 370 39.40 -0.01 1.83
N GLY A 371 40.20 1.04 1.90
CA GLY A 371 39.69 2.35 2.27
C GLY A 371 39.06 2.36 3.63
N GLU A 372 39.86 2.18 4.68
CA GLU A 372 39.38 2.14 6.05
C GLU A 372 39.76 3.42 6.78
N ASN A 373 38.83 3.94 7.57
CA ASN A 373 39.04 5.16 8.34
C ASN A 373 39.35 6.34 7.42
N MET A 374 38.75 6.36 6.24
CA MET A 374 38.93 7.47 5.31
C MET A 374 37.70 8.34 5.16
N ALA A 375 36.54 7.88 5.60
CA ALA A 375 35.35 8.71 5.57
C ALA A 375 35.54 9.88 6.53
N PRO A 376 35.31 11.12 6.09
CA PRO A 376 35.47 12.25 7.02
C PRO A 376 34.51 12.12 8.19
N GLU A 377 35.00 12.48 9.38
CA GLU A 377 34.18 12.40 10.58
C GLU A 377 33.05 13.41 10.51
N LYS A 378 31.86 12.97 10.90
CA LYS A 378 30.68 13.82 10.85
C LYS A 378 30.63 14.75 12.05
N VAL A 379 30.46 16.04 11.80
CA VAL A 379 30.43 17.06 12.83
C VAL A 379 29.24 17.99 12.57
N ASP A 380 29.11 19.01 13.41
CA ASP A 380 28.01 19.96 13.32
C ASP A 380 28.47 21.23 12.61
N PHE A 381 27.53 21.87 11.90
CA PHE A 381 27.86 23.06 11.13
C PHE A 381 28.30 24.20 12.03
N ASP A 382 27.68 24.34 13.20
CA ASP A 382 28.01 25.44 14.09
C ASP A 382 29.45 25.39 14.57
N ASP A 383 30.12 24.24 14.44
CA ASP A 383 31.52 24.09 14.85
C ASP A 383 32.50 24.20 13.69
N CYS A 384 32.02 24.13 12.45
CA CYS A 384 32.87 24.23 11.26
C CYS A 384 32.21 25.16 10.27
N LYS A 385 32.49 26.46 10.39
CA LYS A 385 31.92 27.45 9.48
C LYS A 385 33.03 28.35 8.93
N ASP A 386 34.10 28.53 9.69
CA ASP A 386 35.20 29.39 9.28
C ASP A 386 36.24 28.67 8.43
N VAL A 387 36.05 27.39 8.15
CA VAL A 387 37.00 26.63 7.34
C VAL A 387 36.77 27.01 5.88
N SER A 388 37.79 27.61 5.26
CA SER A 388 37.65 28.08 3.89
C SER A 388 37.39 26.92 2.93
N ASP A 389 38.08 25.80 3.14
CA ASP A 389 37.94 24.64 2.25
C ASP A 389 36.56 23.99 2.33
N LEU A 390 35.73 24.37 3.31
CA LEU A 390 34.44 23.72 3.48
C LEU A 390 33.50 24.14 2.36
N LYS A 391 33.01 23.15 1.60
CA LYS A 391 32.15 23.41 0.45
C LYS A 391 31.31 22.16 0.19
N GLN A 392 30.50 22.23 -0.87
CA GLN A 392 29.66 21.09 -1.23
C GLN A 392 30.49 19.92 -1.74
N TYR A 393 29.85 18.76 -1.78
CA TYR A 393 30.43 17.62 -2.47
C TYR A 393 30.54 17.91 -3.97
N ASP A 394 31.59 17.37 -4.58
CA ASP A 394 31.81 17.60 -6.01
C ASP A 394 30.64 17.03 -6.80
N SER A 395 29.87 17.91 -7.44
CA SER A 395 28.67 17.53 -8.20
C SER A 395 28.78 18.18 -9.58
N ASP A 396 29.31 17.43 -10.55
CA ASP A 396 29.46 17.90 -11.91
C ASP A 396 29.32 16.73 -12.86
N GLU A 397 29.25 17.04 -14.15
CA GLU A 397 29.14 16.01 -15.16
C GLU A 397 30.39 15.13 -15.12
N PRO A 398 30.25 13.80 -15.25
CA PRO A 398 31.44 12.94 -15.21
C PRO A 398 32.44 13.31 -16.27
N GLU A 399 33.66 12.80 -16.10
CA GLU A 399 34.72 13.04 -17.07
C GLU A 399 34.33 12.44 -18.41
N LEU A 400 34.70 13.13 -19.49
CA LEU A 400 34.43 12.64 -20.83
C LEU A 400 35.53 11.69 -21.29
N ARG A 401 35.13 10.58 -21.90
CA ARG A 401 36.07 9.58 -22.38
C ARG A 401 35.59 9.04 -23.72
N SER A 402 36.52 8.85 -24.64
CA SER A 402 36.20 8.34 -25.97
C SER A 402 36.23 6.82 -25.97
N LEU A 403 35.47 6.24 -26.90
CA LEU A 403 35.40 4.79 -27.01
C LEU A 403 36.73 4.21 -27.48
N ALA A 404 37.01 2.99 -27.02
CA ALA A 404 38.18 2.24 -27.42
C ALA A 404 37.74 0.92 -28.06
N SER A 405 38.67 0.28 -28.75
CA SER A 405 38.35 -0.92 -29.50
C SER A 405 38.33 -2.19 -28.65
N TRP A 406 38.70 -2.09 -27.37
CA TRP A 406 38.77 -3.29 -26.54
C TRP A 406 37.39 -3.81 -26.16
N ILE A 407 36.42 -2.93 -25.96
CA ILE A 407 35.08 -3.38 -25.59
C ILE A 407 34.45 -4.15 -26.74
N GLN A 408 34.72 -3.74 -27.98
CA GLN A 408 34.18 -4.46 -29.13
C GLN A 408 34.70 -5.89 -29.17
N SER A 409 36.02 -6.06 -28.99
CA SER A 409 36.58 -7.41 -28.99
C SER A 409 36.10 -8.21 -27.80
N GLU A 410 35.93 -7.56 -26.65
CA GLU A 410 35.43 -8.26 -25.47
C GLU A 410 34.02 -8.80 -25.72
N PHE A 411 33.16 -7.99 -26.33
CA PHE A 411 31.83 -8.47 -26.68
C PHE A 411 31.90 -9.57 -27.74
N ASN A 412 32.82 -9.42 -28.71
CA ASN A 412 32.98 -10.43 -29.74
C ASN A 412 33.29 -11.78 -29.13
N LYS A 413 34.25 -11.83 -28.21
CA LYS A 413 34.63 -13.09 -27.59
C LYS A 413 33.69 -13.49 -26.46
N ALA A 414 32.78 -12.61 -26.04
CA ALA A 414 31.75 -12.99 -25.09
C ALA A 414 30.61 -13.77 -25.74
N CYS A 415 30.54 -13.79 -27.06
CA CYS A 415 29.52 -14.54 -27.79
C CYS A 415 30.07 -15.82 -28.40
N GLU A 416 31.30 -16.20 -28.08
CA GLU A 416 31.93 -17.36 -28.68
C GLU A 416 31.66 -18.61 -27.85
N LEU A 417 31.69 -19.76 -28.52
CA LEU A 417 31.45 -21.03 -27.85
C LEU A 417 32.65 -21.37 -26.96
N THR A 418 32.46 -22.41 -26.13
CA THR A 418 33.48 -22.84 -25.19
C THR A 418 33.51 -24.36 -25.16
N ASP A 419 34.48 -24.91 -24.43
CA ASP A 419 34.65 -26.35 -24.28
C ASP A 419 34.06 -26.87 -22.98
N SER A 420 32.99 -26.24 -22.49
CA SER A 420 32.39 -26.62 -21.22
C SER A 420 30.93 -26.20 -21.22
N SER A 421 30.18 -26.78 -20.29
CA SER A 421 28.78 -26.45 -20.07
C SER A 421 28.69 -25.70 -18.75
N TRP A 422 28.30 -24.43 -18.80
CA TRP A 422 28.33 -23.54 -17.65
C TRP A 422 26.96 -23.36 -17.00
N ILE A 423 25.97 -24.14 -17.40
CA ILE A 423 24.64 -24.08 -16.78
C ILE A 423 24.22 -25.52 -16.45
N GLU A 424 23.88 -25.75 -15.19
CA GLU A 424 23.31 -27.02 -14.74
C GLU A 424 21.94 -26.71 -14.18
N LEU A 425 20.92 -26.87 -15.00
CA LEU A 425 19.59 -26.41 -14.63
C LEU A 425 18.95 -27.34 -13.60
N ASP A 426 17.92 -26.83 -12.94
CA ASP A 426 17.24 -27.55 -11.87
C ASP A 426 16.23 -28.52 -12.48
N GLU A 427 15.37 -29.08 -11.63
CA GLU A 427 14.37 -30.05 -12.03
C GLU A 427 13.01 -29.38 -12.20
N ILE A 428 12.18 -29.98 -13.05
CA ILE A 428 10.82 -29.52 -13.27
C ILE A 428 9.90 -30.74 -13.24
N GLY A 429 8.62 -30.48 -13.02
CA GLY A 429 7.64 -31.55 -13.05
C GLY A 429 7.65 -32.27 -14.38
N GLU A 430 7.56 -33.60 -14.35
CA GLU A 430 7.62 -34.38 -15.58
C GLU A 430 6.54 -33.91 -16.55
N ASP A 431 6.93 -33.68 -17.80
CA ASP A 431 6.01 -33.14 -18.79
C ASP A 431 4.88 -34.13 -19.05
N VAL A 432 3.65 -33.62 -19.02
CA VAL A 432 2.47 -34.45 -19.23
C VAL A 432 1.71 -34.06 -20.50
N ALA A 433 1.76 -32.80 -20.91
CA ALA A 433 1.01 -32.36 -22.09
C ALA A 433 1.93 -32.27 -23.30
N PRO A 434 1.42 -32.50 -24.51
CA PRO A 434 2.27 -32.35 -25.70
C PRO A 434 2.91 -30.98 -25.82
N ILE A 435 2.18 -29.92 -25.44
CA ILE A 435 2.77 -28.59 -25.46
C ILE A 435 3.95 -28.53 -24.49
N GLU A 436 3.86 -29.22 -23.36
CA GLU A 436 4.99 -29.27 -22.44
C GLU A 436 6.18 -29.99 -23.07
N HIS A 437 5.92 -31.04 -23.86
CA HIS A 437 7.01 -31.70 -24.56
C HIS A 437 7.67 -30.77 -25.58
N ILE A 438 6.86 -30.01 -26.32
CA ILE A 438 7.41 -29.04 -27.27
C ILE A 438 8.26 -28.01 -26.53
N ALA A 439 7.75 -27.51 -25.41
CA ALA A 439 8.50 -26.53 -24.63
C ALA A 439 9.82 -27.12 -24.14
N SER A 440 9.79 -28.37 -23.66
CA SER A 440 11.01 -29.00 -23.16
C SER A 440 12.02 -29.20 -24.28
N MET A 441 11.57 -29.60 -25.46
CA MET A 441 12.48 -29.77 -26.58
C MET A 441 13.11 -28.43 -26.98
N ARG A 442 12.29 -27.38 -27.07
CA ARG A 442 12.82 -26.05 -27.35
C ARG A 442 13.85 -25.65 -26.31
N ARG A 443 13.52 -25.86 -25.03
CA ARG A 443 14.42 -25.47 -23.95
C ARG A 443 15.72 -26.25 -24.02
N ASN A 444 15.65 -27.53 -24.34
CA ASN A 444 16.87 -28.32 -24.48
C ASN A 444 17.72 -27.80 -25.63
N TYR A 445 17.09 -27.44 -26.75
CA TYR A 445 17.85 -26.85 -27.85
C TYR A 445 18.56 -25.59 -27.42
N PHE A 446 17.84 -24.67 -26.77
CA PHE A 446 18.49 -23.42 -26.37
C PHE A 446 19.58 -23.67 -25.34
N THR A 447 19.37 -24.61 -24.41
CA THR A 447 20.42 -24.90 -23.43
C THR A 447 21.65 -25.46 -24.11
N ALA A 448 21.47 -26.35 -25.08
CA ALA A 448 22.61 -26.84 -25.84
C ALA A 448 23.32 -25.70 -26.57
N GLU A 449 22.57 -24.70 -27.04
CA GLU A 449 23.20 -23.61 -27.77
C GLU A 449 23.94 -22.64 -26.85
N VAL A 450 23.38 -22.34 -25.68
CA VAL A 450 23.91 -21.24 -24.87
C VAL A 450 24.80 -21.72 -23.73
N SER A 451 24.68 -22.98 -23.31
CA SER A 451 25.50 -23.45 -22.18
C SER A 451 26.98 -23.30 -22.48
N HIS A 452 27.40 -23.67 -23.69
CA HIS A 452 28.79 -23.49 -24.12
C HIS A 452 28.94 -22.08 -24.70
N CYS A 453 28.88 -21.10 -23.80
CA CYS A 453 29.00 -19.70 -24.18
C CYS A 453 29.67 -18.94 -23.04
N ARG A 454 30.57 -18.01 -23.40
CA ARG A 454 31.24 -17.23 -22.38
C ARG A 454 30.26 -16.36 -21.60
N ALA A 455 29.13 -16.02 -22.21
CA ALA A 455 28.13 -15.24 -21.50
C ALA A 455 27.58 -16.00 -20.29
N THR A 456 27.33 -17.30 -20.45
CA THR A 456 26.86 -18.09 -19.32
C THR A 456 27.93 -18.19 -18.24
N GLU A 457 29.20 -18.33 -18.63
CA GLU A 457 30.27 -18.36 -17.65
C GLU A 457 30.34 -17.05 -16.88
N TYR A 458 30.19 -15.92 -17.57
CA TYR A 458 30.17 -14.63 -16.89
C TYR A 458 28.96 -14.54 -15.96
N ILE A 459 27.81 -15.05 -16.40
CA ILE A 459 26.62 -15.03 -15.55
C ILE A 459 26.89 -15.78 -14.25
N MET A 460 27.42 -16.99 -14.35
CA MET A 460 27.70 -17.79 -13.16
C MET A 460 28.75 -17.11 -12.28
N LYS A 461 29.81 -16.58 -12.89
CA LYS A 461 30.83 -15.88 -12.11
C LYS A 461 30.22 -14.73 -11.33
N GLY A 462 29.45 -13.87 -12.00
CA GLY A 462 28.87 -12.73 -11.32
C GLY A 462 27.90 -13.15 -10.23
N VAL A 463 27.05 -14.13 -10.53
CA VAL A 463 26.07 -14.57 -9.54
C VAL A 463 26.78 -15.09 -8.29
N TYR A 464 27.75 -15.98 -8.47
CA TYR A 464 28.45 -16.55 -7.32
C TYR A 464 29.19 -15.48 -6.55
N ILE A 465 29.92 -14.61 -7.25
CA ILE A 465 30.74 -13.61 -6.58
C ILE A 465 29.85 -12.66 -5.77
N ASN A 466 28.77 -12.17 -6.38
CA ASN A 466 27.89 -11.24 -5.70
C ASN A 466 27.15 -11.91 -4.54
N THR A 467 26.73 -13.18 -4.71
CA THR A 467 26.08 -13.87 -3.60
C THR A 467 27.02 -14.01 -2.42
N ALA A 468 28.25 -14.47 -2.68
CA ALA A 468 29.21 -14.63 -1.59
C ALA A 468 29.52 -13.29 -0.94
N LEU A 469 29.69 -12.24 -1.74
CA LEU A 469 30.03 -10.94 -1.20
C LEU A 469 28.89 -10.40 -0.33
N LEU A 470 27.65 -10.52 -0.80
CA LEU A 470 26.51 -10.05 -0.01
C LEU A 470 26.38 -10.84 1.29
N ASN A 471 26.50 -12.17 1.22
CA ASN A 471 26.37 -12.96 2.43
C ASN A 471 27.47 -12.64 3.42
N ALA A 472 28.71 -12.48 2.96
CA ALA A 472 29.80 -12.13 3.85
C ALA A 472 29.60 -10.73 4.45
N SER A 473 29.13 -9.78 3.64
CA SER A 473 28.89 -8.44 4.16
C SER A 473 27.81 -8.45 5.23
N CYS A 474 26.75 -9.24 5.02
CA CYS A 474 25.67 -9.28 6.00
C CYS A 474 26.07 -10.05 7.25
N ALA A 475 26.99 -11.02 7.13
CA ALA A 475 27.40 -11.83 8.27
C ALA A 475 28.60 -11.22 8.98
N ALA A 476 29.73 -11.08 8.27
CA ALA A 476 30.96 -10.53 8.85
C ALA A 476 31.06 -9.06 8.46
N MET A 477 30.27 -8.23 9.15
CA MET A 477 30.23 -6.81 8.82
C MET A 477 31.55 -6.12 9.13
N ASP A 478 32.19 -6.50 10.23
CA ASP A 478 33.36 -5.79 10.73
C ASP A 478 34.67 -6.25 10.12
N ASP A 479 34.85 -7.55 9.94
CA ASP A 479 36.18 -8.11 9.75
C ASP A 479 36.38 -8.52 8.30
N PHE A 480 37.58 -8.26 7.78
CA PHE A 480 37.88 -8.54 6.39
C PHE A 480 37.81 -10.04 6.13
N GLN A 481 37.22 -10.43 4.99
CA GLN A 481 36.97 -11.84 4.71
C GLN A 481 37.52 -12.23 3.36
N LEU A 482 38.04 -13.46 3.28
CA LEU A 482 38.60 -14.04 2.07
C LEU A 482 37.56 -14.91 1.39
N ILE A 483 37.39 -14.74 0.08
CA ILE A 483 36.44 -15.52 -0.70
C ILE A 483 37.08 -15.90 -2.03
N PRO A 484 37.34 -17.18 -2.29
CA PRO A 484 37.93 -17.56 -3.59
C PRO A 484 36.86 -17.58 -4.68
N MET A 485 37.20 -16.99 -5.83
CA MET A 485 36.30 -17.02 -6.98
C MET A 485 36.23 -18.44 -7.53
N ILE A 486 35.07 -19.08 -7.40
CA ILE A 486 34.89 -20.47 -7.79
C ILE A 486 33.76 -20.56 -8.79
N SER A 487 33.96 -21.39 -9.81
CA SER A 487 32.91 -21.70 -10.77
C SER A 487 33.09 -23.13 -11.24
N LYS A 488 32.01 -23.91 -11.23
CA LYS A 488 32.07 -25.32 -11.55
C LYS A 488 31.38 -25.58 -12.88
N CYS A 489 32.08 -26.27 -13.77
CA CYS A 489 31.60 -26.58 -15.12
C CYS A 489 31.66 -28.09 -15.34
N ARG A 490 31.29 -28.51 -16.55
CA ARG A 490 31.32 -29.90 -16.95
C ARG A 490 31.97 -30.00 -18.32
N THR A 491 32.95 -30.89 -18.45
CA THR A 491 33.70 -31.01 -19.69
C THR A 491 32.88 -31.74 -20.75
N LYS A 492 33.43 -31.75 -21.97
CA LYS A 492 32.79 -32.50 -23.06
C LYS A 492 32.73 -33.98 -22.71
N GLU A 493 33.80 -34.52 -22.11
CA GLU A 493 33.80 -35.91 -21.71
C GLU A 493 32.75 -36.22 -20.66
N GLY A 494 32.21 -35.19 -19.99
CA GLY A 494 31.20 -35.37 -18.97
C GLY A 494 31.72 -35.25 -17.55
N ARG A 495 33.04 -35.23 -17.35
CA ARG A 495 33.60 -35.12 -16.02
C ARG A 495 33.38 -33.71 -15.48
N ARG A 496 32.89 -33.62 -14.25
CA ARG A 496 32.70 -32.33 -13.61
C ARG A 496 34.05 -31.73 -13.22
N LYS A 497 34.09 -30.41 -13.12
CA LYS A 497 35.35 -29.71 -12.89
C LYS A 497 35.07 -28.42 -12.14
N THR A 498 36.04 -28.02 -11.32
CA THR A 498 36.00 -26.74 -10.62
C THR A 498 37.05 -25.81 -11.22
N ASN A 499 36.82 -24.51 -11.08
CA ASN A 499 37.71 -23.50 -11.64
C ASN A 499 37.85 -22.36 -10.64
N LEU A 500 39.09 -21.95 -10.42
CA LEU A 500 39.44 -20.89 -9.45
C LEU A 500 40.06 -19.74 -10.22
N TYR A 501 39.30 -18.67 -10.40
CA TYR A 501 39.83 -17.49 -11.09
C TYR A 501 40.76 -16.68 -10.19
N GLY A 502 40.45 -16.58 -8.91
CA GLY A 502 41.27 -15.81 -8.00
C GLY A 502 40.66 -15.66 -6.63
N PHE A 503 40.78 -14.47 -6.03
CA PHE A 503 40.31 -14.23 -4.68
C PHE A 503 39.71 -12.83 -4.58
N ILE A 504 38.82 -12.67 -3.61
CA ILE A 504 38.21 -11.39 -3.27
C ILE A 504 38.34 -11.21 -1.77
N ILE A 505 38.84 -10.04 -1.36
CA ILE A 505 38.89 -9.68 0.05
C ILE A 505 37.85 -8.61 0.28
N LYS A 506 36.81 -8.96 1.04
CA LYS A 506 35.77 -8.03 1.40
C LYS A 506 36.14 -7.28 2.67
N GLY A 507 35.88 -5.98 2.68
CA GLY A 507 36.19 -5.13 3.82
C GLY A 507 34.95 -4.80 4.62
N ARG A 508 35.10 -3.77 5.48
CA ARG A 508 33.99 -3.34 6.31
C ARG A 508 32.78 -3.02 5.45
N SER A 509 31.63 -3.58 5.82
CA SER A 509 30.42 -3.53 5.01
C SER A 509 29.21 -3.16 5.87
N HIS A 510 29.36 -2.13 6.71
CA HIS A 510 28.24 -1.63 7.49
C HIS A 510 27.33 -0.79 6.58
N LEU A 511 26.58 -1.50 5.75
CA LEU A 511 25.76 -0.90 4.71
C LEU A 511 24.37 -0.63 5.26
N ARG A 512 24.02 0.66 5.39
CA ARG A 512 22.70 1.05 5.84
C ARG A 512 21.77 1.35 4.66
N ASN A 513 22.14 2.32 3.83
CA ASN A 513 21.34 2.65 2.66
C ASN A 513 21.66 1.71 1.50
N ASP A 514 20.72 1.63 0.57
CA ASP A 514 20.93 0.81 -0.62
C ASP A 514 22.06 1.32 -1.50
N THR A 515 22.51 2.56 -1.29
CA THR A 515 23.60 3.13 -2.06
C THR A 515 24.94 3.10 -1.34
N ASP A 516 24.95 2.75 -0.05
CA ASP A 516 26.21 2.67 0.67
C ASP A 516 27.13 1.65 0.02
N VAL A 517 28.42 1.94 0.04
CA VAL A 517 29.41 1.20 -0.75
C VAL A 517 30.23 0.31 0.19
N VAL A 518 30.34 -0.95 -0.19
CA VAL A 518 31.27 -1.89 0.42
C VAL A 518 32.47 -2.03 -0.53
N ASN A 519 33.66 -1.79 -0.01
CA ASN A 519 34.89 -1.89 -0.78
C ASN A 519 35.53 -3.24 -0.59
N PHE A 520 36.06 -3.80 -1.67
CA PHE A 520 36.82 -5.04 -1.62
C PHE A 520 37.99 -4.90 -2.57
N VAL A 521 38.91 -5.85 -2.49
CA VAL A 521 40.05 -5.94 -3.38
C VAL A 521 40.02 -7.28 -4.09
N SER A 522 40.10 -7.26 -5.41
CA SER A 522 39.99 -8.44 -6.24
C SER A 522 41.33 -8.77 -6.89
N MET A 523 41.68 -10.05 -6.85
CA MET A 523 42.90 -10.57 -7.45
C MET A 523 42.50 -11.69 -8.40
N GLU A 524 42.99 -11.65 -9.64
CA GLU A 524 42.64 -12.66 -10.62
C GLU A 524 43.84 -13.03 -11.47
N PHE A 525 44.04 -14.32 -11.67
CA PHE A 525 45.10 -14.80 -12.54
C PHE A 525 44.74 -14.55 -14.00
N SER A 526 45.76 -14.38 -14.82
CA SER A 526 45.55 -14.18 -16.25
C SER A 526 46.86 -14.42 -16.98
N LEU A 527 46.77 -14.53 -18.30
CA LEU A 527 47.94 -14.62 -19.16
C LEU A 527 48.06 -13.43 -20.11
N THR A 528 47.05 -12.57 -20.19
CA THR A 528 47.09 -11.44 -21.11
C THR A 528 48.05 -10.38 -20.59
N ASP A 529 49.08 -10.07 -21.38
CA ASP A 529 50.04 -9.06 -20.97
C ASP A 529 49.38 -7.69 -20.95
N PRO A 530 49.47 -6.93 -19.86
CA PRO A 530 48.85 -5.61 -19.82
C PRO A 530 49.65 -4.50 -20.50
N ARG A 531 50.75 -4.84 -21.17
CA ARG A 531 51.58 -3.85 -21.83
C ARG A 531 51.12 -3.54 -23.24
N LEU A 532 50.04 -4.19 -23.71
CA LEU A 532 49.53 -3.97 -25.05
C LEU A 532 48.31 -3.06 -25.11
N GLU A 533 47.47 -3.07 -24.08
CA GLU A 533 46.30 -2.19 -24.00
C GLU A 533 46.25 -1.54 -22.63
N PRO A 534 47.26 -0.73 -22.30
CA PRO A 534 47.33 -0.17 -20.94
C PRO A 534 46.13 0.69 -20.57
N HIS A 535 45.56 1.42 -21.54
CA HIS A 535 44.46 2.32 -21.22
C HIS A 535 43.23 1.58 -20.72
N LYS A 536 43.13 0.28 -21.00
CA LYS A 536 41.99 -0.49 -20.52
C LYS A 536 42.13 -0.88 -19.05
N TRP A 537 43.33 -0.75 -18.48
CA TRP A 537 43.62 -1.16 -17.12
C TRP A 537 44.07 0.03 -16.26
N GLU A 538 43.35 1.15 -16.37
CA GLU A 538 43.76 2.36 -15.66
C GLU A 538 43.73 2.16 -14.16
N LYS A 539 42.75 1.41 -13.65
CA LYS A 539 42.53 1.26 -12.22
C LYS A 539 43.06 -0.05 -11.67
N TYR A 540 43.81 -0.81 -12.46
CA TYR A 540 44.33 -2.10 -12.04
C TYR A 540 45.82 -1.99 -11.73
N CYS A 541 46.28 -2.84 -10.81
CA CYS A 541 47.70 -3.07 -10.57
C CYS A 541 48.00 -4.52 -10.95
N VAL A 542 48.95 -4.72 -11.86
CA VAL A 542 49.21 -6.05 -12.43
C VAL A 542 50.64 -6.46 -12.08
N LEU A 543 50.76 -7.62 -11.44
CA LEU A 543 52.04 -8.20 -11.05
C LEU A 543 52.36 -9.40 -11.94
N GLU A 544 53.59 -9.88 -11.83
CA GLU A 544 54.02 -11.13 -12.44
C GLU A 544 54.18 -12.17 -11.34
N ILE A 545 53.40 -13.24 -11.40
CA ILE A 545 53.37 -14.21 -10.32
C ILE A 545 53.85 -15.60 -10.73
N GLY A 546 53.86 -15.93 -12.03
CA GLY A 546 54.38 -17.23 -12.38
C GLY A 546 54.51 -17.44 -13.87
N ASP A 547 54.69 -18.71 -14.25
CA ASP A 547 54.77 -19.12 -15.65
C ASP A 547 53.91 -20.35 -15.84
N MET A 548 53.22 -20.43 -16.98
CA MET A 548 52.32 -21.52 -17.29
C MET A 548 52.78 -22.22 -18.56
N LEU A 549 52.58 -23.54 -18.60
CA LEU A 549 52.96 -24.36 -19.76
C LEU A 549 51.72 -25.10 -20.26
N LEU A 550 51.16 -24.62 -21.36
CA LEU A 550 50.02 -25.26 -22.00
C LEU A 550 50.50 -25.99 -23.26
N ARG A 551 50.04 -27.22 -23.43
CA ARG A 551 50.52 -28.07 -24.51
C ARG A 551 50.19 -27.44 -25.86
N SER A 552 51.21 -27.15 -26.65
CA SER A 552 51.05 -26.62 -28.00
C SER A 552 52.08 -27.26 -28.91
N ALA A 553 51.77 -27.29 -30.21
CA ALA A 553 52.67 -27.90 -31.18
C ALA A 553 53.98 -27.14 -31.31
N ILE A 554 54.04 -25.89 -30.87
CA ILE A 554 55.28 -25.10 -30.94
C ILE A 554 56.01 -25.37 -29.64
N GLY A 555 56.75 -26.49 -29.62
CA GLY A 555 57.39 -26.93 -28.39
C GLY A 555 56.40 -26.88 -27.24
N GLN A 556 56.66 -25.99 -26.27
CA GLN A 556 55.64 -25.62 -25.31
C GLN A 556 55.86 -24.16 -24.95
N VAL A 557 54.76 -23.42 -24.88
CA VAL A 557 54.84 -21.95 -24.91
C VAL A 557 55.63 -21.43 -23.70
N SER A 558 55.31 -21.93 -22.50
CA SER A 558 55.88 -21.40 -21.27
C SER A 558 55.61 -19.90 -21.15
N ARG A 559 54.33 -19.55 -21.25
CA ARG A 559 53.89 -18.17 -21.19
C ARG A 559 54.05 -17.60 -19.79
N PRO A 560 54.18 -16.27 -19.67
CA PRO A 560 54.07 -15.64 -18.34
C PRO A 560 52.65 -15.75 -17.81
N MET A 561 52.50 -15.54 -16.51
CA MET A 561 51.20 -15.67 -15.87
C MET A 561 51.12 -14.59 -14.79
N PHE A 562 50.28 -13.59 -15.06
CA PHE A 562 50.21 -12.35 -14.28
C PHE A 562 49.01 -12.37 -13.35
N LEU A 563 49.01 -11.43 -12.41
CA LEU A 563 47.94 -11.27 -11.43
C LEU A 563 47.39 -9.85 -11.55
N TYR A 564 46.14 -9.73 -11.97
CA TYR A 564 45.45 -8.45 -12.00
C TYR A 564 44.83 -8.20 -10.62
N VAL A 565 45.32 -7.16 -9.95
CA VAL A 565 44.89 -6.79 -8.60
C VAL A 565 44.31 -5.40 -8.64
N ARG A 566 43.14 -5.22 -8.05
CA ARG A 566 42.53 -3.89 -8.04
C ARG A 566 41.63 -3.73 -6.82
N THR A 567 41.35 -2.48 -6.49
CA THR A 567 40.38 -2.12 -5.47
C THR A 567 39.06 -1.74 -6.15
N ASN A 568 38.00 -2.45 -5.84
CA ASN A 568 36.69 -2.21 -6.41
C ASN A 568 35.68 -2.06 -5.28
N GLY A 569 34.44 -1.72 -5.65
CA GLY A 569 33.39 -1.55 -4.66
C GLY A 569 32.04 -1.83 -5.27
N THR A 570 31.09 -2.14 -4.40
CA THR A 570 29.72 -2.40 -4.84
C THR A 570 28.77 -1.87 -3.77
N SER A 571 27.48 -2.15 -3.95
CA SER A 571 26.47 -1.72 -2.99
C SER A 571 25.40 -2.80 -2.92
N LYS A 572 24.53 -2.69 -1.91
CA LYS A 572 23.48 -3.69 -1.72
C LYS A 572 22.65 -3.85 -2.98
N ILE A 573 22.25 -2.73 -3.60
CA ILE A 573 21.47 -2.81 -4.82
C ILE A 573 22.27 -3.48 -5.93
N LYS A 574 23.53 -3.09 -6.08
CA LYS A 574 24.35 -3.68 -7.14
C LYS A 574 24.57 -5.17 -6.90
N MET A 575 24.81 -5.56 -5.65
CA MET A 575 24.97 -6.99 -5.35
C MET A 575 23.70 -7.76 -5.66
N LYS A 576 22.55 -7.21 -5.24
CA LYS A 576 21.29 -7.90 -5.47
C LYS A 576 21.01 -8.05 -6.96
N TRP A 577 21.27 -7.00 -7.75
CA TRP A 577 20.98 -7.07 -9.18
C TRP A 577 22.01 -7.93 -9.92
N GLY A 578 23.25 -7.97 -9.46
CA GLY A 578 24.23 -8.86 -10.06
C GLY A 578 24.04 -10.31 -9.71
N MET A 579 23.36 -10.59 -8.60
CA MET A 579 23.03 -11.97 -8.26
C MET A 579 21.76 -12.46 -8.95
N GLU A 580 21.11 -11.60 -9.73
CA GLU A 580 19.98 -12.00 -10.57
C GLU A 580 20.34 -11.86 -12.04
N MET A 581 21.58 -12.21 -12.38
CA MET A 581 22.03 -12.16 -13.78
C MET A 581 21.46 -13.27 -14.63
N ARG A 582 20.83 -14.28 -14.03
CA ARG A 582 20.31 -15.40 -14.79
C ARG A 582 19.11 -15.01 -15.64
N ARG A 583 18.47 -13.88 -15.36
CA ARG A 583 17.36 -13.42 -16.18
C ARG A 583 17.81 -12.88 -17.53
N CYS A 584 19.11 -12.70 -17.74
CA CYS A 584 19.60 -12.42 -19.08
C CYS A 584 19.31 -13.59 -20.01
N LEU A 585 19.49 -14.81 -19.51
CA LEU A 585 19.09 -15.99 -20.26
C LEU A 585 17.63 -15.89 -20.66
N LEU A 586 16.76 -15.50 -19.72
CA LEU A 586 15.36 -15.33 -20.03
C LEU A 586 15.23 -14.33 -21.17
N GLN A 587 15.57 -13.06 -20.92
CA GLN A 587 15.44 -12.03 -21.94
C GLN A 587 15.83 -12.54 -23.33
N SER A 588 17.06 -13.06 -23.45
CA SER A 588 17.54 -13.49 -24.75
C SER A 588 16.66 -14.57 -25.34
N LEU A 589 16.37 -15.61 -24.57
CA LEU A 589 15.70 -16.76 -25.15
C LEU A 589 14.23 -16.51 -25.36
N GLN A 590 13.63 -15.61 -24.57
CA GLN A 590 12.30 -15.12 -24.87
C GLN A 590 12.26 -14.41 -26.20
N GLN A 591 13.28 -13.58 -26.49
CA GLN A 591 13.33 -12.94 -27.80
C GLN A 591 13.41 -13.97 -28.92
N ILE A 592 14.28 -14.97 -28.75
CA ILE A 592 14.43 -15.98 -29.80
C ILE A 592 13.15 -16.79 -29.95
N GLU A 593 12.51 -17.14 -28.85
CA GLU A 593 11.29 -17.92 -28.92
C GLU A 593 10.15 -17.11 -29.53
N SER A 594 10.13 -15.80 -29.28
CA SER A 594 9.17 -14.93 -29.96
C SER A 594 9.41 -14.94 -31.46
N MET A 595 10.67 -14.87 -31.88
CA MET A 595 10.98 -14.99 -33.30
C MET A 595 10.45 -16.31 -33.86
N ILE A 596 10.72 -17.41 -33.16
CA ILE A 596 10.32 -18.73 -33.66
C ILE A 596 8.81 -18.83 -33.75
N GLU A 597 8.10 -18.36 -32.72
CA GLU A 597 6.64 -18.42 -32.73
C GLU A 597 6.06 -17.55 -33.84
N ALA A 598 6.61 -16.34 -34.01
CA ALA A 598 6.12 -15.46 -35.06
C ALA A 598 6.30 -16.10 -36.43
N GLU A 599 7.45 -16.72 -36.68
CA GLU A 599 7.65 -17.38 -37.96
C GLU A 599 6.77 -18.61 -38.11
N SER A 600 6.53 -19.34 -37.02
CA SER A 600 5.71 -20.54 -37.06
C SER A 600 4.22 -20.22 -37.18
N SER A 601 3.80 -19.01 -36.82
CA SER A 601 2.43 -18.61 -37.08
C SER A 601 2.15 -18.49 -38.57
N VAL A 602 3.21 -18.33 -39.39
CA VAL A 602 3.04 -18.28 -40.83
C VAL A 602 2.82 -19.68 -41.40
N LYS A 603 3.78 -20.57 -41.19
CA LYS A 603 3.66 -21.97 -41.58
C LYS A 603 3.06 -22.75 -40.41
N GLU A 604 1.91 -23.38 -40.64
CA GLU A 604 1.17 -23.99 -39.54
C GLU A 604 1.90 -25.23 -39.05
N LYS A 605 3.02 -25.03 -38.36
CA LYS A 605 3.84 -26.12 -37.86
C LYS A 605 4.97 -25.55 -37.00
N ASP A 606 5.41 -26.29 -35.99
CA ASP A 606 6.54 -25.86 -35.18
C ASP A 606 7.81 -25.88 -36.02
N MET A 607 8.58 -24.80 -35.94
CA MET A 607 9.69 -24.56 -36.85
C MET A 607 11.03 -24.56 -36.11
N THR A 608 11.07 -25.06 -34.88
CA THR A 608 12.28 -24.97 -34.07
C THR A 608 13.38 -25.88 -34.62
N LYS A 609 13.02 -27.14 -34.93
CA LYS A 609 14.05 -28.12 -35.25
C LYS A 609 14.82 -27.73 -36.49
N GLU A 610 14.13 -27.31 -37.54
CA GLU A 610 14.82 -26.93 -38.77
C GLU A 610 15.61 -25.64 -38.58
N PHE A 611 15.09 -24.70 -37.79
CA PHE A 611 15.87 -23.51 -37.48
C PHE A 611 17.19 -23.88 -36.84
N PHE A 612 17.18 -24.80 -35.87
CA PHE A 612 18.40 -25.10 -35.13
C PHE A 612 19.32 -26.08 -35.83
N GLU A 613 18.81 -26.92 -36.73
CA GLU A 613 19.65 -27.89 -37.44
C GLU A 613 20.00 -27.45 -38.85
N ASN A 614 19.01 -27.15 -39.70
CA ASN A 614 19.32 -26.79 -41.07
C ASN A 614 20.13 -25.51 -41.16
N LYS A 615 19.84 -24.52 -40.31
CA LYS A 615 20.60 -23.28 -40.26
C LYS A 615 20.54 -22.54 -41.60
N SER A 616 19.46 -22.75 -42.36
CA SER A 616 19.32 -22.07 -43.64
C SER A 616 19.08 -20.57 -43.45
N GLU A 617 18.11 -20.22 -42.61
CA GLU A 617 17.82 -18.82 -42.36
C GLU A 617 18.87 -18.21 -41.44
N THR A 618 19.23 -16.97 -41.70
CA THR A 618 20.23 -16.26 -40.90
C THR A 618 19.80 -14.81 -40.74
N TRP A 619 20.25 -14.20 -39.64
CA TRP A 619 19.92 -12.82 -39.33
C TRP A 619 21.19 -11.97 -39.31
N PRO A 620 21.13 -10.69 -39.71
CA PRO A 620 22.30 -9.82 -39.59
C PRO A 620 22.70 -9.62 -38.14
N ILE A 621 23.87 -10.14 -37.75
CA ILE A 621 24.28 -10.12 -36.35
C ILE A 621 25.69 -9.54 -36.23
N GLY A 622 26.11 -8.76 -37.20
CA GLY A 622 27.41 -8.14 -37.17
C GLY A 622 27.87 -7.76 -38.56
N GLU A 623 28.88 -6.89 -38.60
CA GLU A 623 29.42 -6.37 -39.86
C GLU A 623 30.92 -6.62 -39.91
N SER A 624 31.39 -7.14 -41.02
CA SER A 624 32.80 -7.32 -41.32
C SER A 624 33.24 -6.31 -42.38
N PRO A 625 34.54 -6.02 -42.47
CA PRO A 625 34.98 -5.09 -43.51
C PRO A 625 34.46 -5.42 -44.90
N LYS A 626 34.24 -6.70 -45.19
CA LYS A 626 33.61 -7.07 -46.45
C LYS A 626 32.17 -6.59 -46.51
N GLY A 627 31.45 -6.66 -45.40
CA GLY A 627 30.06 -6.23 -45.38
C GLY A 627 29.36 -6.80 -44.15
N VAL A 628 28.03 -6.77 -44.21
CA VAL A 628 27.21 -7.28 -43.12
C VAL A 628 27.25 -8.80 -43.14
N GLU A 629 27.47 -9.39 -41.96
CA GLU A 629 27.57 -10.84 -41.80
C GLU A 629 26.34 -11.36 -41.07
N GLU A 630 25.78 -12.46 -41.57
CA GLU A 630 24.61 -13.09 -40.99
C GLU A 630 25.00 -14.44 -40.38
N GLY A 631 24.35 -14.78 -39.26
CA GLY A 631 24.61 -16.01 -38.56
C GLY A 631 23.33 -16.77 -38.27
N SER A 632 23.50 -18.04 -37.93
CA SER A 632 22.37 -18.90 -37.65
C SER A 632 21.63 -18.43 -36.40
N ILE A 633 20.54 -19.12 -36.08
CA ILE A 633 19.71 -18.70 -34.94
C ILE A 633 20.47 -18.86 -33.64
N GLY A 634 21.33 -19.89 -33.55
CA GLY A 634 22.11 -20.07 -32.33
C GLY A 634 23.05 -18.91 -32.06
N LYS A 635 23.69 -18.39 -33.12
CA LYS A 635 24.55 -17.24 -32.95
C LYS A 635 23.75 -16.01 -32.51
N VAL A 636 22.52 -15.86 -33.01
CA VAL A 636 21.66 -14.78 -32.53
C VAL A 636 21.35 -14.96 -31.06
N CYS A 637 21.06 -16.21 -30.65
CA CYS A 637 20.83 -16.49 -29.23
C CYS A 637 22.01 -16.03 -28.40
N ARG A 638 23.22 -16.43 -28.80
CA ARG A 638 24.42 -16.09 -28.03
C ARG A 638 24.65 -14.59 -28.03
N THR A 639 24.42 -13.92 -29.16
CA THR A 639 24.62 -12.48 -29.24
C THR A 639 23.67 -11.74 -28.30
N LEU A 640 22.39 -12.11 -28.31
CA LEU A 640 21.44 -11.46 -27.42
C LEU A 640 21.75 -11.75 -25.96
N LEU A 641 22.18 -12.98 -25.67
CA LEU A 641 22.56 -13.31 -24.29
C LEU A 641 23.74 -12.45 -23.85
N ALA A 642 24.74 -12.29 -24.71
CA ALA A 642 25.88 -11.45 -24.37
C ALA A 642 25.47 -10.01 -24.19
N LYS A 643 24.55 -9.52 -25.03
CA LYS A 643 24.07 -8.15 -24.88
C LYS A 643 23.40 -7.95 -23.53
N SER A 644 22.54 -8.89 -23.14
CA SER A 644 21.88 -8.79 -21.84
C SER A 644 22.89 -8.87 -20.70
N VAL A 645 23.88 -9.76 -20.82
CA VAL A 645 24.88 -9.90 -19.76
C VAL A 645 25.66 -8.61 -19.61
N PHE A 646 26.05 -7.99 -20.72
CA PHE A 646 26.79 -6.73 -20.65
C PHE A 646 25.91 -5.59 -20.14
N ASN A 647 24.61 -5.63 -20.46
CA ASN A 647 23.69 -4.67 -19.88
C ASN A 647 23.67 -4.80 -18.36
N SER A 648 23.65 -6.04 -17.86
CA SER A 648 23.63 -6.26 -16.42
C SER A 648 24.98 -5.93 -15.78
N LEU A 649 26.07 -6.04 -16.54
CA LEU A 649 27.40 -5.79 -15.97
C LEU A 649 27.75 -4.31 -15.97
N TYR A 650 27.52 -3.62 -17.09
CA TYR A 650 27.86 -2.20 -17.23
C TYR A 650 26.64 -1.30 -17.06
N ALA A 651 25.70 -1.71 -16.19
CA ALA A 651 24.49 -0.93 -16.00
C ALA A 651 24.83 0.45 -15.43
N SER A 652 24.09 1.46 -15.88
CA SER A 652 24.32 2.83 -15.41
C SER A 652 23.20 3.73 -15.91
N PRO A 653 23.00 4.91 -15.31
CA PRO A 653 21.96 5.82 -15.80
C PRO A 653 22.15 6.21 -17.25
N GLN A 654 23.41 6.35 -17.69
CA GLN A 654 23.69 6.65 -19.08
C GLN A 654 23.05 5.59 -19.99
N LEU A 655 23.16 4.32 -19.61
CA LEU A 655 22.59 3.26 -20.43
C LEU A 655 21.08 3.41 -20.54
N GLU A 656 20.39 3.69 -19.44
CA GLU A 656 18.94 3.84 -19.49
C GLU A 656 18.54 5.02 -20.36
N GLY A 657 19.17 6.18 -20.15
CA GLY A 657 18.83 7.35 -20.93
C GLY A 657 19.07 7.14 -22.42
N PHE A 658 20.24 6.62 -22.76
CA PHE A 658 20.54 6.36 -24.16
C PHE A 658 19.58 5.35 -24.75
N SER A 659 19.26 4.29 -23.99
CA SER A 659 18.35 3.28 -24.50
C SER A 659 17.00 3.89 -24.86
N ALA A 660 16.44 4.70 -23.96
CA ALA A 660 15.13 5.31 -24.24
C ALA A 660 15.22 6.25 -25.43
N GLU A 661 16.15 7.20 -25.38
CA GLU A 661 16.20 8.24 -26.41
C GLU A 661 16.69 7.70 -27.76
N SER A 662 17.29 6.53 -27.79
CA SER A 662 17.66 5.88 -29.04
C SER A 662 16.60 4.92 -29.53
N ARG A 663 15.81 4.34 -28.63
CA ARG A 663 14.63 3.59 -29.06
C ARG A 663 13.64 4.50 -29.76
N LYS A 664 13.51 5.74 -29.29
CA LYS A 664 12.66 6.69 -30.01
C LYS A 664 13.12 6.85 -31.45
N LEU A 665 14.41 7.14 -31.65
CA LEU A 665 14.93 7.34 -32.99
C LEU A 665 14.87 6.05 -33.82
N LEU A 666 15.06 4.90 -33.17
CA LEU A 666 14.94 3.63 -33.87
C LEU A 666 13.53 3.42 -34.38
N LEU A 667 12.53 3.76 -33.57
CA LEU A 667 11.14 3.68 -34.03
C LEU A 667 10.89 4.62 -35.19
N ILE A 668 11.43 5.84 -35.12
CA ILE A 668 11.27 6.77 -36.24
C ILE A 668 11.89 6.20 -37.52
N VAL A 669 13.10 5.65 -37.40
CA VAL A 669 13.79 5.09 -38.56
C VAL A 669 13.02 3.89 -39.11
N GLN A 670 12.46 3.07 -38.23
CA GLN A 670 11.67 1.93 -38.68
C GLN A 670 10.43 2.41 -39.43
N ALA A 671 9.78 3.46 -38.93
CA ALA A 671 8.64 4.03 -39.65
C ALA A 671 9.08 4.52 -41.02
N LEU A 672 10.25 5.15 -41.11
CA LEU A 672 10.76 5.58 -42.41
C LEU A 672 10.95 4.39 -43.34
N ARG A 673 11.57 3.32 -42.85
CA ARG A 673 11.83 2.16 -43.67
C ARG A 673 10.55 1.43 -44.07
N ASP A 674 9.46 1.65 -43.33
CA ASP A 674 8.18 1.02 -43.64
C ASP A 674 7.33 1.84 -44.59
N ASN A 675 7.85 2.97 -45.06
CA ASN A 675 7.11 3.84 -45.98
C ASN A 675 5.83 4.37 -45.33
N LEU A 676 6.00 4.97 -44.15
CA LEU A 676 4.88 5.50 -43.38
C LEU A 676 4.97 7.01 -43.21
N GLU A 677 5.72 7.69 -44.08
CA GLU A 677 5.85 9.14 -44.11
C GLU A 677 6.05 9.70 -42.69
N PRO A 678 7.11 9.27 -42.00
CA PRO A 678 7.35 9.77 -40.65
C PRO A 678 7.68 11.26 -40.66
N GLY A 679 7.35 11.92 -39.56
CA GLY A 679 7.64 13.32 -39.40
C GLY A 679 8.03 13.62 -37.97
N THR A 680 8.75 14.72 -37.81
CA THR A 680 9.25 15.14 -36.51
C THR A 680 8.99 16.62 -36.32
N PHE A 681 8.81 17.02 -35.06
CA PHE A 681 8.62 18.42 -34.72
C PHE A 681 9.92 19.11 -34.33
N ASP A 682 10.80 18.41 -33.62
CA ASP A 682 12.14 18.94 -33.31
C ASP A 682 13.08 17.75 -33.23
N LEU A 683 13.74 17.43 -34.35
CA LEU A 683 14.68 16.31 -34.37
C LEU A 683 15.99 16.67 -33.70
N GLY A 684 16.41 17.93 -33.82
CA GLY A 684 17.61 18.37 -33.13
C GLY A 684 17.52 18.20 -31.62
N GLY A 685 16.33 18.46 -31.06
CA GLY A 685 16.15 18.24 -29.64
C GLY A 685 16.31 16.78 -29.26
N LEU A 686 15.75 15.87 -30.06
CA LEU A 686 15.93 14.45 -29.80
C LEU A 686 17.39 14.05 -29.89
N TYR A 687 18.11 14.56 -30.90
CA TYR A 687 19.53 14.26 -31.03
C TYR A 687 20.30 14.74 -29.82
N GLU A 688 20.03 15.97 -29.37
CA GLU A 688 20.70 16.49 -28.19
C GLU A 688 20.36 15.67 -26.95
N ALA A 689 19.13 15.17 -26.86
CA ALA A 689 18.75 14.32 -25.75
C ALA A 689 19.52 13.00 -25.77
N ILE A 690 19.74 12.43 -26.95
CA ILE A 690 20.50 11.18 -27.05
C ILE A 690 21.96 11.44 -26.72
N GLU A 691 22.53 12.51 -27.25
CA GLU A 691 23.97 12.74 -27.14
C GLU A 691 24.41 13.12 -25.73
N GLU A 692 23.48 13.56 -24.88
CA GLU A 692 23.85 13.92 -23.52
C GLU A 692 24.01 12.72 -22.60
N CYS A 693 23.56 11.54 -23.03
CA CYS A 693 23.73 10.33 -22.24
C CYS A 693 25.09 9.67 -22.43
N LEU A 694 25.81 10.02 -23.49
CA LEU A 694 27.10 9.41 -23.81
C LEU A 694 28.19 10.23 -23.14
N ILE A 695 28.73 9.74 -22.02
CA ILE A 695 29.75 10.49 -21.29
C ILE A 695 31.05 9.70 -21.17
N ASN A 696 31.03 8.59 -20.42
CA ASN A 696 32.24 7.81 -20.23
C ASN A 696 32.02 6.31 -20.13
N ASP A 697 30.80 5.82 -20.27
CA ASP A 697 30.60 4.39 -20.06
C ASP A 697 30.97 3.63 -21.32
N PRO A 698 31.89 2.65 -21.27
CA PRO A 698 32.23 1.93 -22.50
C PRO A 698 31.03 1.27 -23.17
N TRP A 699 30.11 0.71 -22.38
CA TRP A 699 29.01 -0.04 -22.97
C TRP A 699 28.07 0.88 -23.75
N VAL A 700 27.73 2.03 -23.18
CA VAL A 700 26.81 2.93 -23.87
C VAL A 700 27.47 3.53 -25.10
N LEU A 701 28.76 3.82 -25.04
CA LEU A 701 29.47 4.32 -26.22
C LEU A 701 29.51 3.26 -27.32
N LEU A 702 29.73 2.00 -26.94
CA LEU A 702 29.69 0.93 -27.93
C LEU A 702 28.30 0.80 -28.53
N ASN A 703 27.27 0.94 -27.71
CA ASN A 703 25.91 0.90 -28.23
C ASN A 703 25.66 2.05 -29.21
N ALA A 704 26.17 3.23 -28.89
CA ALA A 704 26.01 4.37 -29.81
C ALA A 704 26.75 4.13 -31.12
N SER A 705 27.95 3.55 -31.06
CA SER A 705 28.66 3.22 -32.29
C SER A 705 27.89 2.19 -33.10
N TRP A 706 27.30 1.20 -32.43
CA TRP A 706 26.47 0.23 -33.11
C TRP A 706 25.27 0.90 -33.77
N PHE A 707 24.66 1.87 -33.07
CA PHE A 707 23.52 2.59 -33.63
C PHE A 707 23.93 3.38 -34.87
N ASN A 708 25.09 4.03 -34.82
CA ASN A 708 25.58 4.75 -36.00
C ASN A 708 25.81 3.80 -37.15
N SER A 709 26.40 2.64 -36.88
CA SER A 709 26.62 1.66 -37.95
C SER A 709 25.30 1.18 -38.52
N PHE A 710 24.30 0.97 -37.65
CA PHE A 710 22.98 0.52 -38.13
C PHE A 710 22.33 1.59 -39.01
N LEU A 711 22.45 2.86 -38.61
CA LEU A 711 21.94 3.93 -39.46
C LEU A 711 22.65 3.95 -40.81
N THR A 712 23.98 3.79 -40.80
CA THR A 712 24.72 3.80 -42.05
C THR A 712 24.28 2.65 -42.96
N HIS A 713 24.13 1.45 -42.39
CA HIS A 713 23.69 0.31 -43.18
C HIS A 713 22.22 0.42 -43.57
N ALA A 714 21.39 0.95 -42.67
CA ALA A 714 20.00 1.24 -42.99
C ALA A 714 19.95 2.50 -43.84
N LEU A 715 18.74 2.99 -44.12
CA LEU A 715 18.56 4.20 -44.92
C LEU A 715 19.17 4.02 -46.31
N ARG A 716 18.73 2.95 -46.98
CA ARG A 716 19.21 2.65 -48.32
C ARG A 716 18.10 2.07 -49.18
N MET B 1 35.28 -10.56 -37.88
CA MET B 1 33.87 -10.09 -37.84
C MET B 1 33.53 -9.53 -36.46
N ASP B 2 32.90 -8.36 -36.44
CA ASP B 2 32.49 -7.72 -35.20
C ASP B 2 30.99 -7.91 -35.00
N VAL B 3 30.61 -8.42 -33.83
CA VAL B 3 29.22 -8.69 -33.53
C VAL B 3 28.51 -7.38 -33.17
N ASN B 4 27.30 -7.21 -33.68
CA ASN B 4 26.52 -6.00 -33.42
C ASN B 4 25.03 -6.35 -33.36
N PRO B 5 24.46 -6.46 -32.15
CA PRO B 5 23.04 -6.84 -32.07
C PRO B 5 22.10 -5.87 -32.77
N THR B 6 22.41 -4.57 -32.79
CA THR B 6 21.49 -3.59 -33.37
C THR B 6 21.20 -3.88 -34.83
N LEU B 7 22.19 -4.44 -35.56
CA LEU B 7 21.97 -4.75 -36.96
C LEU B 7 20.84 -5.77 -37.14
N LEU B 8 20.48 -6.49 -36.07
CA LEU B 8 19.35 -7.39 -36.14
C LEU B 8 18.07 -6.67 -36.56
N PHE B 9 17.97 -5.37 -36.32
CA PHE B 9 16.78 -4.62 -36.71
C PHE B 9 16.68 -4.45 -38.22
N LEU B 10 17.73 -4.76 -38.98
CA LEU B 10 17.65 -4.66 -40.43
C LEU B 10 16.79 -5.77 -41.04
N LYS B 11 16.55 -6.85 -40.30
CA LYS B 11 15.70 -7.94 -40.76
C LYS B 11 14.43 -8.08 -39.93
N VAL B 12 14.53 -7.90 -38.61
CA VAL B 12 13.38 -7.96 -37.72
C VAL B 12 12.90 -6.53 -37.49
N PRO B 13 11.63 -6.20 -37.76
CA PRO B 13 11.16 -4.83 -37.50
C PRO B 13 11.44 -4.39 -36.07
N ALA B 14 11.49 -3.08 -35.84
CA ALA B 14 11.90 -2.56 -34.54
C ALA B 14 10.97 -3.03 -33.44
N GLN B 15 9.66 -3.00 -33.67
CA GLN B 15 8.71 -3.37 -32.63
C GLN B 15 8.70 -4.87 -32.36
N ASN B 16 8.97 -5.69 -33.37
CA ASN B 16 9.00 -7.13 -33.16
C ASN B 16 10.20 -7.58 -32.33
N ALA B 17 11.20 -6.71 -32.13
CA ALA B 17 12.34 -7.02 -31.29
C ALA B 17 12.65 -5.88 -30.34
N ILE B 18 11.62 -5.11 -29.96
CA ILE B 18 11.83 -3.95 -29.09
C ILE B 18 12.32 -4.37 -27.71
N SER B 19 12.06 -5.62 -27.31
CA SER B 19 12.51 -6.07 -25.99
C SER B 19 14.02 -5.95 -25.85
N THR B 20 14.76 -6.05 -26.95
CA THR B 20 16.21 -5.94 -26.91
C THR B 20 16.67 -4.55 -26.50
N THR B 21 15.81 -3.54 -26.67
CA THR B 21 16.17 -2.15 -26.39
C THR B 21 15.80 -1.72 -24.97
N PHE B 22 15.57 -2.67 -24.06
CA PHE B 22 15.18 -2.39 -22.69
C PHE B 22 16.20 -3.01 -21.75
N PRO B 23 17.22 -2.25 -21.31
CA PRO B 23 18.24 -2.80 -20.41
C PRO B 23 17.74 -2.94 -18.97
N TYR B 24 16.73 -3.78 -18.78
CA TYR B 24 16.12 -3.98 -17.47
C TYR B 24 16.68 -5.20 -16.75
N THR B 25 17.93 -5.57 -17.04
CA THR B 25 18.61 -6.64 -16.35
C THR B 25 19.69 -6.14 -15.40
N GLY B 26 19.87 -4.83 -15.29
CA GLY B 26 20.87 -4.25 -14.42
C GLY B 26 20.21 -3.38 -13.35
N ASP B 27 21.05 -2.89 -12.43
CA ASP B 27 20.55 -2.09 -11.34
C ASP B 27 20.00 -0.76 -11.88
N PRO B 28 18.77 -0.39 -11.54
CA PRO B 28 18.25 0.90 -12.00
C PRO B 28 18.91 2.05 -11.27
N PRO B 29 18.91 3.25 -11.85
CA PRO B 29 19.55 4.38 -11.20
C PRO B 29 18.88 4.73 -9.87
N TYR B 30 19.69 5.12 -8.90
CA TYR B 30 19.22 5.57 -7.60
C TYR B 30 19.84 6.91 -7.24
N SER B 31 19.08 7.71 -6.49
CA SER B 31 19.62 8.91 -5.89
C SER B 31 20.35 8.55 -4.61
N HIS B 32 21.40 9.31 -4.32
CA HIS B 32 22.28 9.04 -3.19
C HIS B 32 22.09 9.98 -2.01
N GLY B 33 21.91 11.27 -2.26
CA GLY B 33 21.84 12.24 -1.18
C GLY B 33 20.57 13.06 -1.16
N THR B 34 20.71 14.35 -0.88
CA THR B 34 19.56 15.22 -0.72
C THR B 34 18.83 15.43 -2.05
N GLY B 35 17.53 15.71 -1.94
CA GLY B 35 16.73 16.09 -3.09
C GLY B 35 16.41 17.57 -3.09
N THR B 36 17.11 18.33 -2.24
CA THR B 36 16.83 19.75 -2.13
C THR B 36 17.13 20.47 -3.44
N GLY B 37 18.23 20.12 -4.11
CA GLY B 37 18.55 20.76 -5.37
C GLY B 37 17.45 20.58 -6.41
N TYR B 38 16.94 19.36 -6.52
CA TYR B 38 15.86 19.10 -7.46
C TYR B 38 14.59 19.86 -7.09
N THR B 39 14.28 19.93 -5.79
CA THR B 39 13.09 20.66 -5.36
C THR B 39 13.21 22.14 -5.72
N MET B 40 14.37 22.74 -5.43
CA MET B 40 14.57 24.15 -5.77
C MET B 40 14.50 24.37 -7.27
N ASP B 41 15.11 23.46 -8.04
CA ASP B 41 15.07 23.60 -9.50
C ASP B 41 13.64 23.52 -10.01
N THR B 42 12.86 22.58 -9.48
CA THR B 42 11.47 22.44 -9.91
C THR B 42 10.66 23.69 -9.55
N VAL B 43 10.86 24.22 -8.34
CA VAL B 43 10.13 25.43 -7.95
C VAL B 43 10.47 26.58 -8.87
N ASN B 44 11.76 26.79 -9.13
CA ASN B 44 12.16 27.90 -9.99
C ASN B 44 11.63 27.71 -11.41
N ARG B 45 11.70 26.48 -11.93
CA ARG B 45 11.20 26.21 -13.27
C ARG B 45 9.71 26.45 -13.38
N THR B 46 8.95 26.00 -12.37
CA THR B 46 7.52 26.24 -12.37
C THR B 46 7.20 27.72 -12.30
N HIS B 47 7.98 28.49 -11.54
CA HIS B 47 7.72 29.91 -11.41
C HIS B 47 8.15 30.72 -12.64
N GLN B 48 9.14 30.23 -13.40
CA GLN B 48 9.62 30.99 -14.55
C GLN B 48 8.89 30.63 -15.83
N TYR B 49 8.20 29.49 -15.88
CA TYR B 49 7.29 29.22 -16.99
C TYR B 49 6.04 30.08 -16.93
N SER B 50 5.81 30.78 -15.82
CA SER B 50 4.65 31.65 -15.64
C SER B 50 5.09 33.04 -15.21
N GLU B 51 6.29 33.45 -15.63
CA GLU B 51 6.87 34.71 -15.16
C GLU B 51 5.99 35.90 -15.50
N LYS B 52 5.30 35.86 -16.64
CA LYS B 52 4.53 37.00 -17.12
C LYS B 52 3.18 37.14 -16.42
N GLY B 53 2.90 36.34 -15.40
CA GLY B 53 1.67 36.49 -14.64
C GLY B 53 1.70 37.71 -13.78
N ARG B 54 0.89 37.74 -12.72
CA ARG B 54 0.85 38.86 -11.79
C ARG B 54 1.13 38.37 -10.38
N TRP B 55 1.89 39.17 -9.63
CA TRP B 55 2.33 38.80 -8.29
C TRP B 55 1.38 39.37 -7.24
N THR B 56 1.21 38.62 -6.16
CA THR B 56 0.42 39.07 -5.02
C THR B 56 1.04 38.47 -3.77
N THR B 57 0.59 38.97 -2.61
CA THR B 57 1.04 38.45 -1.32
C THR B 57 -0.19 38.04 -0.53
N ASN B 58 -0.27 36.75 -0.18
CA ASN B 58 -1.40 36.25 0.57
C ASN B 58 -1.46 36.93 1.94
N THR B 59 -2.67 37.39 2.31
CA THR B 59 -2.84 38.07 3.58
C THR B 59 -2.81 37.11 4.77
N GLU B 60 -3.05 35.82 4.53
CA GLU B 60 -3.02 34.83 5.61
C GLU B 60 -1.64 34.24 5.81
N THR B 61 -1.08 33.64 4.75
CA THR B 61 0.23 33.02 4.84
C THR B 61 1.38 34.00 4.60
N GLY B 62 1.10 35.18 4.06
CA GLY B 62 2.14 36.15 3.83
C GLY B 62 3.16 35.74 2.79
N ALA B 63 2.84 34.75 1.96
CA ALA B 63 3.78 34.25 0.97
C ALA B 63 3.50 34.87 -0.40
N PRO B 64 4.52 35.08 -1.22
CA PRO B 64 4.28 35.60 -2.58
C PRO B 64 3.73 34.51 -3.49
N GLN B 65 2.66 34.85 -4.22
CA GLN B 65 2.01 33.93 -5.13
C GLN B 65 1.91 34.57 -6.51
N LEU B 66 2.05 33.74 -7.54
CA LEU B 66 2.06 34.18 -8.93
C LEU B 66 0.85 33.60 -9.65
N ASN B 67 0.01 34.48 -10.19
CA ASN B 67 -1.19 34.06 -10.90
C ASN B 67 -1.01 34.35 -12.39
N PRO B 68 -0.83 33.33 -13.24
CA PRO B 68 -0.67 33.58 -14.68
C PRO B 68 -1.96 33.46 -15.46
N ILE B 69 -3.03 33.01 -14.80
CA ILE B 69 -4.27 32.76 -15.51
C ILE B 69 -4.72 34.04 -16.21
N ASP B 70 -5.26 33.88 -17.42
CA ASP B 70 -5.67 35.00 -18.25
C ASP B 70 -4.52 35.95 -18.56
N GLY B 71 -3.27 35.45 -18.48
CA GLY B 71 -2.13 36.25 -18.79
C GLY B 71 -1.94 36.38 -20.29
N PRO B 72 -0.86 37.07 -20.68
CA PRO B 72 -0.61 37.28 -22.11
C PRO B 72 -0.47 35.95 -22.84
N LEU B 73 -1.01 35.90 -24.05
CA LEU B 73 -0.93 34.68 -24.84
C LEU B 73 0.52 34.40 -25.23
N PRO B 74 0.92 33.14 -25.26
CA PRO B 74 2.32 32.83 -25.61
C PRO B 74 2.63 33.23 -27.04
N GLU B 75 3.87 33.68 -27.26
CA GLU B 75 4.36 34.04 -28.58
C GLU B 75 5.51 33.15 -29.03
N ASP B 76 5.77 32.07 -28.31
CA ASP B 76 6.83 31.12 -28.66
C ASP B 76 6.38 29.72 -28.28
N ASN B 77 7.11 28.73 -28.76
CA ASN B 77 6.78 27.33 -28.54
C ASN B 77 7.32 26.80 -27.21
N GLU B 78 7.92 27.66 -26.38
CA GLU B 78 8.41 27.23 -25.09
C GLU B 78 7.24 26.92 -24.16
N PRO B 79 7.46 26.13 -23.12
CA PRO B 79 6.36 25.80 -22.19
C PRO B 79 5.80 27.06 -21.56
N SER B 80 4.48 27.07 -21.38
CA SER B 80 3.78 28.22 -20.84
C SER B 80 2.62 27.76 -19.99
N GLY B 81 2.43 28.40 -18.84
CA GLY B 81 1.34 28.06 -17.95
C GLY B 81 0.23 29.10 -17.94
N TYR B 82 0.15 29.90 -19.01
CA TYR B 82 -0.83 30.97 -19.10
C TYR B 82 -2.14 30.44 -19.68
N ALA B 83 -2.83 29.66 -18.86
CA ALA B 83 -4.13 29.12 -19.24
C ALA B 83 -5.19 30.23 -19.16
N GLN B 84 -6.16 30.17 -20.06
CA GLN B 84 -7.22 31.16 -20.15
C GLN B 84 -8.49 30.59 -19.56
N THR B 85 -9.08 31.30 -18.60
CA THR B 85 -10.25 30.79 -17.90
C THR B 85 -11.41 30.53 -18.86
N ASP B 86 -11.69 31.49 -19.75
CA ASP B 86 -12.82 31.35 -20.65
C ASP B 86 -12.65 30.17 -21.58
N CYS B 87 -11.44 29.97 -22.10
CA CYS B 87 -11.20 28.85 -23.00
C CYS B 87 -11.46 27.52 -22.33
N VAL B 88 -10.97 27.35 -21.10
CA VAL B 88 -11.14 26.07 -20.41
C VAL B 88 -12.59 25.87 -20.01
N LEU B 89 -13.28 26.94 -19.59
CA LEU B 89 -14.70 26.81 -19.31
C LEU B 89 -15.47 26.40 -20.55
N GLU B 90 -15.12 26.96 -21.70
CA GLU B 90 -15.76 26.57 -22.95
C GLU B 90 -15.45 25.13 -23.31
N ALA B 91 -14.22 24.69 -23.07
CA ALA B 91 -13.86 23.30 -23.33
C ALA B 91 -14.69 22.35 -22.47
N MET B 92 -14.83 22.69 -21.18
CA MET B 92 -15.65 21.87 -20.30
C MET B 92 -17.12 21.90 -20.73
N ALA B 93 -17.61 23.05 -21.18
CA ALA B 93 -18.98 23.13 -21.66
C ALA B 93 -19.20 22.24 -22.88
N PHE B 94 -18.25 22.23 -23.81
CA PHE B 94 -18.36 21.35 -24.97
C PHE B 94 -18.28 19.89 -24.55
N LEU B 95 -17.42 19.59 -23.57
CA LEU B 95 -17.35 18.22 -23.05
C LEU B 95 -18.71 17.80 -22.49
N GLU B 96 -19.36 18.69 -21.75
CA GLU B 96 -20.69 18.39 -21.22
C GLU B 96 -21.69 18.21 -22.36
N GLU B 97 -21.65 19.08 -23.37
CA GLU B 97 -22.60 19.00 -24.46
C GLU B 97 -22.46 17.68 -25.21
N SER B 98 -21.23 17.25 -25.48
CA SER B 98 -21.02 15.98 -26.15
C SER B 98 -21.38 14.79 -25.29
N HIS B 99 -21.40 14.96 -23.96
CA HIS B 99 -21.76 13.90 -23.02
C HIS B 99 -22.75 14.45 -22.02
N PRO B 100 -23.99 14.69 -22.43
CA PRO B 100 -24.98 15.26 -21.50
C PRO B 100 -25.19 14.39 -20.29
N GLY B 101 -25.40 15.05 -19.14
CA GLY B 101 -25.65 14.35 -17.90
C GLY B 101 -24.43 13.79 -17.21
N ILE B 102 -23.23 14.01 -17.75
CA ILE B 102 -22.03 13.46 -17.15
C ILE B 102 -21.77 14.11 -15.79
N PHE B 103 -21.73 15.44 -15.75
CA PHE B 103 -21.37 16.13 -14.52
C PHE B 103 -22.42 15.92 -13.43
N GLU B 104 -23.70 16.02 -13.78
CA GLU B 104 -24.74 15.88 -12.77
C GLU B 104 -24.70 14.50 -12.14
N ASN B 105 -24.62 13.46 -12.97
CA ASN B 105 -24.56 12.11 -12.42
C ASN B 105 -23.32 11.95 -11.55
N SER B 106 -22.14 12.25 -12.10
CA SER B 106 -20.92 12.04 -11.34
C SER B 106 -20.97 12.77 -10.01
N CYS B 107 -21.53 13.98 -10.00
CA CYS B 107 -21.70 14.71 -8.76
C CYS B 107 -22.66 13.99 -7.81
N LEU B 108 -23.70 13.36 -8.35
CA LEU B 108 -24.63 12.63 -7.48
C LEU B 108 -23.93 11.47 -6.77
N GLU B 109 -23.23 10.61 -7.52
CA GLU B 109 -22.52 9.52 -6.86
C GLU B 109 -21.44 10.05 -5.91
N THR B 110 -20.74 11.11 -6.30
CA THR B 110 -19.72 11.67 -5.41
C THR B 110 -20.34 12.20 -4.13
N MET B 111 -21.52 12.82 -4.23
CA MET B 111 -22.21 13.31 -3.05
C MET B 111 -22.60 12.16 -2.13
N GLU B 112 -23.11 11.07 -2.71
CA GLU B 112 -23.41 9.89 -1.93
C GLU B 112 -22.17 9.42 -1.17
N VAL B 113 -21.05 9.26 -1.89
CA VAL B 113 -19.84 8.74 -1.28
C VAL B 113 -19.33 9.67 -0.20
N VAL B 114 -19.32 10.97 -0.46
CA VAL B 114 -18.79 11.93 0.52
C VAL B 114 -19.62 11.91 1.79
N GLN B 115 -20.96 11.84 1.64
CA GLN B 115 -21.78 11.87 2.85
C GLN B 115 -21.89 10.52 3.53
N GLN B 116 -21.40 9.43 2.92
CA GLN B 116 -21.34 8.15 3.61
C GLN B 116 -19.91 7.67 3.85
N THR B 117 -18.91 8.43 3.44
CA THR B 117 -17.52 8.01 3.67
C THR B 117 -17.16 8.12 5.15
N ARG B 118 -16.19 7.31 5.56
CA ARG B 118 -15.72 7.25 6.94
C ARG B 118 -14.31 7.79 7.02
N VAL B 119 -13.86 8.04 8.26
CA VAL B 119 -12.52 8.56 8.49
C VAL B 119 -11.47 7.50 8.18
N ASP B 120 -11.75 6.24 8.51
CA ASP B 120 -10.75 5.19 8.37
C ASP B 120 -10.26 5.03 6.95
N LYS B 121 -11.02 5.52 5.96
CA LYS B 121 -10.58 5.44 4.58
C LYS B 121 -9.26 6.16 4.35
N LEU B 122 -8.92 7.12 5.21
CA LEU B 122 -7.66 7.83 5.08
C LEU B 122 -6.46 6.97 5.52
N THR B 123 -6.69 5.92 6.29
CA THR B 123 -5.59 5.06 6.71
C THR B 123 -5.08 4.22 5.55
N GLN B 124 -5.90 3.99 4.53
CA GLN B 124 -5.52 3.18 3.37
C GLN B 124 -4.69 4.01 2.40
N GLY B 125 -3.54 4.46 2.87
CA GLY B 125 -2.65 5.26 2.04
C GLY B 125 -1.21 5.08 2.47
N ARG B 126 -0.30 5.36 1.54
CA ARG B 126 1.13 5.24 1.82
C ARG B 126 1.64 6.49 2.53
N GLN B 127 2.95 6.64 2.61
CA GLN B 127 3.56 7.69 3.42
C GLN B 127 2.86 9.03 3.22
N THR B 128 2.64 9.74 4.32
CA THR B 128 2.06 11.07 4.30
C THR B 128 2.87 11.96 5.24
N TYR B 129 2.89 13.25 4.94
CA TYR B 129 3.69 14.21 5.69
C TYR B 129 2.94 14.60 6.96
N ASP B 130 3.34 14.02 8.09
CA ASP B 130 2.81 14.42 9.38
C ASP B 130 3.45 15.76 9.78
N TRP B 131 2.58 16.76 10.03
CA TRP B 131 3.04 18.06 10.47
C TRP B 131 3.28 18.13 11.97
N THR B 132 2.74 17.17 12.74
CA THR B 132 3.01 17.15 14.17
C THR B 132 4.49 16.93 14.45
N LEU B 133 5.17 16.20 13.57
CA LEU B 133 6.59 15.93 13.70
C LEU B 133 7.39 16.49 12.53
N ASN B 134 6.74 17.07 11.53
CA ASN B 134 7.43 17.60 10.35
C ASN B 134 8.22 16.51 9.64
N ARG B 135 7.57 15.39 9.35
CA ARG B 135 8.27 14.29 8.69
C ARG B 135 7.26 13.33 8.09
N ASN B 136 7.73 12.52 7.15
CA ASN B 136 6.88 11.53 6.52
C ASN B 136 6.69 10.33 7.45
N GLN B 137 5.44 9.91 7.61
CA GLN B 137 5.09 8.78 8.44
C GLN B 137 3.94 8.04 7.78
N PRO B 138 3.69 6.79 8.18
CA PRO B 138 2.57 6.05 7.59
C PRO B 138 1.26 6.78 7.79
N ALA B 139 0.35 6.62 6.82
CA ALA B 139 -0.90 7.37 6.82
C ALA B 139 -1.64 7.22 8.14
N ALA B 140 -1.73 5.98 8.65
CA ALA B 140 -2.46 5.74 9.89
C ALA B 140 -1.82 6.50 11.05
N THR B 141 -0.50 6.48 11.15
CA THR B 141 0.18 7.14 12.24
C THR B 141 -0.06 8.65 12.19
N ALA B 142 0.08 9.25 11.01
CA ALA B 142 -0.15 10.69 10.87
C ALA B 142 -1.59 11.05 11.21
N LEU B 143 -2.55 10.24 10.73
CA LEU B 143 -3.94 10.51 11.03
C LEU B 143 -4.20 10.44 12.53
N ALA B 144 -3.64 9.44 13.20
CA ALA B 144 -3.82 9.31 14.64
C ALA B 144 -3.22 10.50 15.37
N ASN B 145 -2.02 10.92 14.98
CA ASN B 145 -1.39 12.06 15.65
C ASN B 145 -2.21 13.33 15.45
N THR B 146 -2.69 13.57 14.23
CA THR B 146 -3.49 14.76 13.99
C THR B 146 -4.79 14.73 14.77
N ILE B 147 -5.43 13.56 14.84
CA ILE B 147 -6.67 13.44 15.61
C ILE B 147 -6.41 13.71 17.08
N GLU B 148 -5.30 13.18 17.60
CA GLU B 148 -4.95 13.41 19.00
C GLU B 148 -4.74 14.90 19.27
N VAL B 149 -4.01 15.57 18.37
CA VAL B 149 -3.75 17.00 18.56
C VAL B 149 -5.06 17.78 18.50
N PHE B 150 -5.92 17.46 17.54
CA PHE B 150 -7.20 18.14 17.43
C PHE B 150 -8.02 17.97 18.70
N ARG B 151 -8.11 16.73 19.19
CA ARG B 151 -8.89 16.48 20.41
C ARG B 151 -8.28 17.22 21.60
N SER B 152 -6.95 17.30 21.67
CA SER B 152 -6.32 18.06 22.74
C SER B 152 -6.59 19.55 22.61
N ASN B 153 -6.78 20.06 21.40
CA ASN B 153 -7.05 21.47 21.19
C ASN B 153 -8.53 21.83 21.29
N GLY B 154 -9.42 20.85 21.31
CA GLY B 154 -10.84 21.09 21.44
C GLY B 154 -11.67 20.80 20.19
N LEU B 155 -11.07 20.26 19.12
CA LEU B 155 -11.80 19.93 17.91
C LEU B 155 -12.11 18.44 17.94
N THR B 156 -13.33 18.10 18.36
CA THR B 156 -13.73 16.72 18.60
C THR B 156 -14.93 16.32 17.75
N ALA B 157 -15.19 17.07 16.67
CA ALA B 157 -16.28 16.67 15.77
C ALA B 157 -15.94 15.38 15.04
N ASN B 158 -14.66 15.10 14.83
CA ASN B 158 -14.26 13.87 14.17
C ASN B 158 -14.68 12.64 14.95
N GLU B 159 -15.04 12.80 16.23
CA GLU B 159 -15.55 11.68 17.00
C GLU B 159 -16.85 11.14 16.40
N SER B 160 -17.51 11.91 15.54
CA SER B 160 -18.67 11.39 14.83
C SER B 160 -18.29 10.26 13.87
N GLY B 161 -17.01 10.07 13.59
CA GLY B 161 -16.58 8.98 12.73
C GLY B 161 -16.83 9.22 11.26
N ARG B 162 -17.04 10.46 10.85
CA ARG B 162 -17.31 10.81 9.47
C ARG B 162 -16.17 11.64 8.91
N LEU B 163 -15.75 11.31 7.70
CA LEU B 163 -14.68 12.08 7.06
C LEU B 163 -15.10 13.53 6.82
N ILE B 164 -16.38 13.77 6.52
CA ILE B 164 -16.85 15.13 6.33
C ILE B 164 -16.71 15.91 7.64
N ASP B 165 -17.02 15.28 8.77
CA ASP B 165 -16.82 15.94 10.05
C ASP B 165 -15.35 16.19 10.34
N PHE B 166 -14.48 15.25 9.96
CA PHE B 166 -13.06 15.47 10.13
C PHE B 166 -12.60 16.68 9.33
N LEU B 167 -13.10 16.83 8.10
CA LEU B 167 -12.75 18.01 7.31
C LEU B 167 -13.33 19.29 7.90
N LYS B 168 -14.53 19.21 8.48
CA LYS B 168 -15.09 20.36 9.17
C LYS B 168 -14.18 20.79 10.31
N ASP B 169 -13.70 19.83 11.10
CA ASP B 169 -12.76 20.14 12.17
C ASP B 169 -11.46 20.72 11.61
N VAL B 170 -10.98 20.16 10.49
CA VAL B 170 -9.75 20.65 9.88
C VAL B 170 -9.89 22.12 9.51
N MET B 171 -11.01 22.47 8.85
CA MET B 171 -11.22 23.87 8.48
C MET B 171 -11.38 24.75 9.72
N GLU B 172 -12.12 24.27 10.72
CA GLU B 172 -12.26 25.06 11.94
C GLU B 172 -10.91 25.32 12.60
N SER B 173 -9.97 24.38 12.48
CA SER B 173 -8.64 24.59 13.03
C SER B 173 -7.94 25.77 12.40
N MET B 174 -8.30 26.10 11.16
CA MET B 174 -7.65 27.21 10.46
C MET B 174 -7.92 28.55 11.13
N ASP B 175 -9.01 28.67 11.88
CA ASP B 175 -9.41 29.93 12.49
C ASP B 175 -9.07 30.01 13.97
N LYS B 176 -8.14 29.18 14.44
CA LYS B 176 -7.76 29.15 15.84
C LYS B 176 -6.55 30.05 16.08
N GLU B 177 -6.53 30.71 17.24
CA GLU B 177 -5.45 31.64 17.55
C GLU B 177 -4.16 30.92 17.91
N GLU B 178 -4.24 29.77 18.57
CA GLU B 178 -3.06 29.11 19.10
C GLU B 178 -3.36 27.64 19.28
N MET B 179 -2.66 26.78 18.55
CA MET B 179 -2.73 25.34 18.74
C MET B 179 -1.50 24.87 19.51
N GLU B 180 -1.54 23.62 19.96
CA GLU B 180 -0.46 23.03 20.74
C GLU B 180 -0.06 21.68 20.16
N ILE B 181 1.24 21.44 20.08
CA ILE B 181 1.80 20.20 19.56
C ILE B 181 2.77 19.65 20.59
N THR B 182 3.14 18.38 20.41
CA THR B 182 4.03 17.65 21.30
C THR B 182 5.32 17.32 20.57
N THR B 183 6.45 17.46 21.26
CA THR B 183 7.75 17.10 20.68
C THR B 183 8.58 16.35 21.72
N HIS B 184 9.30 15.34 21.27
CA HIS B 184 10.19 14.55 22.13
C HIS B 184 11.64 14.81 21.76
N PHE B 185 12.48 14.87 22.79
CA PHE B 185 13.91 15.11 22.59
C PHE B 185 14.71 14.43 23.69
N LYS B 207 8.58 15.05 27.36
CA LYS B 207 7.96 15.67 26.19
C LYS B 207 7.69 17.14 26.44
N LYS B 208 7.78 17.94 25.38
CA LYS B 208 7.61 19.39 25.43
C LYS B 208 6.37 19.78 24.65
N LYS B 209 5.55 20.63 25.25
CA LYS B 209 4.37 21.19 24.59
C LYS B 209 4.75 22.52 23.97
N GLN B 210 4.57 22.65 22.65
CA GLN B 210 4.92 23.85 21.93
C GLN B 210 3.65 24.46 21.34
N ARG B 211 3.62 25.79 21.27
CA ARG B 211 2.46 26.52 20.79
C ARG B 211 2.73 27.07 19.39
N LEU B 212 1.79 26.81 18.48
CA LEU B 212 1.84 27.26 17.10
C LEU B 212 0.78 28.33 16.90
N ASN B 213 1.19 29.49 16.40
CA ASN B 213 0.27 30.57 16.12
C ASN B 213 -0.52 30.27 14.85
N LYS B 214 -1.36 31.21 14.44
CA LYS B 214 -2.23 30.99 13.29
C LYS B 214 -1.43 30.78 12.02
N ARG B 215 -0.51 31.70 11.71
CA ARG B 215 0.21 31.64 10.45
C ARG B 215 1.09 30.40 10.36
N SER B 216 1.77 30.06 11.45
CA SER B 216 2.65 28.90 11.44
C SER B 216 1.86 27.63 11.17
N TYR B 217 0.69 27.49 11.82
CA TYR B 217 -0.14 26.32 11.58
C TYR B 217 -0.70 26.31 10.16
N LEU B 218 -1.06 27.48 9.63
CA LEU B 218 -1.53 27.55 8.25
C LEU B 218 -0.45 27.03 7.31
N ILE B 219 0.78 27.49 7.48
CA ILE B 219 1.86 27.03 6.61
C ILE B 219 2.17 25.56 6.82
N ARG B 220 2.06 25.06 8.06
CA ARG B 220 2.29 23.64 8.31
C ARG B 220 1.20 22.77 7.70
N ALA B 221 -0.01 23.30 7.58
CA ALA B 221 -1.09 22.54 6.96
C ALA B 221 -1.10 22.66 5.45
N LEU B 222 -0.50 23.72 4.90
CA LEU B 222 -0.47 23.93 3.46
C LEU B 222 0.84 23.47 2.81
N THR B 223 1.72 22.83 3.57
CA THR B 223 3.04 22.50 3.06
C THR B 223 3.10 21.06 2.53
N LEU B 224 4.09 20.81 1.70
CA LEU B 224 4.34 19.49 1.11
C LEU B 224 5.77 19.07 1.43
N ASN B 225 5.99 17.76 1.54
CA ASN B 225 7.32 17.22 1.78
C ASN B 225 7.90 16.68 0.48
N THR B 226 9.12 17.08 0.17
CA THR B 226 9.76 16.74 -1.09
C THR B 226 10.83 15.68 -0.88
N MET B 227 10.84 14.68 -1.77
CA MET B 227 11.83 13.61 -1.75
C MET B 227 12.30 13.36 -3.16
N THR B 228 13.32 12.51 -3.30
CA THR B 228 13.87 12.14 -4.59
C THR B 228 13.36 10.76 -4.98
N LYS B 229 12.90 10.63 -6.24
CA LYS B 229 12.35 9.37 -6.71
C LYS B 229 13.47 8.45 -7.16
N ASP B 230 13.51 7.25 -6.57
CA ASP B 230 14.51 6.25 -6.91
C ASP B 230 13.86 5.12 -7.72
N ALA B 231 14.73 4.28 -8.29
CA ALA B 231 14.28 3.15 -9.10
C ALA B 231 13.44 3.63 -10.29
N GLU B 232 13.87 4.73 -10.90
CA GLU B 232 13.19 5.32 -12.05
C GLU B 232 14.02 5.05 -13.29
N ARG B 233 13.54 4.15 -14.15
CA ARG B 233 14.26 3.72 -15.33
C ARG B 233 13.77 4.50 -16.54
N GLY B 234 14.71 5.01 -17.34
CA GLY B 234 14.37 5.63 -18.61
C GLY B 234 14.78 7.07 -18.74
N LYS B 235 15.69 7.53 -17.88
CA LYS B 235 16.16 8.91 -17.97
C LYS B 235 17.47 9.05 -17.21
N LEU B 236 18.33 9.95 -17.70
CA LEU B 236 19.64 10.15 -17.12
C LEU B 236 19.59 10.94 -15.82
N LYS B 237 18.66 11.89 -15.71
CA LYS B 237 18.60 12.80 -14.57
C LYS B 237 17.53 12.34 -13.58
N ARG B 238 17.75 12.64 -12.31
CA ARG B 238 16.81 12.33 -11.26
C ARG B 238 15.76 13.45 -11.14
N ARG B 239 14.61 13.09 -10.60
CA ARG B 239 13.50 14.02 -10.40
C ARG B 239 13.11 14.05 -8.93
N ALA B 240 12.24 15.01 -8.60
CA ALA B 240 11.71 15.17 -7.26
C ALA B 240 10.21 14.90 -7.25
N ILE B 241 9.74 14.35 -6.14
CA ILE B 241 8.32 14.06 -5.95
C ILE B 241 7.89 14.64 -4.60
N ALA B 242 6.58 14.78 -4.43
CA ALA B 242 6.03 15.45 -3.26
C ALA B 242 4.99 14.57 -2.59
N THR B 243 4.83 14.80 -1.29
CA THR B 243 3.84 14.12 -0.47
C THR B 243 3.10 15.15 0.37
N PRO B 244 1.78 15.20 0.30
CA PRO B 244 1.03 16.21 1.07
C PRO B 244 0.77 15.75 2.49
N GLY B 245 0.15 16.64 3.26
CA GLY B 245 -0.18 16.37 4.65
C GLY B 245 -1.48 15.59 4.78
N MET B 246 -2.01 15.58 5.99
CA MET B 246 -3.25 14.87 6.28
C MET B 246 -4.48 15.76 6.28
N GLN B 247 -4.31 17.07 6.47
CA GLN B 247 -5.46 17.97 6.45
C GLN B 247 -6.07 18.05 5.07
N ILE B 248 -5.27 17.90 4.02
CA ILE B 248 -5.71 18.12 2.66
C ILE B 248 -6.00 16.82 1.91
N ARG B 249 -5.73 15.66 2.51
CA ARG B 249 -5.92 14.41 1.80
C ARG B 249 -7.39 14.00 1.67
N GLY B 250 -8.25 14.41 2.60
CA GLY B 250 -9.67 14.09 2.46
C GLY B 250 -10.31 14.82 1.28
N PHE B 251 -10.01 16.11 1.15
CA PHE B 251 -10.51 16.85 -0.01
C PHE B 251 -9.97 16.27 -1.31
N VAL B 252 -8.69 15.90 -1.31
CA VAL B 252 -8.11 15.26 -2.49
C VAL B 252 -8.82 13.96 -2.80
N TYR B 253 -9.13 13.17 -1.77
CA TYR B 253 -9.83 11.92 -1.98
C TYR B 253 -11.19 12.15 -2.63
N PHE B 254 -11.95 13.14 -2.12
CA PHE B 254 -13.26 13.42 -2.70
C PHE B 254 -13.14 13.92 -4.13
N VAL B 255 -12.18 14.82 -4.39
CA VAL B 255 -12.02 15.35 -5.74
C VAL B 255 -11.64 14.25 -6.71
N GLU B 256 -10.73 13.36 -6.29
CA GLU B 256 -10.32 12.25 -7.16
C GLU B 256 -11.45 11.25 -7.34
N THR B 257 -12.31 11.07 -6.33
CA THR B 257 -13.48 10.23 -6.52
C THR B 257 -14.38 10.81 -7.60
N LEU B 258 -14.62 12.12 -7.56
CA LEU B 258 -15.43 12.75 -8.60
C LEU B 258 -14.77 12.60 -9.97
N ALA B 259 -13.46 12.84 -10.04
CA ALA B 259 -12.77 12.77 -11.32
C ALA B 259 -12.78 11.35 -11.88
N ARG B 260 -12.62 10.34 -11.01
CA ARG B 260 -12.70 8.96 -11.46
C ARG B 260 -14.10 8.62 -11.96
N SER B 261 -15.12 9.05 -11.23
CA SER B 261 -16.48 8.80 -11.69
C SER B 261 -16.73 9.46 -13.04
N ILE B 262 -16.12 10.63 -13.27
CA ILE B 262 -16.29 11.32 -14.55
C ILE B 262 -15.57 10.56 -15.66
N CYS B 263 -14.29 10.24 -15.43
CA CYS B 263 -13.48 9.59 -16.45
C CYS B 263 -14.03 8.22 -16.81
N GLU B 264 -14.64 7.52 -15.85
CA GLU B 264 -15.22 6.22 -16.16
C GLU B 264 -16.31 6.34 -17.21
N LYS B 265 -16.89 7.52 -17.39
CA LYS B 265 -17.90 7.76 -18.42
C LYS B 265 -17.30 8.27 -19.72
N LEU B 266 -15.98 8.44 -19.78
CA LEU B 266 -15.30 8.92 -20.98
C LEU B 266 -14.47 7.78 -21.55
N GLU B 267 -14.73 7.42 -22.81
CA GLU B 267 -13.97 6.38 -23.47
C GLU B 267 -12.61 6.87 -23.97
N GLN B 268 -12.40 8.18 -24.05
CA GLN B 268 -11.12 8.72 -24.50
C GLN B 268 -10.09 8.74 -23.39
N SER B 269 -10.49 8.53 -22.14
CA SER B 269 -9.56 8.47 -21.02
C SER B 269 -9.05 7.05 -20.83
N GLY B 270 -7.83 6.93 -20.31
CA GLY B 270 -7.23 5.64 -20.09
C GLY B 270 -6.49 5.53 -18.77
N LEU B 271 -6.70 6.50 -17.89
CA LEU B 271 -6.01 6.55 -16.61
C LEU B 271 -6.64 5.62 -15.58
N PRO B 272 -7.97 5.61 -15.43
CA PRO B 272 -8.60 4.75 -14.41
C PRO B 272 -8.73 3.28 -14.80
N VAL B 273 -8.09 2.85 -15.87
CA VAL B 273 -8.18 1.45 -16.31
C VAL B 273 -6.81 0.80 -16.21
N GLY B 274 -6.74 -0.49 -16.52
CA GLY B 274 -5.48 -1.22 -16.52
C GLY B 274 -4.77 -1.12 -17.86
N GLY B 275 -3.80 -2.01 -18.05
CA GLY B 275 -3.04 -2.01 -19.28
C GLY B 275 -3.78 -2.63 -20.44
N ASN B 276 -4.39 -3.80 -20.21
CA ASN B 276 -5.08 -4.48 -21.30
C ASN B 276 -6.27 -3.66 -21.79
N GLU B 277 -6.98 -3.02 -20.87
CA GLU B 277 -8.07 -2.12 -21.28
C GLU B 277 -7.52 -0.96 -22.09
N LYS B 278 -6.36 -0.44 -21.70
CA LYS B 278 -5.71 0.61 -22.47
C LYS B 278 -5.44 0.16 -23.89
N LYS B 279 -4.88 -1.04 -24.04
CA LYS B 279 -4.60 -1.56 -25.38
C LYS B 279 -5.88 -1.73 -26.18
N ALA B 280 -6.92 -2.26 -25.55
CA ALA B 280 -8.19 -2.47 -26.25
C ALA B 280 -8.76 -1.15 -26.75
N LYS B 281 -8.74 -0.12 -25.89
CA LYS B 281 -9.26 1.17 -26.30
C LYS B 281 -8.41 1.80 -27.40
N LEU B 282 -7.09 1.63 -27.32
CA LEU B 282 -6.23 2.16 -28.38
C LEU B 282 -6.53 1.49 -29.71
N ALA B 283 -6.68 0.17 -29.70
CA ALA B 283 -7.03 -0.54 -30.93
C ALA B 283 -8.38 -0.08 -31.47
N ASN B 284 -9.36 0.07 -30.58
CA ASN B 284 -10.69 0.50 -31.02
C ASN B 284 -10.62 1.89 -31.66
N VAL B 285 -9.89 2.82 -31.03
CA VAL B 285 -9.86 4.18 -31.56
C VAL B 285 -9.12 4.23 -32.89
N VAL B 286 -8.01 3.51 -33.01
CA VAL B 286 -7.29 3.52 -34.28
C VAL B 286 -8.14 2.92 -35.38
N ARG B 287 -8.83 1.81 -35.10
CA ARG B 287 -9.69 1.21 -36.10
C ARG B 287 -10.83 2.15 -36.49
N LYS B 288 -11.43 2.81 -35.49
CA LYS B 288 -12.52 3.75 -35.77
C LYS B 288 -12.04 4.89 -36.66
N MET B 289 -10.87 5.46 -36.34
CA MET B 289 -10.39 6.61 -37.09
C MET B 289 -9.99 6.23 -38.50
N MET B 290 -9.23 5.13 -38.66
CA MET B 290 -8.75 4.76 -39.98
C MET B 290 -9.87 4.17 -40.83
N THR B 291 -10.69 3.30 -40.25
CA THR B 291 -11.72 2.62 -41.02
C THR B 291 -12.75 3.60 -41.57
N ASN B 292 -13.21 4.52 -40.72
CA ASN B 292 -14.18 5.51 -41.18
C ASN B 292 -13.60 6.42 -42.24
N SER B 293 -12.28 6.64 -42.20
CA SER B 293 -11.62 7.45 -43.22
C SER B 293 -11.69 6.74 -44.57
N GLN B 294 -12.14 7.46 -45.59
CA GLN B 294 -12.23 6.91 -46.93
C GLN B 294 -10.88 7.00 -47.63
N ASP B 295 -10.85 6.59 -48.90
CA ASP B 295 -9.60 6.62 -49.65
C ASP B 295 -9.06 8.04 -49.79
N THR B 296 -9.94 9.04 -49.81
CA THR B 296 -9.49 10.41 -50.04
C THR B 296 -8.83 11.01 -48.80
N GLU B 297 -9.29 10.63 -47.61
CA GLU B 297 -8.75 11.17 -46.37
C GLU B 297 -7.48 10.43 -45.97
N LEU B 298 -6.43 11.19 -45.66
CA LEU B 298 -5.22 10.67 -45.09
C LEU B 298 -5.29 10.69 -43.57
N SER B 299 -4.56 9.75 -42.95
CA SER B 299 -4.58 9.56 -41.50
C SER B 299 -3.15 9.58 -40.99
N PHE B 300 -2.94 10.25 -39.85
CA PHE B 300 -1.61 10.32 -39.25
C PHE B 300 -1.73 10.19 -37.73
N THR B 301 -0.81 9.41 -37.15
CA THR B 301 -0.75 9.21 -35.72
C THR B 301 0.44 9.97 -35.14
N ILE B 302 0.16 10.74 -34.08
CA ILE B 302 1.18 11.47 -33.33
C ILE B 302 1.35 10.76 -32.00
N THR B 303 2.59 10.37 -31.70
CA THR B 303 2.93 9.71 -30.44
C THR B 303 3.49 10.76 -29.49
N GLY B 304 2.60 11.49 -28.84
CA GLY B 304 2.96 12.72 -28.15
C GLY B 304 3.21 12.53 -26.67
N ASP B 305 4.25 13.21 -26.19
CA ASP B 305 4.53 13.34 -24.77
C ASP B 305 4.50 14.83 -24.42
N ASN B 306 3.99 15.13 -23.23
CA ASN B 306 3.86 16.51 -22.78
C ASN B 306 5.02 16.88 -21.87
N THR B 307 5.74 17.93 -22.25
CA THR B 307 6.87 18.39 -21.46
C THR B 307 6.39 19.23 -20.29
N LYS B 308 6.90 18.94 -19.10
CA LYS B 308 6.56 19.68 -17.89
C LYS B 308 5.05 19.70 -17.68
N TRP B 309 4.48 18.51 -17.65
CA TRP B 309 3.03 18.37 -17.54
C TRP B 309 2.52 18.94 -16.23
N ASN B 310 3.13 18.52 -15.11
CA ASN B 310 2.62 18.92 -13.80
C ASN B 310 2.96 20.36 -13.48
N GLU B 311 4.10 20.86 -13.96
CA GLU B 311 4.54 22.21 -13.60
C GLU B 311 3.70 23.29 -14.25
N ASN B 312 2.92 22.96 -15.28
CA ASN B 312 2.16 23.95 -16.03
C ASN B 312 0.66 23.86 -15.78
N GLN B 313 0.23 23.06 -14.82
CA GLN B 313 -1.19 22.91 -14.50
C GLN B 313 -1.49 23.71 -13.24
N ASN B 314 -2.22 24.81 -13.41
CA ASN B 314 -2.48 25.72 -12.29
C ASN B 314 -3.68 25.24 -11.48
N PRO B 315 -3.55 25.13 -10.15
CA PRO B 315 -4.70 24.67 -9.35
C PRO B 315 -5.93 25.54 -9.48
N ARG B 316 -5.76 26.85 -9.74
CA ARG B 316 -6.93 27.70 -9.93
C ARG B 316 -7.78 27.22 -11.10
N MET B 317 -7.14 26.68 -12.14
CA MET B 317 -7.90 26.18 -13.27
C MET B 317 -8.68 24.93 -12.89
N PHE B 318 -8.09 24.07 -12.06
CA PHE B 318 -8.85 22.93 -11.54
C PHE B 318 -10.03 23.39 -10.70
N LEU B 319 -9.85 24.46 -9.91
CA LEU B 319 -10.97 25.03 -9.19
C LEU B 319 -12.08 25.47 -10.14
N ALA B 320 -11.70 26.13 -11.23
CA ALA B 320 -12.69 26.55 -12.23
C ALA B 320 -13.41 25.35 -12.83
N MET B 321 -12.66 24.30 -13.18
CA MET B 321 -13.27 23.12 -13.77
C MET B 321 -14.25 22.47 -12.81
N ILE B 322 -13.87 22.34 -11.53
CA ILE B 322 -14.77 21.68 -10.60
C ILE B 322 -16.00 22.53 -10.31
N THR B 323 -15.83 23.86 -10.19
CA THR B 323 -17.01 24.69 -9.94
C THR B 323 -17.94 24.74 -11.13
N TYR B 324 -17.41 24.55 -12.35
CA TYR B 324 -18.29 24.37 -13.49
C TYR B 324 -18.95 22.99 -13.46
N ILE B 325 -18.23 21.97 -13.02
CA ILE B 325 -18.79 20.63 -12.95
C ILE B 325 -19.91 20.58 -11.92
N THR B 326 -19.72 21.24 -10.77
CA THR B 326 -20.66 21.18 -9.66
C THR B 326 -21.71 22.29 -9.72
N ARG B 327 -22.02 22.80 -10.91
CA ARG B 327 -23.10 23.78 -11.03
C ARG B 327 -24.45 23.12 -10.76
N ASN B 328 -25.36 23.90 -10.20
CA ASN B 328 -26.70 23.42 -9.88
C ASN B 328 -26.65 22.20 -8.96
N GLN B 329 -25.83 22.30 -7.93
CA GLN B 329 -25.67 21.27 -6.91
C GLN B 329 -25.72 21.92 -5.54
N PRO B 330 -25.95 21.13 -4.49
CA PRO B 330 -26.00 21.71 -3.14
C PRO B 330 -24.71 22.48 -2.83
N GLU B 331 -24.86 23.63 -2.18
CA GLU B 331 -23.72 24.51 -1.96
C GLU B 331 -22.66 23.84 -1.08
N TRP B 332 -23.08 22.99 -0.15
CA TRP B 332 -22.10 22.33 0.70
C TRP B 332 -21.22 21.38 -0.11
N PHE B 333 -21.80 20.67 -1.08
CA PHE B 333 -21.02 19.82 -1.96
C PHE B 333 -20.00 20.65 -2.74
N ARG B 334 -20.43 21.77 -3.29
CA ARG B 334 -19.51 22.64 -4.03
C ARG B 334 -18.38 23.12 -3.13
N ASN B 335 -18.70 23.52 -1.90
CA ASN B 335 -17.68 24.01 -1.00
C ASN B 335 -16.67 22.92 -0.66
N VAL B 336 -17.16 21.72 -0.32
CA VAL B 336 -16.25 20.65 0.09
C VAL B 336 -15.38 20.21 -1.07
N LEU B 337 -15.90 20.21 -2.29
CA LEU B 337 -15.09 19.88 -3.45
C LEU B 337 -14.17 21.02 -3.88
N SER B 338 -14.49 22.26 -3.51
CA SER B 338 -13.64 23.40 -3.87
C SER B 338 -12.53 23.65 -2.87
N ILE B 339 -12.65 23.12 -1.65
CA ILE B 339 -11.62 23.37 -0.64
C ILE B 339 -10.25 22.90 -1.12
N ALA B 340 -10.21 21.75 -1.82
CA ALA B 340 -8.92 21.18 -2.20
C ALA B 340 -8.13 22.10 -3.13
N PRO B 341 -8.63 22.48 -4.31
CA PRO B 341 -7.85 23.39 -5.16
C PRO B 341 -7.55 24.71 -4.50
N ILE B 342 -8.40 25.16 -3.57
CA ILE B 342 -8.11 26.40 -2.85
C ILE B 342 -6.83 26.24 -2.05
N MET B 343 -6.64 25.08 -1.43
CA MET B 343 -5.41 24.85 -0.67
C MET B 343 -4.22 24.59 -1.58
N PHE B 344 -4.42 23.89 -2.70
CA PHE B 344 -3.31 23.71 -3.64
C PHE B 344 -2.84 25.04 -4.22
N SER B 345 -3.76 25.97 -4.47
CA SER B 345 -3.35 27.27 -5.02
C SER B 345 -2.42 28.01 -4.06
N ASN B 346 -2.53 27.73 -2.76
CA ASN B 346 -1.66 28.32 -1.75
C ASN B 346 -0.66 27.32 -1.19
N LYS B 347 -0.44 26.21 -1.89
CA LYS B 347 0.41 25.15 -1.36
C LYS B 347 1.84 25.62 -1.21
N MET B 348 2.50 25.13 -0.17
CA MET B 348 3.92 25.34 0.04
C MET B 348 4.65 24.01 -0.05
N ALA B 349 5.93 24.07 -0.38
CA ALA B 349 6.76 22.88 -0.53
C ALA B 349 7.97 23.00 0.37
N ARG B 350 8.22 21.96 1.17
CA ARG B 350 9.44 21.89 1.95
C ARG B 350 10.62 21.62 1.02
N LEU B 351 11.71 22.36 1.21
CA LEU B 351 12.82 22.29 0.28
C LEU B 351 13.41 20.88 0.24
N GLY B 352 13.56 20.25 1.40
CA GLY B 352 14.03 18.87 1.43
C GLY B 352 14.91 18.54 2.62
N LYS B 353 15.72 17.49 2.48
CA LYS B 353 16.57 17.05 3.58
C LYS B 353 17.60 18.11 3.94
N GLY B 354 18.21 18.72 2.94
CA GLY B 354 19.23 19.74 3.17
C GLY B 354 20.41 19.59 2.23
N TYR B 355 21.59 19.96 2.69
CA TYR B 355 22.80 19.84 1.89
C TYR B 355 23.96 19.39 2.76
N MET B 356 24.78 18.49 2.23
CA MET B 356 25.94 17.97 2.95
C MET B 356 27.21 18.54 2.33
N PHE B 357 28.07 19.09 3.18
CA PHE B 357 29.34 19.68 2.79
C PHE B 357 30.49 18.81 3.27
N GLU B 358 31.61 18.87 2.53
CA GLU B 358 32.82 18.16 2.91
C GLU B 358 34.00 19.12 2.88
N SER B 359 34.88 18.99 3.86
CA SER B 359 36.13 19.75 3.92
C SER B 359 37.28 18.75 3.92
N LYS B 360 38.00 18.68 2.80
CA LYS B 360 39.11 17.75 2.68
C LYS B 360 40.35 18.24 3.42
N SER B 361 40.55 19.55 3.50
CA SER B 361 41.70 20.08 4.23
C SER B 361 41.65 19.67 5.69
N MET B 362 40.49 19.82 6.33
CA MET B 362 40.29 19.38 7.70
C MET B 362 39.69 17.98 7.79
N LYS B 363 39.32 17.38 6.66
CA LYS B 363 38.85 15.99 6.62
C LYS B 363 37.64 15.79 7.52
N LEU B 364 36.54 16.46 7.16
CA LEU B 364 35.31 16.34 7.92
C LEU B 364 34.13 16.54 6.98
N ARG B 365 32.93 16.23 7.48
CA ARG B 365 31.71 16.44 6.72
C ARG B 365 30.64 17.03 7.65
N THR B 366 29.67 17.69 7.04
CA THR B 366 28.62 18.39 7.76
C THR B 366 27.33 18.27 7.00
N GLN B 367 26.21 18.36 7.71
CA GLN B 367 24.87 18.26 7.11
C GLN B 367 24.04 19.43 7.61
N ILE B 368 23.76 20.39 6.73
CA ILE B 368 22.95 21.56 7.06
C ILE B 368 21.51 21.29 6.61
N PRO B 369 20.52 21.52 7.46
CA PRO B 369 19.13 21.33 7.02
C PRO B 369 18.73 22.37 5.98
N ALA B 370 17.72 22.03 5.20
CA ALA B 370 17.27 22.92 4.13
C ALA B 370 16.71 24.22 4.68
N GLU B 371 16.18 24.20 5.91
CA GLU B 371 15.56 25.40 6.46
C GLU B 371 16.55 26.55 6.61
N MET B 372 17.85 26.27 6.59
CA MET B 372 18.85 27.32 6.68
C MET B 372 19.14 27.99 5.34
N LEU B 373 18.58 27.48 4.25
CA LEU B 373 18.86 28.06 2.94
C LEU B 373 18.43 29.52 2.85
N ALA B 374 17.47 29.94 3.67
CA ALA B 374 17.00 31.32 3.60
C ALA B 374 18.06 32.29 4.09
N SER B 375 18.82 31.91 5.13
CA SER B 375 19.78 32.81 5.76
C SER B 375 21.23 32.41 5.56
N ILE B 376 21.50 31.13 5.28
CA ILE B 376 22.88 30.68 5.15
C ILE B 376 23.58 31.42 4.02
N ASP B 377 24.83 31.80 4.25
CA ASP B 377 25.62 32.45 3.21
C ASP B 377 25.77 31.50 2.02
N LEU B 378 26.12 32.09 0.87
CA LEU B 378 26.21 31.36 -0.38
C LEU B 378 27.65 31.00 -0.77
N LYS B 379 28.58 31.13 0.17
CA LYS B 379 29.98 30.79 -0.14
C LYS B 379 30.20 29.30 -0.29
N TYR B 380 29.37 28.47 0.33
CA TYR B 380 29.56 27.02 0.31
C TYR B 380 28.98 26.36 -0.95
N PHE B 381 28.12 27.06 -1.70
CA PHE B 381 27.40 26.47 -2.80
C PHE B 381 28.08 26.76 -4.13
N ASN B 382 27.98 25.81 -5.05
CA ASN B 382 28.54 26.00 -6.38
C ASN B 382 27.72 27.03 -7.16
N ASP B 383 28.16 27.32 -8.38
CA ASP B 383 27.50 28.37 -9.16
C ASP B 383 26.05 28.02 -9.43
N SER B 384 25.78 26.78 -9.86
CA SER B 384 24.42 26.38 -10.19
C SER B 384 23.52 26.46 -8.96
N THR B 385 23.93 25.82 -7.87
CA THR B 385 23.14 25.86 -6.65
C THR B 385 23.07 27.27 -6.07
N ARG B 386 24.15 28.04 -6.18
CA ARG B 386 24.11 29.42 -5.73
C ARG B 386 23.02 30.19 -6.45
N LYS B 387 22.96 30.08 -7.78
CA LYS B 387 21.95 30.80 -8.53
C LYS B 387 20.55 30.28 -8.22
N LYS B 388 20.40 28.96 -8.06
CA LYS B 388 19.09 28.42 -7.72
C LYS B 388 18.59 28.98 -6.40
N ILE B 389 19.47 29.01 -5.39
CA ILE B 389 19.08 29.55 -4.09
C ILE B 389 18.78 31.04 -4.20
N GLU B 390 19.59 31.78 -4.94
CA GLU B 390 19.34 33.21 -5.09
C GLU B 390 17.98 33.45 -5.74
N LYS B 391 17.59 32.61 -6.69
CA LYS B 391 16.32 32.79 -7.38
C LYS B 391 15.14 32.34 -6.53
N ILE B 392 15.32 31.32 -5.69
CA ILE B 392 14.21 30.81 -4.90
C ILE B 392 14.05 31.49 -3.54
N ARG B 393 15.06 32.23 -3.09
CA ARG B 393 14.97 32.86 -1.76
C ARG B 393 13.75 33.75 -1.60
N PRO B 394 13.38 34.59 -2.57
CA PRO B 394 12.24 35.49 -2.36
C PRO B 394 10.96 34.76 -2.01
N LEU B 395 10.83 33.50 -2.42
CA LEU B 395 9.65 32.70 -2.15
C LEU B 395 9.75 31.90 -0.86
N LEU B 396 10.84 32.01 -0.12
CA LEU B 396 11.02 31.23 1.10
C LEU B 396 10.26 31.88 2.24
N ILE B 397 9.36 31.14 2.86
CA ILE B 397 8.59 31.59 4.02
C ILE B 397 8.63 30.48 5.06
N ASP B 398 9.37 30.71 6.14
CA ASP B 398 9.45 29.76 7.25
C ASP B 398 10.01 28.41 6.78
N GLY B 399 11.10 28.46 6.02
CA GLY B 399 11.77 27.25 5.60
C GLY B 399 11.09 26.47 4.50
N THR B 400 10.04 27.03 3.89
CA THR B 400 9.33 26.37 2.80
C THR B 400 9.03 27.39 1.72
N ALA B 401 8.99 26.93 0.47
CA ALA B 401 8.82 27.80 -0.68
C ALA B 401 7.40 27.71 -1.21
N SER B 402 6.81 28.87 -1.50
CA SER B 402 5.46 28.90 -2.07
C SER B 402 5.50 28.39 -3.51
N LEU B 403 4.59 27.49 -3.83
CA LEU B 403 4.51 26.86 -5.14
C LEU B 403 3.11 26.98 -5.72
N SER B 404 2.57 28.19 -5.67
CA SER B 404 1.22 28.42 -6.19
C SER B 404 1.08 28.12 -7.68
N PRO B 405 2.02 28.47 -8.56
CA PRO B 405 1.72 28.46 -10.00
C PRO B 405 1.20 27.14 -10.54
N GLY B 406 1.70 26.00 -10.07
CA GLY B 406 1.31 24.74 -10.67
C GLY B 406 1.51 23.56 -9.75
N MET B 407 0.93 22.43 -10.15
CA MET B 407 1.05 21.21 -9.37
C MET B 407 2.49 20.72 -9.35
N MET B 408 2.81 19.96 -8.30
CA MET B 408 4.17 19.47 -8.09
C MET B 408 4.39 18.10 -8.72
N MET B 409 3.62 17.08 -8.31
CA MET B 409 3.78 15.75 -8.87
C MET B 409 2.40 15.07 -8.89
N GLY B 410 1.72 15.20 -10.03
CA GLY B 410 0.55 14.41 -10.34
C GLY B 410 -0.36 14.07 -9.19
N MET B 411 -0.66 15.03 -8.30
CA MET B 411 -1.66 14.78 -7.28
C MET B 411 -3.06 14.73 -7.89
N PHE B 412 -3.36 15.66 -8.81
CA PHE B 412 -4.60 15.62 -9.58
C PHE B 412 -4.34 14.98 -10.94
N ASN B 413 -4.06 13.67 -10.90
CA ASN B 413 -3.92 12.92 -12.15
C ASN B 413 -5.24 12.90 -12.92
N MET B 414 -6.34 12.60 -12.21
CA MET B 414 -7.60 12.36 -12.90
C MET B 414 -8.17 13.64 -13.49
N LEU B 415 -8.03 14.77 -12.80
CA LEU B 415 -8.49 16.04 -13.35
C LEU B 415 -7.66 16.45 -14.57
N SER B 416 -6.35 16.20 -14.52
CA SER B 416 -5.52 16.45 -15.69
C SER B 416 -5.95 15.59 -16.86
N THR B 417 -6.28 14.33 -16.60
CA THR B 417 -6.80 13.47 -17.66
C THR B 417 -8.13 14.00 -18.19
N VAL B 418 -8.97 14.55 -17.30
CA VAL B 418 -10.22 15.14 -17.75
C VAL B 418 -9.97 16.30 -18.69
N LEU B 419 -9.02 17.17 -18.34
CA LEU B 419 -8.70 18.30 -19.21
C LEU B 419 -8.18 17.82 -20.56
N GLY B 420 -7.30 16.82 -20.54
CA GLY B 420 -6.79 16.28 -21.80
C GLY B 420 -7.88 15.65 -22.65
N VAL B 421 -8.82 14.95 -22.01
CA VAL B 421 -9.93 14.36 -22.73
C VAL B 421 -10.83 15.44 -23.31
N SER B 422 -11.00 16.55 -22.59
CA SER B 422 -11.75 17.68 -23.15
C SER B 422 -11.07 18.20 -24.39
N ILE B 423 -9.75 18.34 -24.35
CA ILE B 423 -9.02 18.78 -25.54
C ILE B 423 -9.22 17.79 -26.69
N LEU B 424 -9.11 16.49 -26.39
CA LEU B 424 -9.27 15.48 -27.44
C LEU B 424 -10.66 15.56 -28.06
N ASN B 425 -11.69 15.71 -27.23
CA ASN B 425 -13.07 15.74 -27.73
C ASN B 425 -13.38 17.04 -28.45
N LEU B 426 -12.64 18.11 -28.17
CA LEU B 426 -12.88 19.38 -28.82
C LEU B 426 -12.61 19.35 -30.32
N GLY B 427 -12.19 18.22 -30.87
CA GLY B 427 -11.96 18.10 -32.30
C GLY B 427 -12.78 17.00 -32.94
N GLN B 428 -14.04 16.88 -32.51
CA GLN B 428 -14.94 15.83 -32.99
C GLN B 428 -15.52 16.11 -34.38
N LYS B 429 -14.98 17.09 -35.10
CA LYS B 429 -15.42 17.56 -36.40
C LYS B 429 -16.69 18.41 -36.30
N ARG B 430 -17.31 18.50 -35.13
CA ARG B 430 -18.42 19.43 -34.93
C ARG B 430 -17.95 20.78 -34.43
N TYR B 431 -16.79 20.82 -33.75
CA TYR B 431 -16.20 22.06 -33.30
C TYR B 431 -15.04 22.51 -34.18
N THR B 432 -14.42 21.60 -34.93
CA THR B 432 -13.34 21.99 -35.82
C THR B 432 -13.83 22.91 -36.93
N LYS B 433 -15.02 22.64 -37.45
CA LYS B 433 -15.59 23.43 -38.54
C LYS B 433 -14.70 23.40 -39.78
N THR B 434 -14.04 22.28 -40.02
CA THR B 434 -13.14 22.14 -41.16
C THR B 434 -13.05 20.66 -41.53
N THR B 435 -12.52 20.40 -42.72
CA THR B 435 -12.42 19.03 -43.20
C THR B 435 -11.61 18.16 -42.25
N TYR B 436 -10.52 18.68 -41.72
CA TYR B 436 -9.68 17.90 -40.83
C TYR B 436 -10.38 17.68 -39.48
N TRP B 437 -9.97 16.61 -38.80
CA TRP B 437 -10.49 16.31 -37.47
C TRP B 437 -9.50 15.38 -36.78
N TRP B 438 -9.68 15.19 -35.48
CA TRP B 438 -8.76 14.38 -34.72
C TRP B 438 -9.48 13.71 -33.56
N ASP B 439 -8.87 12.63 -33.07
CA ASP B 439 -9.30 11.95 -31.87
C ASP B 439 -8.06 11.29 -31.26
N GLY B 440 -8.26 10.46 -30.25
CA GLY B 440 -7.14 9.73 -29.70
C GLY B 440 -7.39 9.37 -28.25
N LEU B 441 -6.28 9.08 -27.56
CA LEU B 441 -6.35 8.66 -26.16
C LEU B 441 -5.32 9.45 -25.36
N GLN B 442 -5.74 9.89 -24.17
CA GLN B 442 -4.92 10.70 -23.27
C GLN B 442 -4.79 9.96 -21.95
N SER B 443 -3.56 9.79 -21.47
CA SER B 443 -3.30 9.40 -20.10
C SER B 443 -2.20 10.28 -19.58
N SER B 444 -2.43 10.96 -18.46
CA SER B 444 -1.66 12.12 -18.05
C SER B 444 -0.18 11.99 -18.43
N ASP B 445 0.33 13.02 -19.12
CA ASP B 445 1.71 13.17 -19.55
C ASP B 445 2.03 12.38 -20.83
N ASP B 446 1.05 11.71 -21.41
CA ASP B 446 1.25 10.86 -22.58
C ASP B 446 -0.04 10.82 -23.38
N PHE B 447 0.08 10.79 -24.71
CA PHE B 447 -1.12 10.70 -25.52
C PHE B 447 -0.79 10.17 -26.91
N ALA B 448 -1.79 9.58 -27.54
CA ALA B 448 -1.75 9.19 -28.93
C ALA B 448 -2.87 9.94 -29.64
N LEU B 449 -2.53 10.63 -30.74
CA LEU B 449 -3.48 11.48 -31.44
C LEU B 449 -3.58 11.05 -32.89
N ILE B 450 -4.73 10.55 -33.29
CA ILE B 450 -4.99 10.16 -34.66
C ILE B 450 -5.76 11.31 -35.33
N VAL B 451 -5.15 11.91 -36.34
CA VAL B 451 -5.71 13.07 -37.03
C VAL B 451 -5.90 12.70 -38.50
N ASN B 452 -7.11 12.94 -39.01
CA ASN B 452 -7.43 12.66 -40.40
C ASN B 452 -7.79 13.97 -41.11
N ALA B 453 -7.38 14.04 -42.37
CA ALA B 453 -7.64 15.23 -43.18
C ALA B 453 -7.45 14.86 -44.65
N PRO B 454 -8.16 15.52 -45.57
CA PRO B 454 -8.11 15.12 -46.98
C PRO B 454 -6.73 15.25 -47.62
N ASN B 455 -5.84 16.07 -47.07
CA ASN B 455 -4.53 16.29 -47.67
C ASN B 455 -3.53 16.62 -46.58
N HIS B 456 -2.24 16.53 -46.94
CA HIS B 456 -1.19 16.81 -45.98
C HIS B 456 -1.34 18.19 -45.38
N GLU B 457 -1.81 19.16 -46.18
CA GLU B 457 -2.07 20.49 -45.65
C GLU B 457 -3.14 20.44 -44.57
N GLY B 458 -4.18 19.62 -44.77
CA GLY B 458 -5.20 19.48 -43.75
C GLY B 458 -4.66 18.87 -42.48
N ILE B 459 -3.81 17.85 -42.60
CA ILE B 459 -3.20 17.25 -41.41
C ILE B 459 -2.34 18.26 -40.68
N GLN B 460 -1.55 19.05 -41.42
CA GLN B 460 -0.71 20.06 -40.79
C GLN B 460 -1.55 21.09 -40.06
N ALA B 461 -2.63 21.56 -40.70
CA ALA B 461 -3.49 22.53 -40.05
C ALA B 461 -4.15 21.95 -38.80
N GLY B 462 -4.59 20.69 -38.88
CA GLY B 462 -5.22 20.08 -37.72
C GLY B 462 -4.27 19.95 -36.56
N VAL B 463 -3.05 19.46 -36.81
CA VAL B 463 -2.09 19.32 -35.72
C VAL B 463 -1.70 20.69 -35.17
N ASP B 464 -1.56 21.69 -36.04
CA ASP B 464 -1.22 23.03 -35.58
C ASP B 464 -2.31 23.58 -34.67
N ARG B 465 -3.58 23.42 -35.06
CA ARG B 465 -4.67 23.92 -34.24
C ARG B 465 -4.77 23.15 -32.93
N PHE B 466 -4.54 21.84 -32.96
CA PHE B 466 -4.55 21.06 -31.72
C PHE B 466 -3.47 21.55 -30.77
N TYR B 467 -2.26 21.78 -31.29
CA TYR B 467 -1.18 22.30 -30.47
C TYR B 467 -1.53 23.67 -29.90
N ARG B 468 -2.10 24.55 -30.73
CA ARG B 468 -2.45 25.88 -30.27
C ARG B 468 -3.50 25.83 -29.18
N THR B 469 -4.53 24.99 -29.35
CA THR B 469 -5.55 24.85 -28.32
C THR B 469 -4.96 24.29 -27.03
N CYS B 470 -4.02 23.35 -27.15
CA CYS B 470 -3.36 22.82 -25.97
C CYS B 470 -2.61 23.92 -25.23
N LYS B 471 -1.93 24.80 -25.97
CA LYS B 471 -1.22 25.90 -25.34
C LYS B 471 -2.15 26.90 -24.66
N LEU B 472 -3.43 26.94 -25.04
CA LEU B 472 -4.38 27.82 -24.37
C LEU B 472 -4.90 27.24 -23.07
N LEU B 473 -4.62 25.98 -22.79
CA LEU B 473 -5.07 25.32 -21.56
C LEU B 473 -3.91 25.01 -20.61
N GLY B 474 -2.74 25.60 -20.87
CA GLY B 474 -1.60 25.35 -20.01
C GLY B 474 -0.95 24.01 -20.23
N ILE B 475 -1.25 23.33 -21.33
CA ILE B 475 -0.69 22.03 -21.65
C ILE B 475 0.28 22.20 -22.80
N ASN B 476 1.48 21.65 -22.65
CA ASN B 476 2.53 21.77 -23.64
C ASN B 476 2.85 20.40 -24.23
N MET B 477 3.16 20.38 -25.52
CA MET B 477 3.53 19.14 -26.22
C MET B 477 5.04 19.11 -26.39
N SER B 478 5.66 18.01 -25.95
CA SER B 478 7.11 17.87 -26.03
C SER B 478 7.49 17.55 -27.47
N LYS B 479 8.03 18.55 -28.18
CA LYS B 479 8.43 18.34 -29.57
C LYS B 479 9.62 17.41 -29.68
N LYS B 480 10.47 17.32 -28.66
CA LYS B 480 11.65 16.48 -28.74
C LYS B 480 11.31 15.00 -28.56
N LYS B 481 10.29 14.68 -27.76
CA LYS B 481 9.92 13.30 -27.49
C LYS B 481 8.67 12.87 -28.27
N SER B 482 8.31 13.60 -29.33
CA SER B 482 7.10 13.31 -30.08
C SER B 482 7.43 13.21 -31.57
N TYR B 483 6.68 12.36 -32.26
CA TYR B 483 6.82 12.22 -33.70
C TYR B 483 5.51 11.75 -34.30
N ILE B 484 5.34 12.04 -35.59
CA ILE B 484 4.10 11.76 -36.32
C ILE B 484 4.44 10.89 -37.52
N ASN B 485 3.65 9.84 -37.72
CA ASN B 485 3.80 8.96 -38.88
C ASN B 485 2.41 8.62 -39.40
N ARG B 486 2.33 7.73 -40.39
CA ARG B 486 1.03 7.24 -40.82
C ARG B 486 0.48 6.25 -39.79
N THR B 487 -0.85 6.22 -39.70
CA THR B 487 -1.51 5.36 -38.74
C THR B 487 -1.23 3.90 -39.03
N GLY B 488 -1.11 3.10 -37.97
CA GLY B 488 -0.76 1.70 -38.09
C GLY B 488 0.44 1.35 -37.25
N THR B 489 1.22 2.38 -36.87
CA THR B 489 2.41 2.19 -36.05
C THR B 489 2.51 3.37 -35.09
N PHE B 490 2.59 3.08 -33.80
CA PHE B 490 2.72 4.14 -32.79
C PHE B 490 3.11 3.51 -31.46
N GLU B 491 3.22 4.35 -30.43
CA GLU B 491 3.58 3.93 -29.09
C GLU B 491 2.69 4.64 -28.08
N PHE B 492 2.49 3.99 -26.94
CA PHE B 492 1.71 4.59 -25.85
C PHE B 492 2.09 3.89 -24.56
N THR B 493 2.75 4.62 -23.66
CA THR B 493 3.12 4.10 -22.35
C THR B 493 3.81 2.73 -22.47
N SER B 494 4.90 2.71 -23.23
CA SER B 494 5.71 1.52 -23.43
C SER B 494 4.95 0.38 -24.08
N PHE B 495 3.80 0.68 -24.68
CA PHE B 495 3.04 -0.30 -25.48
C PHE B 495 3.22 0.09 -26.94
N PHE B 496 3.86 -0.78 -27.72
CA PHE B 496 4.18 -0.49 -29.11
C PHE B 496 3.15 -1.18 -29.99
N TYR B 497 2.38 -0.38 -30.72
CA TYR B 497 1.35 -0.89 -31.62
C TYR B 497 1.90 -0.86 -33.04
N ARG B 498 1.90 -2.03 -33.69
CA ARG B 498 2.31 -2.18 -35.09
C ARG B 498 1.29 -3.12 -35.74
N TYR B 499 0.22 -2.56 -36.28
CA TYR B 499 -0.87 -3.36 -36.82
C TYR B 499 -1.35 -4.38 -35.79
N GLY B 500 -1.35 -3.97 -34.52
CA GLY B 500 -1.63 -4.87 -33.42
C GLY B 500 -0.55 -4.79 -32.36
N PHE B 501 -0.93 -4.78 -31.09
CA PHE B 501 0.04 -4.61 -30.02
C PHE B 501 1.01 -5.79 -30.00
N VAL B 502 2.26 -5.48 -29.71
CA VAL B 502 3.34 -6.48 -29.66
C VAL B 502 3.82 -6.59 -28.22
N ALA B 503 4.01 -7.83 -27.77
CA ALA B 503 4.50 -8.07 -26.42
C ALA B 503 5.93 -7.57 -26.27
N ASN B 504 6.25 -7.12 -25.05
CA ASN B 504 7.57 -6.63 -24.72
C ASN B 504 8.32 -7.56 -23.78
N PHE B 505 7.74 -7.85 -22.62
CA PHE B 505 8.28 -8.81 -21.66
C PHE B 505 9.54 -8.29 -20.97
N SER B 506 10.07 -7.14 -21.42
CA SER B 506 11.20 -6.54 -20.76
C SER B 506 10.80 -5.59 -19.65
N MET B 507 9.54 -5.16 -19.64
CA MET B 507 9.03 -4.34 -18.54
C MET B 507 8.74 -5.17 -17.29
N GLU B 508 8.43 -6.45 -17.46
CA GLU B 508 8.08 -7.33 -16.35
C GLU B 508 9.25 -8.20 -15.91
N LEU B 509 10.41 -8.06 -16.54
CA LEU B 509 11.57 -8.87 -16.21
C LEU B 509 11.97 -8.68 -14.75
N PRO B 510 11.98 -7.44 -14.23
CA PRO B 510 12.37 -7.25 -12.83
C PRO B 510 11.48 -7.97 -11.83
N SER B 511 10.29 -8.42 -12.24
CA SER B 511 9.35 -9.05 -11.34
C SER B 511 9.45 -10.58 -11.36
N PHE B 512 10.52 -11.12 -11.94
CA PHE B 512 10.69 -12.56 -12.06
C PHE B 512 11.50 -13.18 -10.93
N GLY B 513 11.94 -12.38 -9.96
CA GLY B 513 12.70 -12.88 -8.84
C GLY B 513 11.83 -13.14 -7.63
N VAL B 514 12.48 -13.42 -6.51
CA VAL B 514 11.77 -13.60 -5.25
C VAL B 514 11.23 -12.24 -4.81
N SER B 515 9.92 -12.17 -4.59
CA SER B 515 9.29 -10.89 -4.27
C SER B 515 9.85 -10.32 -2.97
N GLY B 516 9.97 -11.16 -1.94
CA GLY B 516 10.52 -10.72 -0.67
C GLY B 516 9.47 -10.58 0.41
N ILE B 517 8.36 -11.30 0.28
CA ILE B 517 7.31 -11.27 1.28
C ILE B 517 7.58 -12.36 2.31
N ASN B 518 7.59 -13.60 1.87
CA ASN B 518 7.94 -14.76 2.69
C ASN B 518 8.07 -15.95 1.76
N GLU B 519 8.31 -17.13 2.33
CA GLU B 519 8.61 -18.30 1.50
C GLU B 519 7.40 -18.69 0.65
N SER B 520 6.28 -19.02 1.30
CA SER B 520 5.09 -19.42 0.57
C SER B 520 4.61 -18.29 -0.34
N ALA B 521 4.59 -17.05 0.19
CA ALA B 521 4.16 -15.92 -0.61
C ALA B 521 5.05 -15.73 -1.82
N ASP B 522 6.38 -15.83 -1.64
CA ASP B 522 7.29 -15.66 -2.76
C ASP B 522 7.08 -16.74 -3.81
N MET B 523 6.92 -17.99 -3.38
CA MET B 523 6.70 -19.07 -4.33
C MET B 523 5.43 -18.83 -5.14
N SER B 524 4.32 -18.54 -4.45
CA SER B 524 3.06 -18.32 -5.15
C SER B 524 3.14 -17.12 -6.07
N ILE B 525 3.77 -16.03 -5.62
CA ILE B 525 3.86 -14.83 -6.43
C ILE B 525 4.69 -15.08 -7.67
N GLY B 526 5.80 -15.82 -7.53
CA GLY B 526 6.63 -16.11 -8.69
C GLY B 526 5.89 -16.93 -9.73
N VAL B 527 5.23 -18.01 -9.28
CA VAL B 527 4.52 -18.85 -10.23
C VAL B 527 3.37 -18.08 -10.87
N THR B 528 2.66 -17.26 -10.08
CA THR B 528 1.55 -16.49 -10.63
C THR B 528 2.04 -15.43 -11.61
N VAL B 529 3.19 -14.82 -11.34
CA VAL B 529 3.75 -13.83 -12.27
C VAL B 529 4.12 -14.51 -13.58
N ILE B 530 4.75 -15.68 -13.50
CA ILE B 530 5.05 -16.43 -14.73
C ILE B 530 3.78 -16.70 -15.50
N LYS B 531 2.74 -17.17 -14.80
CA LYS B 531 1.46 -17.46 -15.46
C LYS B 531 0.90 -16.22 -16.14
N ASN B 532 0.84 -15.10 -15.41
CA ASN B 532 0.23 -13.89 -15.96
C ASN B 532 1.00 -13.40 -17.17
N ASN B 533 2.34 -13.34 -17.06
CA ASN B 533 3.14 -12.90 -18.20
C ASN B 533 3.04 -13.86 -19.37
N MET B 534 2.72 -15.13 -19.11
CA MET B 534 2.38 -16.03 -20.21
C MET B 534 1.03 -15.68 -20.84
N ILE B 535 0.07 -15.26 -20.02
CA ILE B 535 -1.26 -14.94 -20.55
C ILE B 535 -1.24 -13.61 -21.29
N ASN B 536 -0.64 -12.58 -20.68
CA ASN B 536 -0.72 -11.23 -21.22
C ASN B 536 0.46 -10.89 -22.14
N ASN B 537 1.69 -10.99 -21.62
CA ASN B 537 2.87 -10.55 -22.34
C ASN B 537 3.43 -11.61 -23.29
N ASP B 538 2.62 -12.61 -23.66
CA ASP B 538 2.98 -13.56 -24.71
C ASP B 538 4.33 -14.23 -24.42
N LEU B 539 4.52 -14.63 -23.17
CA LEU B 539 5.71 -15.38 -22.80
C LEU B 539 5.62 -16.80 -23.33
N GLY B 540 6.70 -17.27 -23.94
CA GLY B 540 6.71 -18.56 -24.58
C GLY B 540 6.72 -19.71 -23.60
N PRO B 541 6.29 -20.90 -24.06
CA PRO B 541 6.31 -22.06 -23.16
C PRO B 541 7.71 -22.43 -22.68
N ALA B 542 8.66 -22.60 -23.58
CA ALA B 542 10.02 -22.95 -23.18
C ALA B 542 10.63 -21.84 -22.33
N THR B 543 10.38 -20.58 -22.70
CA THR B 543 10.85 -19.48 -21.89
C THR B 543 10.24 -19.51 -20.49
N ALA B 544 8.95 -19.87 -20.40
CA ALA B 544 8.31 -19.97 -19.10
C ALA B 544 8.94 -21.09 -18.27
N GLN B 545 9.24 -22.22 -18.89
CA GLN B 545 9.90 -23.31 -18.17
C GLN B 545 11.27 -22.87 -17.68
N MET B 546 12.03 -22.18 -18.52
CA MET B 546 13.33 -21.66 -18.09
C MET B 546 13.17 -20.69 -16.93
N ALA B 547 12.16 -19.83 -16.99
CA ALA B 547 11.91 -18.88 -15.90
C ALA B 547 11.57 -19.61 -14.62
N LEU B 548 10.78 -20.68 -14.72
CA LEU B 548 10.46 -21.47 -13.53
C LEU B 548 11.71 -22.08 -12.94
N GLN B 549 12.58 -22.64 -13.79
CA GLN B 549 13.81 -23.26 -13.30
C GLN B 549 14.69 -22.24 -12.61
N LEU B 550 14.90 -21.08 -13.25
CA LEU B 550 15.75 -20.06 -12.67
C LEU B 550 15.16 -19.50 -11.37
N PHE B 551 13.84 -19.31 -11.34
CA PHE B 551 13.20 -18.82 -10.14
C PHE B 551 13.34 -19.82 -9.00
N ILE B 552 13.20 -21.11 -9.29
CA ILE B 552 13.37 -22.12 -8.25
C ILE B 552 14.81 -22.11 -7.74
N LYS B 553 15.78 -22.00 -8.65
CA LYS B 553 17.17 -21.95 -8.23
C LYS B 553 17.42 -20.76 -7.31
N ASP B 554 16.98 -19.58 -7.72
CA ASP B 554 17.18 -18.38 -6.90
C ASP B 554 16.43 -18.48 -5.58
N TYR B 555 15.23 -19.06 -5.59
CA TYR B 555 14.45 -19.22 -4.37
C TYR B 555 15.18 -20.13 -3.38
N ARG B 556 15.70 -21.25 -3.87
CA ARG B 556 16.43 -22.15 -2.98
C ARG B 556 17.72 -21.50 -2.47
N TYR B 557 18.40 -20.74 -3.32
CA TYR B 557 19.64 -20.10 -2.90
C TYR B 557 19.40 -18.91 -1.99
N THR B 558 18.19 -18.35 -1.99
CA THR B 558 17.89 -17.19 -1.15
C THR B 558 17.40 -17.59 0.23
N TYR B 559 16.55 -18.61 0.31
CA TYR B 559 15.99 -19.07 1.57
C TYR B 559 16.77 -20.24 2.16
N ARG B 560 17.93 -20.58 1.59
CA ARG B 560 18.79 -21.62 2.14
C ARG B 560 18.05 -22.96 2.24
N CYS B 561 17.14 -23.20 1.30
CA CYS B 561 16.34 -24.41 1.26
C CYS B 561 16.72 -25.17 -0.02
N HIS B 562 17.75 -25.99 0.08
CA HIS B 562 18.21 -26.76 -1.06
C HIS B 562 17.53 -28.14 -1.09
N ARG B 563 17.73 -28.84 -2.20
CA ARG B 563 16.96 -30.06 -2.48
C ARG B 563 17.00 -31.06 -1.33
N GLY B 564 18.00 -30.99 -0.46
CA GLY B 564 18.11 -31.88 0.68
C GLY B 564 18.95 -33.12 0.42
N ASP B 565 18.91 -33.62 -0.82
CA ASP B 565 19.76 -34.74 -1.22
C ASP B 565 21.15 -34.30 -1.65
N THR B 566 21.42 -33.00 -1.62
CA THR B 566 22.72 -32.44 -1.97
C THR B 566 23.57 -32.26 -0.72
N GLN B 567 24.85 -31.96 -0.93
CA GLN B 567 25.80 -31.71 0.15
C GLN B 567 26.19 -30.25 0.20
N ILE B 568 25.24 -29.35 -0.03
CA ILE B 568 25.47 -27.91 0.03
C ILE B 568 25.28 -27.51 1.49
N GLN B 569 26.39 -27.28 2.19
CA GLN B 569 26.32 -26.89 3.59
C GLN B 569 25.88 -25.43 3.72
N THR B 570 24.82 -25.21 4.48
CA THR B 570 24.31 -23.88 4.76
C THR B 570 23.94 -23.81 6.25
N ARG B 571 23.42 -22.66 6.67
CA ARG B 571 22.94 -22.51 8.03
C ARG B 571 21.66 -23.30 8.28
N ARG B 572 21.02 -23.83 7.24
CA ARG B 572 19.76 -24.54 7.35
C ARG B 572 19.80 -25.92 6.72
N SER B 573 20.99 -26.40 6.34
CA SER B 573 21.11 -27.67 5.62
C SER B 573 21.04 -28.88 6.54
N PHE B 574 21.15 -28.70 7.85
CA PHE B 574 21.14 -29.84 8.76
C PHE B 574 19.72 -30.27 9.08
N GLU B 575 18.91 -29.34 9.56
CA GLU B 575 17.51 -29.64 9.87
C GLU B 575 16.79 -30.12 8.61
N ILE B 576 17.07 -29.48 7.47
CA ILE B 576 16.46 -29.90 6.22
C ILE B 576 16.84 -31.33 5.90
N LYS B 577 18.11 -31.69 6.09
CA LYS B 577 18.54 -33.04 5.77
C LYS B 577 17.92 -34.07 6.70
N LYS B 578 17.79 -33.76 7.99
CA LYS B 578 17.14 -34.71 8.89
C LYS B 578 15.65 -34.85 8.56
N LEU B 579 14.99 -33.75 8.19
CA LEU B 579 13.61 -33.86 7.76
C LEU B 579 13.50 -34.71 6.50
N TRP B 580 14.47 -34.56 5.59
CA TRP B 580 14.49 -35.36 4.38
C TRP B 580 14.63 -36.85 4.71
N GLU B 581 15.59 -37.20 5.55
CA GLU B 581 15.80 -38.59 5.91
C GLU B 581 14.67 -39.16 6.75
N GLN B 582 13.95 -38.30 7.48
CA GLN B 582 12.82 -38.77 8.29
C GLN B 582 11.61 -39.07 7.43
N THR B 583 11.37 -38.27 6.39
CA THR B 583 10.19 -38.44 5.56
C THR B 583 10.31 -39.69 4.71
N ARG B 584 9.18 -40.38 4.52
CA ARG B 584 9.13 -41.57 3.68
C ARG B 584 8.80 -41.21 2.23
N SER B 585 7.71 -40.48 2.02
CA SER B 585 7.33 -39.99 0.69
C SER B 585 7.94 -38.61 0.52
N LYS B 586 9.19 -38.57 0.08
CA LYS B 586 9.92 -37.31 -0.02
C LYS B 586 9.44 -36.43 -1.16
N ALA B 587 8.59 -36.95 -2.05
CA ALA B 587 8.07 -36.13 -3.15
C ALA B 587 7.05 -35.11 -2.68
N GLY B 588 6.56 -35.22 -1.44
CA GLY B 588 5.55 -34.31 -0.94
C GLY B 588 6.14 -33.12 -0.18
N LEU B 589 7.44 -33.15 0.06
CA LEU B 589 8.08 -32.05 0.77
C LEU B 589 8.05 -30.79 -0.08
N LEU B 590 7.78 -29.66 0.57
CA LEU B 590 7.77 -28.38 -0.12
C LEU B 590 9.21 -27.95 -0.44
N VAL B 591 9.34 -27.14 -1.50
CA VAL B 591 10.65 -26.62 -1.86
C VAL B 591 11.24 -25.81 -0.71
N SER B 592 10.38 -25.18 0.09
CA SER B 592 10.85 -24.46 1.27
C SER B 592 11.49 -25.37 2.29
N ASP B 593 11.10 -26.64 2.34
CA ASP B 593 11.65 -27.62 3.27
C ASP B 593 12.64 -28.56 2.60
N GLY B 594 13.11 -28.22 1.41
CA GLY B 594 14.09 -29.04 0.72
C GLY B 594 13.48 -30.24 0.03
N GLY B 595 12.46 -30.01 -0.79
CA GLY B 595 11.82 -31.07 -1.54
C GLY B 595 11.89 -30.80 -3.03
N PRO B 596 11.56 -31.82 -3.82
CA PRO B 596 11.58 -31.64 -5.28
C PRO B 596 10.49 -30.69 -5.75
N ASN B 597 10.73 -30.10 -6.91
CA ASN B 597 9.82 -29.15 -7.52
C ASN B 597 8.99 -29.87 -8.57
N LEU B 598 7.67 -29.88 -8.38
CA LEU B 598 6.75 -30.54 -9.30
C LEU B 598 6.04 -29.55 -10.22
N TYR B 599 6.44 -28.28 -10.20
CA TYR B 599 5.76 -27.27 -10.98
C TYR B 599 6.08 -27.43 -12.47
N ASN B 600 5.14 -27.02 -13.30
CA ASN B 600 5.31 -27.04 -14.75
C ASN B 600 4.27 -26.08 -15.35
N ILE B 601 4.28 -25.97 -16.68
CA ILE B 601 3.38 -25.04 -17.34
C ILE B 601 1.93 -25.33 -16.99
N ARG B 602 1.61 -26.59 -16.73
CA ARG B 602 0.23 -26.96 -16.39
C ARG B 602 -0.10 -26.68 -14.93
N ASN B 603 0.91 -26.51 -14.07
CA ASN B 603 0.69 -26.39 -12.64
C ASN B 603 0.99 -24.98 -12.11
N LEU B 604 1.06 -23.98 -12.99
CA LEU B 604 1.41 -22.64 -12.57
C LEU B 604 0.29 -21.92 -11.83
N HIS B 605 -0.93 -22.47 -11.84
CA HIS B 605 -2.08 -21.83 -11.21
C HIS B 605 -2.52 -22.56 -9.95
N ILE B 606 -1.67 -23.40 -9.37
CA ILE B 606 -2.00 -24.20 -8.21
C ILE B 606 -1.02 -23.84 -7.11
N PRO B 607 -1.47 -23.59 -5.88
CA PRO B 607 -0.52 -23.38 -4.77
C PRO B 607 0.32 -24.62 -4.52
N GLU B 608 1.53 -24.39 -4.02
CA GLU B 608 2.45 -25.50 -3.79
C GLU B 608 1.89 -26.49 -2.78
N VAL B 609 1.27 -26.00 -1.72
CA VAL B 609 0.77 -26.90 -0.67
C VAL B 609 -0.26 -27.86 -1.23
N CYS B 610 -1.19 -27.35 -2.05
CA CYS B 610 -2.25 -28.19 -2.59
C CYS B 610 -1.75 -29.11 -3.70
N LEU B 611 -0.71 -28.72 -4.42
CA LEU B 611 -0.14 -29.58 -5.46
C LEU B 611 0.56 -30.78 -4.85
N LYS B 612 1.13 -30.64 -3.65
CA LYS B 612 1.85 -31.71 -2.96
C LYS B 612 1.06 -32.30 -1.81
N TRP B 613 -0.24 -31.99 -1.72
CA TRP B 613 -1.01 -32.42 -0.56
C TRP B 613 -1.10 -33.93 -0.48
N GLU B 614 -1.39 -34.60 -1.60
CA GLU B 614 -1.58 -36.04 -1.58
C GLU B 614 -0.28 -36.81 -1.43
N LEU B 615 0.88 -36.17 -1.61
CA LEU B 615 2.16 -36.84 -1.47
C LEU B 615 2.79 -36.66 -0.09
N MET B 616 2.31 -35.72 0.70
CA MET B 616 2.87 -35.48 2.01
C MET B 616 2.52 -36.59 2.98
N ASP B 617 3.45 -36.89 3.89
CA ASP B 617 3.16 -37.78 5.00
C ASP B 617 2.30 -37.06 6.02
N GLU B 618 1.37 -37.81 6.64
CA GLU B 618 0.42 -37.17 7.54
C GLU B 618 1.11 -36.46 8.69
N ASP B 619 2.23 -37.01 9.18
CA ASP B 619 2.95 -36.34 10.26
C ASP B 619 3.50 -35.00 9.80
N TYR B 620 4.20 -34.98 8.67
CA TYR B 620 4.74 -33.73 8.14
C TYR B 620 3.61 -32.78 7.74
N GLN B 621 2.54 -33.32 7.17
CA GLN B 621 1.41 -32.49 6.78
C GLN B 621 0.80 -31.79 7.99
N GLY B 622 0.59 -32.54 9.08
CA GLY B 622 0.05 -31.94 10.28
C GLY B 622 0.99 -30.94 10.93
N ARG B 623 2.29 -31.24 10.97
CA ARG B 623 3.24 -30.30 11.53
C ARG B 623 3.29 -29.02 10.72
N LEU B 624 3.22 -29.13 9.39
CA LEU B 624 3.29 -27.96 8.53
C LEU B 624 2.08 -27.05 8.73
N CYS B 625 0.88 -27.59 8.48
CA CYS B 625 -0.34 -26.78 8.51
C CYS B 625 -1.02 -26.93 9.87
N ASN B 626 -0.35 -26.40 10.89
CA ASN B 626 -0.87 -26.44 12.26
C ASN B 626 -1.34 -25.05 12.66
N PRO B 627 -2.62 -24.85 12.99
CA PRO B 627 -3.06 -23.49 13.35
C PRO B 627 -2.30 -22.91 14.53
N LEU B 628 -1.91 -23.74 15.50
CA LEU B 628 -1.19 -23.27 16.69
C LEU B 628 0.24 -22.87 16.40
N ASN B 629 0.70 -22.86 15.15
CA ASN B 629 2.08 -22.50 14.87
C ASN B 629 2.35 -21.07 15.34
N PRO B 630 3.51 -20.79 15.94
CA PRO B 630 3.80 -19.44 16.41
C PRO B 630 4.30 -18.48 15.33
N PHE B 631 4.34 -18.91 14.07
CA PHE B 631 4.87 -18.10 12.99
C PHE B 631 3.80 -17.35 12.22
N VAL B 632 2.67 -17.99 11.93
CA VAL B 632 1.63 -17.34 11.14
C VAL B 632 1.01 -16.22 11.95
N SER B 633 0.87 -15.05 11.33
CA SER B 633 0.22 -13.91 11.94
C SER B 633 -0.63 -13.20 10.90
N HIS B 634 -1.92 -13.05 11.20
CA HIS B 634 -2.86 -12.37 10.32
C HIS B 634 -3.44 -11.17 11.04
N LYS B 635 -3.39 -10.01 10.40
CA LYS B 635 -3.81 -8.76 11.02
C LYS B 635 -5.22 -8.34 10.59
N GLU B 636 -5.46 -8.22 9.29
CA GLU B 636 -6.73 -7.75 8.78
C GLU B 636 -7.08 -8.49 7.50
N ILE B 637 -8.35 -8.37 7.10
CA ILE B 637 -8.81 -8.99 5.87
C ILE B 637 -8.07 -8.42 4.66
N GLU B 638 -7.64 -7.16 4.75
CA GLU B 638 -6.98 -6.53 3.62
C GLU B 638 -5.59 -7.11 3.39
N SER B 639 -4.89 -7.50 4.44
CA SER B 639 -3.51 -7.95 4.36
C SER B 639 -3.38 -9.47 4.48
N VAL B 640 -4.39 -10.21 4.04
CA VAL B 640 -4.33 -11.68 4.15
C VAL B 640 -3.42 -12.25 3.06
N ASN B 641 -3.78 -12.04 1.80
CA ASN B 641 -3.03 -12.57 0.67
C ASN B 641 -2.87 -11.48 -0.39
N ASN B 642 -2.56 -10.26 0.05
CA ASN B 642 -2.29 -9.14 -0.83
C ASN B 642 -0.85 -8.70 -0.65
N ALA B 643 -0.11 -8.62 -1.75
CA ALA B 643 1.29 -8.22 -1.72
C ALA B 643 1.47 -6.99 -2.58
N VAL B 644 2.15 -5.98 -2.02
CA VAL B 644 2.36 -4.71 -2.71
C VAL B 644 3.70 -4.80 -3.42
N MET B 645 3.66 -4.97 -4.74
CA MET B 645 4.87 -5.01 -5.56
C MET B 645 4.88 -3.77 -6.44
N MET B 646 5.85 -2.90 -6.21
CA MET B 646 6.01 -1.71 -7.03
C MET B 646 6.54 -2.10 -8.40
N PRO B 647 5.72 -2.10 -9.45
CA PRO B 647 6.20 -2.52 -10.76
C PRO B 647 7.17 -1.53 -11.36
N ALA B 648 8.09 -2.04 -12.17
CA ALA B 648 9.02 -1.18 -12.88
C ALA B 648 8.28 -0.33 -13.89
N HIS B 649 8.61 0.97 -13.92
CA HIS B 649 7.99 1.90 -14.86
C HIS B 649 6.49 2.00 -14.63
N GLY B 650 6.09 2.18 -13.37
CA GLY B 650 4.69 2.34 -13.03
C GLY B 650 4.49 2.63 -11.55
N PRO B 651 3.26 2.99 -11.18
CA PRO B 651 2.96 3.25 -9.77
C PRO B 651 2.80 1.96 -8.98
N ALA B 652 2.92 2.09 -7.66
CA ALA B 652 2.82 0.95 -6.76
C ALA B 652 1.50 0.23 -6.97
N LYS B 653 1.57 -1.11 -7.05
CA LYS B 653 0.40 -1.93 -7.31
C LYS B 653 0.35 -3.09 -6.32
N ASN B 654 -0.87 -3.60 -6.13
CA ASN B 654 -1.12 -4.71 -5.22
C ASN B 654 -1.60 -5.92 -6.03
N MET B 655 -1.21 -7.11 -5.57
CA MET B 655 -1.57 -8.34 -6.25
C MET B 655 -2.16 -9.33 -5.25
N GLU B 656 -3.22 -10.01 -5.66
CA GLU B 656 -3.76 -11.17 -4.97
C GLU B 656 -2.95 -12.40 -5.36
N TYR B 657 -2.37 -13.05 -4.37
CA TYR B 657 -1.59 -14.27 -4.60
C TYR B 657 -2.24 -15.43 -3.84
N ASP B 658 -2.42 -16.55 -4.52
CA ASP B 658 -3.03 -17.73 -3.90
C ASP B 658 -1.98 -18.46 -3.06
N ALA B 659 -2.28 -18.64 -1.78
CA ALA B 659 -1.37 -19.32 -0.88
C ALA B 659 -2.15 -19.92 0.27
N VAL B 660 -1.63 -21.02 0.81
CA VAL B 660 -2.21 -21.70 1.95
C VAL B 660 -1.42 -21.31 3.19
N ALA B 661 -2.13 -20.98 4.27
CA ALA B 661 -1.48 -20.54 5.50
C ALA B 661 -0.73 -21.71 6.10
N THR B 662 0.59 -21.71 5.93
CA THR B 662 1.47 -22.74 6.48
C THR B 662 2.41 -22.11 7.49
N THR B 663 3.25 -22.96 8.08
CA THR B 663 4.27 -22.47 9.00
C THR B 663 5.31 -21.60 8.31
N HIS B 664 5.35 -21.61 6.97
CA HIS B 664 6.26 -20.78 6.21
C HIS B 664 5.73 -19.38 5.92
N SER B 665 4.53 -19.06 6.39
CA SER B 665 3.91 -17.76 6.14
C SER B 665 4.33 -16.71 7.17
N TRP B 666 5.47 -16.90 7.82
CA TRP B 666 5.96 -15.93 8.79
C TRP B 666 6.11 -14.55 8.14
N ILE B 667 6.18 -13.53 8.99
CA ILE B 667 6.44 -12.17 8.55
C ILE B 667 7.86 -11.80 8.99
N PRO B 668 8.62 -11.08 8.18
CA PRO B 668 10.03 -10.87 8.48
C PRO B 668 10.23 -9.84 9.58
N LYS B 669 11.50 -9.68 9.98
CA LYS B 669 11.87 -8.76 11.04
C LYS B 669 11.64 -7.32 10.60
N ARG B 670 11.39 -6.44 11.56
CA ARG B 670 11.19 -5.02 11.29
C ARG B 670 12.53 -4.29 11.39
N ASN B 671 12.48 -2.97 11.15
CA ASN B 671 13.72 -2.20 11.00
C ASN B 671 14.56 -2.22 12.27
N ARG B 672 13.95 -1.88 13.41
CA ARG B 672 14.57 -1.91 14.74
C ARG B 672 15.53 -0.75 14.98
N SER B 673 15.62 0.22 14.07
CA SER B 673 16.50 1.36 14.27
C SER B 673 15.86 2.48 15.07
N ILE B 674 14.57 2.37 15.40
CA ILE B 674 13.92 3.39 16.20
C ILE B 674 14.50 3.48 17.60
N LEU B 675 15.21 2.45 18.06
CA LEU B 675 15.70 2.41 19.43
C LEU B 675 16.76 3.48 19.69
N ASN B 676 17.43 3.98 18.65
CA ASN B 676 18.50 4.96 18.80
C ASN B 676 18.02 6.39 18.57
N THR B 677 16.72 6.60 18.40
CA THR B 677 16.16 7.91 18.09
C THR B 677 15.34 8.43 19.27
N SER B 678 15.21 9.74 19.34
CA SER B 678 14.37 10.35 20.37
C SER B 678 12.91 9.93 20.23
N GLN B 679 12.50 9.49 19.04
CA GLN B 679 11.16 8.97 18.84
C GLN B 679 11.11 7.50 19.24
N ARG B 680 11.57 7.21 20.45
CA ARG B 680 11.60 5.82 20.94
C ARG B 680 10.30 5.43 21.62
N GLY B 681 9.57 6.40 22.18
CA GLY B 681 8.29 6.11 22.82
C GLY B 681 7.22 5.63 21.87
N ILE B 682 7.40 5.83 20.55
CA ILE B 682 6.42 5.34 19.60
C ILE B 682 6.30 3.83 19.65
N LEU B 683 7.39 3.14 19.99
CA LEU B 683 7.34 1.69 20.07
C LEU B 683 6.53 1.22 21.27
N GLU B 684 6.67 1.90 22.41
CA GLU B 684 5.85 1.56 23.57
C GLU B 684 4.37 1.79 23.28
N ASP B 685 4.05 2.91 22.62
CA ASP B 685 2.67 3.16 22.23
C ASP B 685 2.17 2.09 21.27
N GLU B 686 3.03 1.69 20.32
CA GLU B 686 2.67 0.61 19.41
C GLU B 686 2.33 -0.65 20.18
N GLN B 687 3.18 -1.04 21.12
CA GLN B 687 2.95 -2.27 21.88
C GLN B 687 1.66 -2.19 22.68
N MET B 688 1.43 -1.06 23.34
CA MET B 688 0.21 -0.93 24.15
C MET B 688 -1.04 -0.94 23.28
N TYR B 689 -1.00 -0.22 22.14
CA TYR B 689 -2.13 -0.23 21.23
C TYR B 689 -2.40 -1.63 20.70
N GLN B 690 -1.34 -2.37 20.37
CA GLN B 690 -1.53 -3.73 19.86
C GLN B 690 -2.08 -4.65 20.93
N LYS B 691 -1.64 -4.49 22.18
CA LYS B 691 -2.19 -5.29 23.26
C LYS B 691 -3.68 -5.01 23.43
N CYS B 692 -4.06 -3.73 23.43
CA CYS B 692 -5.47 -3.39 23.56
C CYS B 692 -6.27 -3.92 22.36
N CYS B 693 -5.71 -3.81 21.16
CA CYS B 693 -6.42 -4.30 19.97
C CYS B 693 -6.60 -5.80 20.01
N ASN B 694 -5.58 -6.54 20.46
CA ASN B 694 -5.71 -7.98 20.59
C ASN B 694 -6.76 -8.34 21.61
N LEU B 695 -6.78 -7.63 22.75
CA LEU B 695 -7.82 -7.88 23.75
C LEU B 695 -9.21 -7.62 23.17
N PHE B 696 -9.36 -6.52 22.44
CA PHE B 696 -10.65 -6.21 21.84
C PHE B 696 -11.06 -7.29 20.83
N GLU B 697 -10.10 -7.74 20.02
CA GLU B 697 -10.40 -8.78 19.04
C GLU B 697 -10.84 -10.07 19.73
N LYS B 698 -10.16 -10.45 20.80
CA LYS B 698 -10.61 -11.60 21.58
C LYS B 698 -11.98 -11.36 22.17
N PHE B 699 -12.31 -10.09 22.48
CA PHE B 699 -13.65 -9.75 22.93
C PHE B 699 -14.62 -9.62 21.75
N PHE B 700 -14.15 -9.07 20.63
CA PHE B 700 -14.97 -8.86 19.43
C PHE B 700 -14.28 -9.57 18.27
N PRO B 701 -14.59 -10.84 18.02
CA PRO B 701 -13.86 -11.59 16.98
C PRO B 701 -13.95 -10.96 15.60
N SER B 702 -15.01 -10.23 15.29
CA SER B 702 -15.18 -9.64 13.96
C SER B 702 -14.41 -8.34 13.81
N SER B 703 -13.55 -7.99 14.76
CA SER B 703 -12.85 -6.71 14.69
C SER B 703 -12.03 -6.58 13.42
N SER B 704 -11.40 -7.68 13.00
CA SER B 704 -10.52 -7.62 11.83
C SER B 704 -11.32 -7.61 10.53
N TYR B 705 -12.23 -8.58 10.37
CA TYR B 705 -12.92 -8.72 9.09
C TYR B 705 -13.77 -7.50 8.78
N ARG B 706 -14.63 -7.10 9.71
CA ARG B 706 -15.40 -5.85 9.61
C ARG B 706 -14.96 -4.93 10.74
N ARG B 707 -14.44 -3.77 10.37
CA ARG B 707 -13.98 -2.80 11.35
C ARG B 707 -15.15 -2.34 12.21
N PRO B 708 -15.07 -2.43 13.54
CA PRO B 708 -16.21 -2.04 14.36
C PRO B 708 -16.53 -0.56 14.23
N VAL B 709 -17.81 -0.23 14.42
CA VAL B 709 -18.29 1.14 14.36
C VAL B 709 -19.10 1.43 15.61
N GLY B 710 -19.18 2.70 15.96
CA GLY B 710 -19.91 3.13 17.13
C GLY B 710 -19.29 4.38 17.71
N ILE B 711 -19.86 4.81 18.85
CA ILE B 711 -19.38 5.99 19.55
C ILE B 711 -19.07 5.71 21.01
N SER B 712 -19.19 4.46 21.47
CA SER B 712 -18.82 4.11 22.83
C SER B 712 -17.31 3.91 22.92
N SER B 713 -16.84 3.72 24.15
CA SER B 713 -15.42 3.50 24.42
C SER B 713 -15.14 2.00 24.61
N MET B 714 -13.85 1.67 24.62
CA MET B 714 -13.44 0.26 24.65
C MET B 714 -14.04 -0.46 25.84
N VAL B 715 -13.68 0.00 27.04
CA VAL B 715 -13.93 -0.79 28.24
C VAL B 715 -15.43 -1.03 28.43
N GLU B 716 -16.28 -0.09 28.01
CA GLU B 716 -17.71 -0.31 28.11
C GLU B 716 -18.12 -1.56 27.34
N ALA B 717 -17.74 -1.62 26.06
CA ALA B 717 -18.11 -2.77 25.24
C ALA B 717 -17.49 -4.04 25.79
N MET B 718 -16.21 -3.99 26.16
CA MET B 718 -15.54 -5.21 26.62
C MET B 718 -16.18 -5.73 27.91
N VAL B 719 -16.42 -4.87 28.89
CA VAL B 719 -16.99 -5.32 30.15
C VAL B 719 -18.42 -5.81 29.96
N SER B 720 -19.21 -5.10 29.15
CA SER B 720 -20.59 -5.51 28.96
C SER B 720 -20.68 -6.85 28.24
N ARG B 721 -19.85 -7.04 27.22
CA ARG B 721 -19.82 -8.33 26.54
C ARG B 721 -19.29 -9.42 27.47
N ALA B 722 -18.39 -9.08 28.39
CA ALA B 722 -17.98 -10.07 29.39
C ALA B 722 -19.18 -10.51 30.22
N ARG B 723 -19.96 -9.54 30.71
CA ARG B 723 -21.20 -9.86 31.41
C ARG B 723 -21.99 -10.89 30.62
N ILE B 724 -22.37 -10.52 29.40
CA ILE B 724 -23.33 -11.31 28.66
C ILE B 724 -22.76 -12.66 28.28
N ASP B 725 -21.49 -12.70 27.86
CA ASP B 725 -20.92 -13.96 27.40
C ASP B 725 -20.75 -14.93 28.56
N ALA B 726 -20.33 -14.44 29.72
CA ALA B 726 -20.30 -15.31 30.90
C ALA B 726 -21.69 -15.88 31.17
N ARG B 727 -22.69 -15.00 31.21
CA ARG B 727 -24.07 -15.44 31.38
C ARG B 727 -24.40 -16.61 30.46
N ILE B 728 -24.33 -16.36 29.16
CA ILE B 728 -24.88 -17.30 28.19
C ILE B 728 -24.03 -18.56 28.11
N ASP B 729 -22.71 -18.41 28.24
CA ASP B 729 -21.84 -19.58 28.21
C ASP B 729 -22.01 -20.45 29.43
N PHE B 730 -22.49 -19.88 30.54
CA PHE B 730 -23.11 -20.75 31.55
C PHE B 730 -24.41 -21.37 31.09
N GLU B 731 -25.35 -20.58 30.58
CA GLU B 731 -26.64 -21.19 30.22
C GLU B 731 -26.43 -22.42 29.35
N SER B 732 -25.26 -22.53 28.71
CA SER B 732 -24.75 -23.81 28.22
C SER B 732 -23.26 -23.66 27.95
N GLY B 733 -22.43 -24.32 28.74
CA GLY B 733 -21.00 -24.31 28.49
C GLY B 733 -20.18 -24.52 29.76
N ARG B 734 -18.88 -24.24 29.63
CA ARG B 734 -17.92 -24.57 30.68
C ARG B 734 -18.12 -23.77 31.94
N ILE B 735 -18.58 -22.51 31.83
CA ILE B 735 -18.65 -21.63 32.99
C ILE B 735 -19.41 -22.34 34.12
N LYS B 736 -19.19 -21.90 35.35
CA LYS B 736 -19.98 -22.35 36.50
C LYS B 736 -20.42 -21.14 37.32
N LYS B 737 -21.46 -21.34 38.14
CA LYS B 737 -21.95 -20.25 39.00
C LYS B 737 -20.80 -19.54 39.71
N GLU B 738 -19.88 -20.30 40.28
CA GLU B 738 -18.72 -19.70 40.94
C GLU B 738 -17.99 -18.77 39.98
N GLU B 739 -17.64 -19.29 38.80
CA GLU B 739 -16.93 -18.50 37.80
C GLU B 739 -17.79 -17.37 37.26
N PHE B 740 -19.09 -17.60 37.04
CA PHE B 740 -19.94 -16.54 36.50
C PHE B 740 -20.03 -15.36 37.46
N ALA B 741 -20.24 -15.65 38.74
CA ALA B 741 -20.28 -14.58 39.74
C ALA B 741 -18.93 -13.91 39.88
N GLU B 742 -17.85 -14.69 39.79
CA GLU B 742 -16.51 -14.11 39.83
C GLU B 742 -16.33 -13.11 38.70
N ILE B 743 -16.75 -13.48 37.48
CA ILE B 743 -16.68 -12.57 36.34
C ILE B 743 -17.56 -11.35 36.56
N MET B 744 -18.77 -11.53 37.10
CA MET B 744 -19.65 -10.38 37.30
C MET B 744 -19.02 -9.37 38.26
N LYS B 745 -18.48 -9.86 39.37
CA LYS B 745 -17.90 -8.94 40.33
C LYS B 745 -16.54 -8.41 39.87
N ILE B 746 -15.83 -9.14 39.01
CA ILE B 746 -14.61 -8.60 38.41
C ILE B 746 -14.97 -7.48 37.43
N CYS B 747 -16.08 -7.64 36.70
CA CYS B 747 -16.57 -6.57 35.84
C CYS B 747 -16.90 -5.35 36.68
N SER B 748 -17.55 -5.55 37.83
CA SER B 748 -17.81 -4.44 38.73
C SER B 748 -16.51 -3.80 39.21
N THR B 749 -15.50 -4.63 39.49
CA THR B 749 -14.21 -4.11 39.95
C THR B 749 -13.57 -3.22 38.89
N ILE B 750 -13.55 -3.68 37.63
CA ILE B 750 -12.97 -2.85 36.58
C ILE B 750 -13.82 -1.61 36.35
N GLU B 751 -15.13 -1.72 36.57
CA GLU B 751 -16.00 -0.55 36.49
C GLU B 751 -15.56 0.51 37.49
N GLU B 752 -15.44 0.12 38.76
CA GLU B 752 -15.05 1.09 39.78
C GLU B 752 -13.60 1.55 39.58
N LEU B 753 -12.77 0.74 38.94
CA LEU B 753 -11.41 1.18 38.61
C LEU B 753 -11.45 2.27 37.55
N ARG B 754 -12.28 2.09 36.52
CA ARG B 754 -12.42 3.13 35.50
C ARG B 754 -13.05 4.39 36.08
N ARG B 755 -13.94 4.25 37.07
CA ARG B 755 -14.40 5.40 37.82
C ARG B 755 -13.23 6.20 38.38
N GLN B 756 -12.23 5.51 38.91
CA GLN B 756 -11.07 6.18 39.48
C GLN B 756 -9.77 5.59 38.93
N MET C 1 -12.89 -16.45 31.50
CA MET C 1 -12.09 -16.13 32.72
C MET C 1 -10.87 -15.30 32.37
N GLU C 2 -9.95 -15.92 31.62
CA GLU C 2 -8.70 -15.27 31.28
C GLU C 2 -8.92 -13.89 30.67
N ARG C 3 -9.78 -13.81 29.66
CA ARG C 3 -9.89 -12.59 28.85
C ARG C 3 -10.11 -11.36 29.72
N ILE C 4 -11.13 -11.42 30.57
CA ILE C 4 -11.39 -10.29 31.46
C ILE C 4 -10.22 -10.11 32.43
N LYS C 5 -9.44 -11.16 32.67
CA LYS C 5 -8.33 -11.02 33.61
C LYS C 5 -7.20 -10.19 33.01
N GLU C 6 -6.81 -10.44 31.75
CA GLU C 6 -5.81 -9.54 31.17
C GLU C 6 -6.43 -8.17 30.92
N LEU C 7 -7.75 -8.10 30.73
CA LEU C 7 -8.40 -6.80 30.67
C LEU C 7 -8.15 -6.01 31.96
N ARG C 8 -8.39 -6.64 33.11
CA ARG C 8 -8.17 -5.98 34.39
C ARG C 8 -6.70 -5.65 34.59
N ASP C 9 -5.81 -6.56 34.19
CA ASP C 9 -4.37 -6.27 34.29
C ASP C 9 -3.98 -5.07 33.46
N LEU C 10 -4.53 -4.96 32.24
CA LEU C 10 -4.27 -3.79 31.41
C LEU C 10 -4.78 -2.53 32.08
N MET C 11 -6.01 -2.56 32.56
CA MET C 11 -6.58 -1.38 33.23
C MET C 11 -5.84 -1.04 34.52
N SER C 12 -5.08 -1.98 35.07
CA SER C 12 -4.31 -1.69 36.28
C SER C 12 -3.28 -0.59 36.02
N GLN C 13 -2.58 -0.67 34.89
CA GLN C 13 -1.55 0.31 34.58
C GLN C 13 -2.19 1.53 33.93
N SER C 14 -1.69 2.71 34.33
CA SER C 14 -2.39 3.95 34.02
C SER C 14 -2.46 4.22 32.52
N ARG C 15 -1.35 4.00 31.80
CA ARG C 15 -1.32 4.37 30.39
C ARG C 15 -2.32 3.55 29.57
N THR C 16 -2.30 2.22 29.75
CA THR C 16 -3.26 1.39 29.04
C THR C 16 -4.68 1.68 29.48
N ARG C 17 -4.88 2.03 30.76
CA ARG C 17 -6.21 2.41 31.22
C ARG C 17 -6.71 3.65 30.48
N GLU C 18 -5.84 4.65 30.33
CA GLU C 18 -6.23 5.85 29.58
C GLU C 18 -6.51 5.52 28.13
N ILE C 19 -5.68 4.67 27.52
CA ILE C 19 -5.91 4.29 26.13
C ILE C 19 -7.27 3.60 25.99
N LEU C 20 -7.60 2.73 26.93
CA LEU C 20 -8.88 2.03 26.87
C LEU C 20 -10.06 2.96 27.12
N THR C 21 -9.87 3.96 27.98
CA THR C 21 -10.98 4.83 28.36
C THR C 21 -11.28 5.87 27.28
N LYS C 22 -10.26 6.62 26.86
CA LYS C 22 -10.51 7.75 25.96
C LYS C 22 -10.73 7.30 24.52
N THR C 23 -10.19 6.16 24.12
CA THR C 23 -10.30 5.71 22.73
C THR C 23 -11.69 5.12 22.50
N THR C 24 -12.37 5.61 21.46
CA THR C 24 -13.69 5.12 21.10
C THR C 24 -13.57 3.95 20.12
N VAL C 25 -14.68 3.22 19.98
CA VAL C 25 -14.68 2.01 19.15
C VAL C 25 -14.35 2.35 17.70
N ASP C 26 -14.85 3.47 17.21
CA ASP C 26 -14.64 3.81 15.80
C ASP C 26 -13.16 3.93 15.48
N HIS C 27 -12.39 4.54 16.38
CA HIS C 27 -10.96 4.70 16.17
C HIS C 27 -10.19 3.38 16.25
N MET C 28 -10.88 2.29 16.60
CA MET C 28 -10.24 0.97 16.66
C MET C 28 -9.25 0.76 15.51
N ALA C 29 -9.71 0.92 14.28
CA ALA C 29 -8.85 0.62 13.13
C ALA C 29 -7.60 1.49 13.16
N ILE C 30 -7.79 2.79 13.38
CA ILE C 30 -6.67 3.73 13.30
C ILE C 30 -5.53 3.28 14.21
N ILE C 31 -5.81 3.21 15.52
CA ILE C 31 -4.77 2.83 16.46
C ILE C 31 -4.23 1.44 16.18
N LYS C 32 -5.04 0.56 15.57
CA LYS C 32 -4.54 -0.78 15.26
C LYS C 32 -3.51 -0.71 14.14
N LYS C 33 -3.69 0.20 13.19
CA LYS C 33 -2.72 0.42 12.13
C LYS C 33 -1.65 1.43 12.53
N TYR C 34 -1.76 2.04 13.71
CA TYR C 34 -0.74 2.96 14.19
C TYR C 34 0.58 2.23 14.35
N THR C 35 1.55 2.53 13.50
CA THR C 35 2.85 1.86 13.56
C THR C 35 3.92 2.80 13.02
N SER C 36 5.14 2.60 13.50
CA SER C 36 6.30 3.31 12.98
C SER C 36 6.94 2.58 11.81
N GLY C 37 6.51 1.37 11.50
CA GLY C 37 7.11 0.59 10.44
C GLY C 37 6.67 1.08 9.08
N ARG C 38 7.59 1.61 8.29
CA ARG C 38 7.28 2.00 6.92
C ARG C 38 7.09 0.76 6.05
N GLN C 39 6.24 0.90 5.04
CA GLN C 39 6.05 -0.19 4.08
C GLN C 39 7.26 -0.24 3.14
N GLU C 40 7.82 -1.43 2.99
CA GLU C 40 9.08 -1.58 2.27
C GLU C 40 8.92 -1.19 0.81
N LYS C 41 9.92 -0.46 0.30
CA LYS C 41 9.91 -0.07 -1.10
C LYS C 41 10.53 -1.14 -1.99
N ASN C 42 11.55 -1.84 -1.51
CA ASN C 42 12.26 -2.88 -2.25
C ASN C 42 12.27 -4.15 -1.41
N PRO C 43 11.18 -4.92 -1.40
CA PRO C 43 11.14 -6.11 -0.54
C PRO C 43 12.17 -7.17 -0.90
N ALA C 44 12.43 -7.36 -2.20
CA ALA C 44 13.34 -8.43 -2.61
C ALA C 44 14.74 -8.19 -2.09
N LEU C 45 15.22 -6.94 -2.18
CA LEU C 45 16.58 -6.64 -1.77
C LEU C 45 16.80 -6.96 -0.30
N ARG C 46 15.85 -6.58 0.56
CA ARG C 46 16.01 -6.82 1.98
C ARG C 46 15.72 -8.26 2.37
N MET C 47 14.81 -8.94 1.68
CA MET C 47 14.63 -10.36 1.94
C MET C 47 15.89 -11.14 1.59
N LYS C 48 16.58 -10.75 0.53
CA LYS C 48 17.86 -11.37 0.22
C LYS C 48 18.96 -10.92 1.17
N TRP C 49 18.77 -9.79 1.86
CA TRP C 49 19.76 -9.27 2.79
C TRP C 49 19.49 -9.71 4.22
N MET C 50 18.22 -9.82 4.61
CA MET C 50 17.89 -10.22 5.97
C MET C 50 18.13 -11.71 6.19
N MET C 51 17.85 -12.54 5.18
CA MET C 51 17.99 -13.98 5.36
C MET C 51 19.45 -14.39 5.60
N ALA C 52 20.41 -13.52 5.35
CA ALA C 52 21.80 -13.79 5.69
C ALA C 52 22.13 -13.50 7.14
N MET C 53 21.17 -12.98 7.91
CA MET C 53 21.34 -12.72 9.33
C MET C 53 20.88 -13.93 10.13
N LYS C 54 21.28 -13.95 11.40
CA LYS C 54 20.75 -14.90 12.36
C LYS C 54 19.52 -14.30 13.03
N TYR C 55 18.48 -15.11 13.17
CA TYR C 55 17.20 -14.64 13.69
C TYR C 55 16.60 -13.61 12.73
N PRO C 56 16.28 -13.98 11.50
CA PRO C 56 15.70 -13.02 10.55
C PRO C 56 14.18 -12.96 10.54
N ILE C 57 13.49 -13.94 11.13
CA ILE C 57 12.02 -13.95 11.08
C ILE C 57 11.48 -13.64 12.47
N THR C 58 10.16 -13.52 12.59
CA THR C 58 9.53 -13.21 13.87
C THR C 58 8.46 -14.23 14.18
N ALA C 59 8.27 -14.51 15.47
CA ALA C 59 7.29 -15.49 15.90
C ALA C 59 6.75 -15.09 17.27
N ASP C 60 5.59 -15.62 17.61
CA ASP C 60 4.96 -15.30 18.87
C ASP C 60 5.83 -15.77 20.03
N LYS C 61 5.60 -15.18 21.21
CA LYS C 61 6.37 -15.55 22.39
C LYS C 61 6.24 -17.03 22.71
N ARG C 62 5.10 -17.63 22.37
CA ARG C 62 4.85 -19.02 22.76
C ARG C 62 5.91 -19.96 22.20
N ILE C 63 6.60 -19.55 21.13
CA ILE C 63 7.64 -20.39 20.55
C ILE C 63 8.71 -20.71 21.59
N MET C 64 8.94 -19.82 22.54
CA MET C 64 9.95 -20.05 23.56
C MET C 64 9.61 -21.22 24.47
N GLU C 65 8.37 -21.71 24.45
CA GLU C 65 7.96 -22.83 25.29
C GLU C 65 7.46 -24.03 24.48
N MET C 66 7.76 -24.09 23.19
CA MET C 66 7.45 -25.28 22.40
C MET C 66 8.69 -25.81 21.69
N ILE C 67 9.61 -24.92 21.34
CA ILE C 67 10.80 -25.27 20.57
C ILE C 67 12.01 -24.97 21.46
N PRO C 68 12.97 -25.89 21.58
CA PRO C 68 14.15 -25.61 22.40
C PRO C 68 14.98 -24.48 21.81
N GLU C 69 15.71 -23.79 22.70
CA GLU C 69 16.52 -22.66 22.27
C GLU C 69 17.60 -23.06 21.28
N ARG C 70 18.03 -24.32 21.28
CA ARG C 70 19.07 -24.78 20.37
C ARG C 70 18.78 -26.21 19.94
N ASN C 71 19.30 -26.56 18.77
CA ASN C 71 19.14 -27.89 18.20
C ASN C 71 20.29 -28.79 18.64
N GLU C 72 20.45 -29.93 17.97
CA GLU C 72 21.37 -30.95 18.45
C GLU C 72 22.80 -30.42 18.52
N GLN C 73 23.27 -29.75 17.46
CA GLN C 73 24.64 -29.25 17.44
C GLN C 73 24.80 -27.93 18.17
N GLY C 74 23.71 -27.31 18.59
CA GLY C 74 23.78 -26.04 19.25
C GLY C 74 23.43 -24.83 18.40
N GLN C 75 22.96 -25.04 17.17
CA GLN C 75 22.48 -23.91 16.37
C GLN C 75 21.23 -23.33 17.03
N THR C 76 21.27 -22.04 17.33
CA THR C 76 20.14 -21.42 18.01
C THR C 76 18.93 -21.35 17.09
N LEU C 77 17.76 -21.65 17.66
CA LEU C 77 16.50 -21.64 16.91
C LEU C 77 15.69 -20.37 17.14
N TRP C 78 15.72 -19.82 18.35
CA TRP C 78 14.98 -18.60 18.65
C TRP C 78 15.77 -17.77 19.65
N SER C 79 15.47 -16.47 19.66
CA SER C 79 16.05 -15.54 20.60
C SER C 79 14.94 -14.91 21.45
N LYS C 80 15.31 -14.48 22.65
CA LYS C 80 14.35 -13.88 23.57
C LYS C 80 14.21 -12.37 23.39
N THR C 81 14.97 -11.77 22.48
CA THR C 81 14.87 -10.34 22.22
C THR C 81 13.65 -10.07 21.36
N ASN C 82 12.74 -9.23 21.85
CA ASN C 82 11.49 -8.99 21.17
C ASN C 82 11.68 -8.09 19.95
N ASP C 83 10.68 -8.09 19.08
CA ASP C 83 10.71 -7.25 17.89
C ASP C 83 10.65 -5.77 18.30
N ALA C 84 10.73 -4.90 17.30
CA ALA C 84 10.76 -3.46 17.56
C ALA C 84 9.49 -3.00 18.27
N GLY C 85 8.35 -3.12 17.61
CA GLY C 85 7.10 -2.61 18.14
C GLY C 85 6.08 -3.69 18.41
N SER C 86 6.52 -4.83 18.92
CA SER C 86 5.62 -5.93 19.23
C SER C 86 6.25 -6.80 20.31
N ASP C 87 5.41 -7.63 20.93
CA ASP C 87 5.88 -8.58 21.92
C ASP C 87 6.46 -9.85 21.31
N ARG C 88 6.37 -10.00 20.00
CA ARG C 88 6.92 -11.17 19.35
C ARG C 88 8.45 -11.16 19.39
N VAL C 89 9.04 -12.35 19.33
CA VAL C 89 10.48 -12.52 19.42
C VAL C 89 11.03 -12.91 18.07
N MET C 90 12.24 -12.44 17.78
CA MET C 90 12.92 -12.77 16.53
C MET C 90 13.53 -14.16 16.64
N VAL C 91 13.31 -14.98 15.61
CA VAL C 91 13.76 -16.36 15.58
C VAL C 91 14.39 -16.67 14.22
N SER C 92 15.16 -17.75 14.21
CA SER C 92 15.91 -18.20 13.04
C SER C 92 15.00 -19.04 12.14
N PRO C 93 15.32 -19.13 10.85
CA PRO C 93 14.47 -19.94 9.96
C PRO C 93 14.49 -21.42 10.29
N LEU C 94 15.53 -21.91 10.96
CA LEU C 94 15.56 -23.32 11.34
C LEU C 94 14.38 -23.66 12.24
N ALA C 95 13.96 -22.74 13.10
CA ALA C 95 12.80 -22.98 13.95
C ALA C 95 11.57 -23.32 13.13
N VAL C 96 11.52 -22.89 11.87
CA VAL C 96 10.46 -23.32 10.98
C VAL C 96 10.64 -24.80 10.63
N THR C 97 11.79 -25.15 10.06
CA THR C 97 12.02 -26.53 9.64
C THR C 97 11.95 -27.47 10.83
N TRP C 98 12.49 -27.05 11.98
CA TRP C 98 12.36 -27.86 13.18
C TRP C 98 10.90 -28.17 13.46
N TRP C 99 10.04 -27.15 13.39
CA TRP C 99 8.62 -27.37 13.64
C TRP C 99 8.02 -28.36 12.68
N ASN C 100 8.62 -28.54 11.50
CA ASN C 100 8.11 -29.47 10.51
C ASN C 100 8.68 -30.87 10.64
N ARG C 101 9.59 -31.11 11.59
CA ARG C 101 10.16 -32.43 11.78
C ARG C 101 9.97 -32.99 13.19
N ASN C 102 9.83 -32.13 14.20
CA ASN C 102 9.52 -32.60 15.54
C ASN C 102 8.48 -31.74 16.26
N GLY C 103 7.89 -30.75 15.60
CA GLY C 103 6.88 -29.93 16.22
C GLY C 103 5.59 -30.68 16.43
N PRO C 104 4.66 -30.09 17.18
CA PRO C 104 3.38 -30.76 17.42
C PRO C 104 2.63 -31.03 16.12
N THR C 105 1.93 -32.16 16.09
CA THR C 105 1.14 -32.57 14.93
C THR C 105 -0.34 -32.51 15.26
N THR C 106 -1.15 -32.31 14.23
CA THR C 106 -2.59 -32.18 14.36
C THR C 106 -3.24 -32.97 13.24
N SER C 107 -4.56 -32.81 13.11
CA SER C 107 -5.34 -33.46 12.06
C SER C 107 -5.69 -32.40 11.02
N ALA C 108 -4.99 -32.44 9.89
CA ALA C 108 -5.20 -31.49 8.80
C ALA C 108 -6.25 -31.97 7.80
N VAL C 109 -7.16 -32.85 8.23
CA VAL C 109 -8.16 -33.40 7.31
C VAL C 109 -9.12 -32.32 6.84
N HIS C 110 -9.32 -31.27 7.64
CA HIS C 110 -10.32 -30.24 7.32
C HIS C 110 -9.78 -29.10 6.46
N TYR C 111 -8.46 -29.00 6.29
CA TYR C 111 -7.92 -28.00 5.38
C TYR C 111 -8.46 -28.15 3.96
N PRO C 112 -8.56 -29.35 3.40
CA PRO C 112 -9.24 -29.47 2.10
C PRO C 112 -10.64 -28.90 2.10
N LYS C 113 -11.38 -29.06 3.19
CA LYS C 113 -12.72 -28.49 3.28
C LYS C 113 -12.68 -26.97 3.35
N ILE C 114 -11.67 -26.40 4.01
CA ILE C 114 -11.57 -24.95 4.08
C ILE C 114 -11.12 -24.36 2.74
N TYR C 115 -9.92 -24.73 2.30
CA TYR C 115 -9.37 -24.21 1.04
C TYR C 115 -10.05 -24.92 -0.12
N LYS C 116 -11.35 -24.65 -0.27
CA LYS C 116 -12.14 -25.33 -1.29
C LYS C 116 -11.67 -24.97 -2.68
N THR C 117 -11.35 -23.70 -2.92
CA THR C 117 -11.01 -23.26 -4.27
C THR C 117 -9.77 -23.97 -4.81
N TYR C 118 -8.70 -23.98 -4.01
CA TYR C 118 -7.44 -24.55 -4.48
C TYR C 118 -7.57 -26.05 -4.69
N PHE C 119 -8.20 -26.76 -3.76
CA PHE C 119 -8.36 -28.20 -3.94
C PHE C 119 -9.28 -28.53 -5.10
N GLU C 120 -10.29 -27.70 -5.35
CA GLU C 120 -11.12 -27.89 -6.53
C GLU C 120 -10.29 -27.69 -7.81
N LYS C 121 -9.40 -26.70 -7.81
CA LYS C 121 -8.50 -26.53 -8.95
C LYS C 121 -7.67 -27.79 -9.16
N VAL C 122 -7.10 -28.31 -8.08
CA VAL C 122 -6.25 -29.50 -8.19
C VAL C 122 -7.05 -30.68 -8.74
N GLU C 123 -8.26 -30.89 -8.21
CA GLU C 123 -9.09 -32.00 -8.67
C GLU C 123 -9.47 -31.82 -10.13
N ARG C 124 -9.80 -30.60 -10.53
CA ARG C 124 -10.16 -30.35 -11.93
C ARG C 124 -8.99 -30.65 -12.86
N LEU C 125 -7.78 -30.25 -12.47
CA LEU C 125 -6.63 -30.49 -13.33
C LEU C 125 -6.21 -31.96 -13.34
N LYS C 126 -6.35 -32.65 -12.22
CA LYS C 126 -5.85 -34.02 -12.15
C LYS C 126 -6.58 -34.93 -13.13
N HIS C 127 -7.87 -34.66 -13.36
CA HIS C 127 -8.68 -35.48 -14.26
C HIS C 127 -8.82 -34.88 -15.65
N GLY C 128 -8.05 -33.84 -15.95
CA GLY C 128 -8.10 -33.26 -17.28
C GLY C 128 -7.48 -34.16 -18.32
N THR C 129 -7.90 -33.96 -19.57
CA THR C 129 -7.41 -34.72 -20.71
C THR C 129 -6.89 -33.76 -21.76
N PHE C 130 -5.62 -33.89 -22.10
CA PHE C 130 -5.01 -33.03 -23.10
C PHE C 130 -5.28 -33.54 -24.50
N GLY C 131 -4.88 -32.74 -25.49
CA GLY C 131 -5.06 -33.10 -26.88
C GLY C 131 -3.91 -32.60 -27.72
N PRO C 132 -4.01 -32.79 -29.04
CA PRO C 132 -2.92 -32.36 -29.92
C PRO C 132 -2.77 -30.84 -29.92
N VAL C 133 -1.54 -30.40 -30.14
CA VAL C 133 -1.23 -28.98 -30.25
C VAL C 133 -1.33 -28.57 -31.71
N HIS C 134 -2.15 -27.56 -31.99
CA HIS C 134 -2.35 -27.07 -33.35
C HIS C 134 -1.68 -25.72 -33.50
N PHE C 135 -0.81 -25.61 -34.50
CA PHE C 135 -0.02 -24.40 -34.72
C PHE C 135 -0.69 -23.56 -35.79
N ARG C 136 -1.28 -22.43 -35.36
CA ARG C 136 -1.87 -21.47 -36.29
C ARG C 136 -2.03 -20.16 -35.55
N ASN C 137 -2.01 -19.06 -36.31
CA ASN C 137 -2.11 -17.74 -35.71
C ASN C 137 -3.39 -17.62 -34.91
N GLN C 138 -3.28 -17.14 -33.68
CA GLN C 138 -4.42 -16.97 -32.79
C GLN C 138 -4.77 -15.49 -32.72
N VAL C 139 -6.03 -15.17 -33.00
CA VAL C 139 -6.52 -13.79 -32.95
C VAL C 139 -6.99 -13.57 -31.52
N LYS C 140 -6.07 -13.15 -30.66
CA LYS C 140 -6.38 -12.85 -29.27
C LYS C 140 -7.12 -11.52 -29.21
N ILE C 141 -8.37 -11.55 -28.76
CA ILE C 141 -9.15 -10.34 -28.59
C ILE C 141 -9.44 -10.18 -27.10
N ARG C 142 -9.40 -8.95 -26.64
CA ARG C 142 -9.49 -8.66 -25.22
C ARG C 142 -10.94 -8.54 -24.78
N ARG C 143 -11.28 -9.26 -23.71
CA ARG C 143 -12.66 -9.37 -23.24
C ARG C 143 -12.67 -9.40 -21.72
N ARG C 144 -13.81 -8.99 -21.15
CA ARG C 144 -14.03 -9.06 -19.71
C ARG C 144 -14.60 -10.44 -19.37
N VAL C 145 -13.91 -11.18 -18.49
CA VAL C 145 -14.31 -12.53 -18.14
C VAL C 145 -14.18 -12.71 -16.63
N ASP C 146 -14.93 -13.67 -16.10
CA ASP C 146 -14.90 -14.01 -14.69
C ASP C 146 -13.84 -15.07 -14.45
N ILE C 147 -12.94 -14.80 -13.50
CA ILE C 147 -11.85 -15.74 -13.25
C ILE C 147 -12.25 -16.78 -12.21
N ASN C 148 -13.01 -16.38 -11.20
CA ASN C 148 -13.35 -17.29 -10.12
C ASN C 148 -14.37 -18.31 -10.63
N PRO C 149 -14.06 -19.62 -10.62
CA PRO C 149 -15.00 -20.61 -11.15
C PRO C 149 -16.01 -21.13 -10.14
N GLY C 150 -15.97 -20.66 -8.91
CA GLY C 150 -16.89 -21.15 -7.88
C GLY C 150 -17.76 -20.07 -7.30
N HIS C 151 -17.77 -18.88 -7.92
CA HIS C 151 -18.60 -17.79 -7.42
C HIS C 151 -20.06 -18.21 -7.38
N ALA C 152 -20.71 -17.94 -6.25
CA ALA C 152 -22.08 -18.35 -6.02
C ALA C 152 -23.10 -17.30 -6.47
N ASP C 153 -22.73 -16.44 -7.41
CA ASP C 153 -23.60 -15.38 -7.90
C ASP C 153 -23.87 -14.34 -6.82
N LEU C 154 -22.82 -13.97 -6.08
CA LEU C 154 -22.91 -12.98 -5.03
C LEU C 154 -21.80 -11.95 -5.20
N SER C 155 -22.10 -10.71 -4.83
CA SER C 155 -21.11 -9.65 -4.84
C SER C 155 -20.33 -9.65 -3.53
N ALA C 156 -19.40 -8.70 -3.40
CA ALA C 156 -18.59 -8.62 -2.19
C ALA C 156 -19.47 -8.35 -0.97
N LYS C 157 -20.17 -7.22 -0.97
CA LYS C 157 -21.04 -6.90 0.16
C LYS C 157 -22.15 -7.92 0.30
N GLU C 158 -22.71 -8.40 -0.81
CA GLU C 158 -23.82 -9.34 -0.76
C GLU C 158 -23.44 -10.61 -0.01
N ALA C 159 -22.22 -11.12 -0.22
CA ALA C 159 -21.76 -12.32 0.47
C ALA C 159 -21.06 -12.02 1.78
N GLN C 160 -20.74 -10.76 2.06
CA GLN C 160 -20.06 -10.44 3.32
C GLN C 160 -20.96 -10.72 4.52
N ASP C 161 -22.25 -10.39 4.41
CA ASP C 161 -23.18 -10.72 5.48
C ASP C 161 -23.30 -12.23 5.66
N VAL C 162 -23.36 -12.96 4.56
CA VAL C 162 -23.38 -14.42 4.63
C VAL C 162 -22.16 -14.94 5.36
N ILE C 163 -20.99 -14.39 5.04
CA ILE C 163 -19.75 -14.84 5.65
C ILE C 163 -19.77 -14.56 7.14
N MET C 164 -20.21 -13.36 7.54
CA MET C 164 -20.27 -13.07 8.97
C MET C 164 -21.20 -14.02 9.68
N GLU C 165 -22.42 -14.20 9.15
CA GLU C 165 -23.37 -15.09 9.81
C GLU C 165 -22.86 -16.53 9.84
N VAL C 166 -22.01 -16.91 8.91
CA VAL C 166 -21.43 -18.26 8.93
C VAL C 166 -20.33 -18.36 9.98
N VAL C 167 -19.51 -17.34 10.11
CA VAL C 167 -18.36 -17.36 11.02
C VAL C 167 -18.65 -16.58 12.30
N PHE C 168 -19.13 -15.35 12.18
CA PHE C 168 -19.42 -14.51 13.33
C PHE C 168 -20.93 -14.31 13.46
N PRO C 169 -21.67 -15.31 13.94
CA PRO C 169 -23.13 -15.20 13.95
C PRO C 169 -23.66 -14.09 14.84
N ASN C 170 -22.90 -13.64 15.83
CA ASN C 170 -23.41 -12.68 16.81
C ASN C 170 -23.20 -11.23 16.41
N GLU C 171 -22.21 -10.95 15.56
CA GLU C 171 -21.92 -9.59 15.13
C GLU C 171 -22.64 -9.19 13.85
N VAL C 172 -23.61 -10.01 13.41
CA VAL C 172 -24.33 -9.70 12.18
C VAL C 172 -25.07 -8.37 12.31
N GLY C 173 -25.66 -8.10 13.46
CA GLY C 173 -26.41 -6.87 13.67
C GLY C 173 -27.81 -6.92 13.14
N ALA C 174 -28.22 -5.87 12.41
CA ALA C 174 -29.59 -5.82 11.90
C ALA C 174 -29.83 -6.87 10.84
N ARG C 175 -28.84 -7.12 9.99
CA ARG C 175 -29.07 -7.92 8.80
C ARG C 175 -29.50 -9.33 9.16
N ILE C 176 -30.58 -9.78 8.53
CA ILE C 176 -30.97 -11.19 8.50
C ILE C 176 -31.24 -11.52 7.03
N LEU C 177 -30.48 -12.47 6.50
CA LEU C 177 -30.39 -12.61 5.05
C LEU C 177 -31.72 -13.10 4.50
N THR C 178 -32.20 -12.43 3.44
CA THR C 178 -33.51 -12.74 2.89
C THR C 178 -33.44 -13.80 1.80
N SER C 179 -32.52 -13.65 0.85
CA SER C 179 -32.44 -14.58 -0.26
C SER C 179 -32.21 -16.00 0.24
N GLU C 180 -32.98 -16.95 -0.29
CA GLU C 180 -32.90 -18.34 0.15
C GLU C 180 -31.64 -19.03 -0.32
N SER C 181 -31.05 -18.59 -1.43
CA SER C 181 -29.74 -19.10 -1.82
C SER C 181 -28.73 -18.86 -0.71
N GLN C 182 -28.76 -17.65 -0.15
CA GLN C 182 -27.90 -17.34 0.98
C GLN C 182 -28.24 -18.22 2.18
N LEU C 183 -29.52 -18.53 2.38
CA LEU C 183 -29.90 -19.43 3.46
C LEU C 183 -29.24 -20.79 3.32
N THR C 184 -29.33 -21.39 2.13
CA THR C 184 -28.74 -22.71 1.94
C THR C 184 -27.22 -22.65 2.03
N ILE C 185 -26.60 -21.59 1.50
CA ILE C 185 -25.14 -21.47 1.62
C ILE C 185 -24.73 -21.38 3.08
N THR C 186 -25.45 -20.57 3.86
CA THR C 186 -25.16 -20.47 5.29
C THR C 186 -25.29 -21.82 5.97
N LYS C 187 -26.38 -22.54 5.68
CA LYS C 187 -26.58 -23.85 6.31
C LYS C 187 -25.43 -24.80 5.98
N GLU C 188 -25.07 -24.88 4.70
CA GLU C 188 -24.05 -25.83 4.27
C GLU C 188 -22.70 -25.48 4.88
N LYS C 189 -22.27 -24.22 4.73
CA LYS C 189 -20.97 -23.82 5.23
C LYS C 189 -20.93 -23.70 6.75
N LYS C 190 -22.09 -23.72 7.40
CA LYS C 190 -22.13 -23.76 8.86
C LYS C 190 -21.94 -25.18 9.36
N GLU C 191 -22.72 -26.12 8.82
CA GLU C 191 -22.58 -27.51 9.25
C GLU C 191 -21.26 -28.11 8.81
N GLU C 192 -20.67 -27.59 7.72
CA GLU C 192 -19.43 -28.16 7.22
C GLU C 192 -18.24 -27.73 8.06
N LEU C 193 -18.21 -26.47 8.49
CA LEU C 193 -17.08 -25.89 9.22
C LEU C 193 -17.41 -25.65 10.69
N GLN C 194 -18.15 -26.58 11.31
CA GLN C 194 -18.74 -26.31 12.62
C GLN C 194 -17.67 -26.25 13.71
N ASP C 195 -16.62 -27.06 13.60
CA ASP C 195 -15.57 -27.10 14.61
C ASP C 195 -14.19 -26.81 14.04
N CYS C 196 -14.08 -26.37 12.79
CA CYS C 196 -12.78 -26.07 12.22
C CYS C 196 -12.10 -24.96 13.01
N LYS C 197 -10.82 -25.16 13.33
CA LYS C 197 -10.08 -24.29 14.23
C LYS C 197 -8.87 -23.68 13.55
N ILE C 198 -8.97 -23.36 12.26
CA ILE C 198 -7.84 -22.79 11.54
C ILE C 198 -7.68 -21.34 11.99
N SER C 199 -8.64 -20.51 11.63
CA SER C 199 -8.75 -19.15 12.14
C SER C 199 -10.05 -18.55 11.63
N PRO C 200 -10.76 -17.74 12.42
CA PRO C 200 -11.96 -17.08 11.87
C PRO C 200 -11.64 -16.19 10.68
N LEU C 201 -10.51 -15.47 10.73
CA LEU C 201 -10.21 -14.52 9.68
C LEU C 201 -9.90 -15.22 8.35
N MET C 202 -9.08 -16.28 8.38
CA MET C 202 -8.78 -16.99 7.15
C MET C 202 -10.02 -17.69 6.60
N VAL C 203 -10.85 -18.26 7.49
CA VAL C 203 -12.08 -18.88 7.02
C VAL C 203 -12.95 -17.85 6.31
N ALA C 204 -13.10 -16.67 6.91
CA ALA C 204 -13.90 -15.62 6.29
C ALA C 204 -13.29 -15.20 4.96
N TYR C 205 -11.96 -15.06 4.90
CA TYR C 205 -11.31 -14.63 3.67
C TYR C 205 -11.54 -15.64 2.55
N MET C 206 -11.39 -16.92 2.85
CA MET C 206 -11.56 -17.94 1.82
C MET C 206 -13.02 -18.09 1.42
N LEU C 207 -13.96 -17.93 2.36
CA LEU C 207 -15.36 -17.91 1.98
C LEU C 207 -15.66 -16.74 1.05
N GLU C 208 -15.09 -15.57 1.35
CA GLU C 208 -15.26 -14.42 0.47
C GLU C 208 -14.71 -14.73 -0.92
N ARG C 209 -13.52 -15.33 -0.99
CA ARG C 209 -12.94 -15.65 -2.28
C ARG C 209 -13.81 -16.63 -3.06
N GLU C 210 -14.33 -17.66 -2.37
CA GLU C 210 -15.09 -18.70 -3.05
C GLU C 210 -16.44 -18.18 -3.53
N LEU C 211 -17.19 -17.49 -2.67
CA LEU C 211 -18.55 -17.11 -3.01
C LEU C 211 -18.63 -15.85 -3.84
N VAL C 212 -17.78 -14.87 -3.57
CA VAL C 212 -17.87 -13.58 -4.25
C VAL C 212 -17.40 -13.73 -5.70
N ARG C 213 -18.18 -13.16 -6.62
CA ARG C 213 -17.80 -13.13 -8.02
C ARG C 213 -16.78 -12.02 -8.27
N LYS C 214 -15.78 -12.35 -9.08
CA LYS C 214 -14.74 -11.40 -9.43
C LYS C 214 -14.49 -11.51 -10.92
N THR C 215 -14.17 -10.37 -11.55
CA THR C 215 -14.08 -10.28 -12.99
C THR C 215 -12.85 -9.46 -13.36
N ARG C 216 -12.20 -9.83 -14.46
CA ARG C 216 -11.04 -9.11 -14.94
C ARG C 216 -11.00 -9.17 -16.46
N PHE C 217 -10.28 -8.22 -17.03
CA PHE C 217 -10.20 -8.05 -18.47
C PHE C 217 -8.93 -8.75 -18.96
N LEU C 218 -9.06 -9.65 -19.93
CA LEU C 218 -7.95 -10.48 -20.35
C LEU C 218 -8.01 -10.69 -21.85
N PRO C 219 -6.87 -10.92 -22.51
CA PRO C 219 -6.85 -11.29 -23.93
C PRO C 219 -7.15 -12.78 -24.10
N VAL C 220 -8.30 -13.09 -24.69
CA VAL C 220 -8.75 -14.47 -24.84
C VAL C 220 -8.95 -14.76 -26.33
N ALA C 221 -8.91 -16.06 -26.64
CA ALA C 221 -9.24 -16.56 -27.98
C ALA C 221 -9.96 -17.89 -27.79
N GLY C 222 -11.28 -17.87 -27.95
CA GLY C 222 -12.08 -19.05 -27.64
C GLY C 222 -12.36 -19.15 -26.14
N GLY C 223 -12.66 -20.37 -25.71
CA GLY C 223 -12.92 -20.59 -24.29
C GLY C 223 -14.05 -19.75 -23.75
N THR C 224 -13.71 -18.74 -22.95
CA THR C 224 -14.62 -17.78 -22.33
C THR C 224 -15.33 -18.38 -21.12
N SER C 225 -15.16 -19.67 -20.84
CA SER C 225 -15.78 -20.29 -19.67
C SER C 225 -14.89 -20.11 -18.44
N SER C 226 -15.51 -20.13 -17.27
CA SER C 226 -14.77 -19.91 -16.03
C SER C 226 -13.71 -20.99 -15.84
N VAL C 227 -14.07 -22.25 -16.08
CA VAL C 227 -13.10 -23.33 -15.92
C VAL C 227 -12.02 -23.27 -16.99
N TYR C 228 -12.33 -22.74 -18.16
CA TYR C 228 -11.36 -22.65 -19.26
C TYR C 228 -10.49 -21.40 -19.17
N ILE C 229 -10.76 -20.48 -18.25
CA ILE C 229 -9.96 -19.27 -18.14
C ILE C 229 -8.84 -19.44 -17.13
N GLU C 230 -9.02 -20.28 -16.10
CA GLU C 230 -7.95 -20.50 -15.13
C GLU C 230 -6.74 -21.17 -15.78
N VAL C 231 -6.97 -21.95 -16.84
CA VAL C 231 -5.88 -22.59 -17.58
C VAL C 231 -5.62 -21.86 -18.89
N LEU C 232 -6.01 -20.58 -18.98
CA LEU C 232 -5.80 -19.82 -20.21
C LEU C 232 -4.33 -19.75 -20.59
N HIS C 233 -3.42 -19.84 -19.60
CA HIS C 233 -2.00 -19.84 -19.90
C HIS C 233 -1.55 -21.11 -20.59
N LEU C 234 -2.25 -22.22 -20.38
CA LEU C 234 -1.85 -23.52 -20.90
C LEU C 234 -2.55 -23.89 -22.20
N THR C 235 -3.71 -23.32 -22.49
CA THR C 235 -4.48 -23.69 -23.66
C THR C 235 -4.29 -22.75 -24.85
N GLN C 236 -3.97 -21.48 -24.60
CA GLN C 236 -3.84 -20.49 -25.66
C GLN C 236 -2.47 -19.85 -25.61
N GLY C 237 -1.87 -19.68 -26.79
CA GLY C 237 -0.58 -19.03 -26.91
C GLY C 237 -0.50 -18.07 -28.07
N THR C 238 0.71 -17.67 -28.45
CA THR C 238 0.87 -16.73 -29.54
C THR C 238 0.62 -17.38 -30.89
N CYS C 239 1.09 -18.61 -31.08
CA CYS C 239 0.94 -19.30 -32.36
C CYS C 239 0.56 -20.77 -32.18
N TRP C 240 0.07 -21.15 -31.02
CA TRP C 240 -0.26 -22.55 -30.76
C TRP C 240 -1.50 -22.61 -29.87
N GLU C 241 -2.33 -23.62 -30.12
CA GLU C 241 -3.51 -23.90 -29.32
C GLU C 241 -3.44 -25.32 -28.81
N GLN C 242 -3.69 -25.49 -27.51
CA GLN C 242 -3.62 -26.79 -26.84
C GLN C 242 -5.02 -27.13 -26.35
N MET C 243 -5.68 -28.05 -27.05
CA MET C 243 -7.02 -28.47 -26.65
C MET C 243 -6.98 -29.11 -25.27
N TYR C 244 -7.90 -28.71 -24.41
CA TYR C 244 -7.93 -29.16 -23.03
C TYR C 244 -9.37 -29.24 -22.55
N THR C 245 -9.64 -30.22 -21.69
CA THR C 245 -10.98 -30.42 -21.12
C THR C 245 -10.81 -30.71 -19.63
N PRO C 246 -11.07 -29.72 -18.77
CA PRO C 246 -10.91 -29.96 -17.32
C PRO C 246 -11.67 -31.17 -16.82
N GLY C 247 -11.33 -31.64 -15.63
CA GLY C 247 -11.96 -32.83 -15.10
C GLY C 247 -13.43 -32.66 -14.80
N GLY C 248 -13.88 -31.42 -14.57
CA GLY C 248 -15.28 -31.20 -14.26
C GLY C 248 -16.20 -31.64 -15.38
N GLU C 249 -15.81 -31.37 -16.63
CA GLU C 249 -16.62 -31.74 -17.78
C GLU C 249 -16.27 -33.16 -18.24
N GLN F 1 -35.44 10.00 51.92
CA GLN F 1 -34.38 11.07 51.93
C GLN F 1 -34.66 12.18 52.92
N VAL F 2 -35.90 12.70 52.98
CA VAL F 2 -36.36 13.44 54.14
C VAL F 2 -37.65 12.78 54.63
N GLN F 3 -37.88 12.75 55.95
CA GLN F 3 -39.14 12.36 56.56
C GLN F 3 -39.64 13.52 57.39
N LEU F 4 -40.97 13.74 57.39
CA LEU F 4 -41.58 14.94 57.91
C LEU F 4 -42.56 14.63 59.00
N GLN F 5 -42.35 15.26 60.18
CA GLN F 5 -43.19 15.05 61.34
C GLN F 5 -43.80 16.36 61.77
N GLU F 6 -45.14 16.46 61.69
CA GLU F 6 -45.90 17.63 62.09
C GLU F 6 -46.31 17.55 63.54
N SER F 7 -46.63 18.71 64.16
CA SER F 7 -47.15 18.75 65.50
C SER F 7 -47.90 20.05 65.74
N GLY F 8 -48.65 20.13 66.86
CA GLY F 8 -49.31 21.37 67.32
C GLY F 8 -50.70 21.65 66.81
N GLY F 9 -51.33 20.70 66.10
CA GLY F 9 -52.71 20.88 65.64
C GLY F 9 -53.75 20.85 66.76
N GLY F 10 -55.05 20.95 66.41
CA GLY F 10 -56.12 20.78 67.39
C GLY F 10 -57.25 21.76 67.25
N LEU F 11 -57.87 22.09 68.40
CA LEU F 11 -59.14 22.76 68.48
C LEU F 11 -58.95 24.10 69.16
N VAL F 12 -59.46 25.18 68.54
CA VAL F 12 -59.20 26.53 68.93
C VAL F 12 -60.45 27.34 68.67
N GLN F 13 -60.65 28.44 69.42
CA GLN F 13 -61.81 29.28 69.31
C GLN F 13 -61.59 30.39 68.27
N PRO F 14 -62.62 30.96 67.63
CA PRO F 14 -62.51 32.14 66.79
C PRO F 14 -61.78 33.30 67.44
N GLY F 15 -60.77 33.85 66.73
CA GLY F 15 -59.91 34.93 67.21
C GLY F 15 -58.68 34.43 67.92
N GLY F 16 -58.64 33.12 68.23
CA GLY F 16 -57.53 32.48 68.90
C GLY F 16 -56.29 32.31 68.07
N SER F 17 -55.27 31.68 68.69
CA SER F 17 -53.97 31.45 68.10
C SER F 17 -53.59 30.01 68.26
N LEU F 18 -52.77 29.47 67.35
CA LEU F 18 -52.32 28.10 67.36
C LEU F 18 -50.94 28.06 66.70
N ARG F 19 -50.07 27.13 67.10
CA ARG F 19 -48.72 27.06 66.57
C ARG F 19 -48.44 25.67 66.08
N LEU F 20 -48.25 25.51 64.77
CA LEU F 20 -47.87 24.25 64.16
C LEU F 20 -46.36 24.19 64.07
N SER F 21 -45.79 22.97 64.06
CA SER F 21 -44.40 22.78 63.76
C SER F 21 -44.24 21.59 62.87
N CYS F 22 -43.11 21.54 62.14
CA CYS F 22 -42.72 20.48 61.27
C CYS F 22 -41.26 20.25 61.49
N ALA F 23 -40.88 19.03 61.87
CA ALA F 23 -39.51 18.59 61.97
C ALA F 23 -39.16 17.78 60.73
N ALA F 24 -38.06 18.14 60.05
CA ALA F 24 -37.59 17.45 58.87
C ALA F 24 -36.26 16.76 59.14
N THR F 33 -36.74 24.71 49.58
CA THR F 33 -37.91 25.33 50.18
C THR F 33 -38.74 24.36 51.02
N MET F 34 -39.32 24.86 52.12
CA MET F 34 -40.17 24.09 53.02
C MET F 34 -41.42 24.91 53.29
N SER F 35 -42.56 24.26 53.53
CA SER F 35 -43.82 24.99 53.51
C SER F 35 -44.97 24.28 54.15
N TRP F 36 -46.06 25.03 54.36
CA TRP F 36 -47.31 24.56 54.90
C TRP F 36 -48.41 24.78 53.88
N TYR F 37 -49.26 23.76 53.72
CA TYR F 37 -50.41 23.78 52.83
C TYR F 37 -51.58 23.33 53.69
N ARG F 38 -52.80 23.60 53.25
CA ARG F 38 -53.97 23.11 53.94
C ARG F 38 -54.99 22.62 52.94
N GLN F 39 -55.83 21.66 53.37
CA GLN F 39 -56.95 21.21 52.57
C GLN F 39 -58.18 21.15 53.45
N ALA F 40 -59.20 21.94 53.09
CA ALA F 40 -60.49 21.96 53.75
C ALA F 40 -61.44 20.95 53.10
N PRO F 41 -62.49 20.45 53.77
CA PRO F 41 -63.41 19.47 53.21
C PRO F 41 -64.02 19.87 51.87
N GLY F 42 -63.83 19.04 50.83
CA GLY F 42 -64.41 19.28 49.50
C GLY F 42 -63.70 20.34 48.71
N LYS F 43 -62.58 20.86 49.21
CA LYS F 43 -61.78 21.86 48.54
C LYS F 43 -60.44 21.28 48.15
N GLU F 44 -59.79 21.90 47.16
CA GLU F 44 -58.42 21.62 46.78
C GLU F 44 -57.40 22.04 47.82
N ARG F 45 -56.24 21.38 47.81
CA ARG F 45 -55.12 21.73 48.65
C ARG F 45 -54.52 23.08 48.26
N GLU F 46 -54.46 24.06 49.19
CA GLU F 46 -53.97 25.40 48.93
C GLU F 46 -52.68 25.64 49.71
N LEU F 47 -51.74 26.45 49.16
CA LEU F 47 -50.57 26.93 49.89
C LEU F 47 -50.94 27.89 51.00
N VAL F 48 -50.35 27.75 52.20
CA VAL F 48 -50.53 28.69 53.29
C VAL F 48 -49.32 29.59 53.37
N ALA F 49 -48.13 29.01 53.65
CA ALA F 49 -46.91 29.75 53.83
C ALA F 49 -45.71 28.92 53.40
N SER F 50 -44.66 29.53 52.80
CA SER F 50 -43.43 28.85 52.41
C SER F 50 -42.18 29.61 52.81
N ASP F 51 -41.06 28.91 53.03
CA ASP F 51 -39.80 29.53 53.42
C ASP F 51 -38.63 28.77 52.78
N TYR F 63 -46.78 33.82 51.09
CA TYR F 63 -47.90 33.85 51.99
C TYR F 63 -49.14 33.98 51.15
N ALA F 64 -50.12 33.10 51.37
CA ALA F 64 -51.44 33.27 50.81
C ALA F 64 -52.10 34.56 51.27
N ALA F 65 -52.86 35.22 50.38
CA ALA F 65 -53.53 36.50 50.64
C ALA F 65 -54.50 36.45 51.81
N SER F 66 -55.15 35.29 51.99
CA SER F 66 -56.06 34.94 53.06
C SER F 66 -55.44 34.95 54.45
N VAL F 67 -54.12 34.68 54.55
CA VAL F 67 -53.42 34.56 55.82
C VAL F 67 -52.41 35.67 56.08
N LYS F 68 -52.21 36.63 55.13
CA LYS F 68 -51.27 37.72 55.32
C LYS F 68 -51.58 38.60 56.53
N GLY F 69 -50.57 38.86 57.38
CA GLY F 69 -50.69 39.66 58.60
C GLY F 69 -51.30 38.93 59.77
N ARG F 70 -51.63 37.64 59.58
CA ARG F 70 -52.28 36.82 60.59
C ARG F 70 -51.41 35.63 60.92
N PHE F 71 -50.78 35.02 59.90
CA PHE F 71 -49.96 33.84 60.05
C PHE F 71 -48.53 34.22 59.72
N THR F 72 -47.56 33.70 60.50
CA THR F 72 -46.14 33.94 60.31
C THR F 72 -45.42 32.62 60.35
N ILE F 73 -44.61 32.32 59.32
CA ILE F 73 -43.81 31.11 59.25
C ILE F 73 -42.37 31.46 59.58
N SER F 74 -41.59 30.51 60.13
CA SER F 74 -40.18 30.72 60.40
C SER F 74 -39.45 29.41 60.25
N ARG F 75 -38.13 29.48 59.99
CA ARG F 75 -37.30 28.33 59.73
C ARG F 75 -36.01 28.40 60.50
N ASP F 76 -35.69 27.31 61.23
CA ASP F 76 -34.41 27.10 61.87
C ASP F 76 -33.72 25.99 61.09
N ASN F 77 -32.67 26.35 60.31
CA ASN F 77 -31.88 25.44 59.50
C ASN F 77 -31.03 24.52 60.36
N ALA F 78 -30.63 24.95 61.57
CA ALA F 78 -29.80 24.18 62.47
C ALA F 78 -30.50 22.90 62.92
N LYS F 79 -31.82 22.99 63.13
CA LYS F 79 -32.64 21.91 63.66
C LYS F 79 -33.63 21.41 62.62
N ASN F 80 -33.56 21.93 61.36
CA ASN F 80 -34.45 21.64 60.24
C ASN F 80 -35.93 21.66 60.60
N THR F 81 -36.37 22.79 61.18
CA THR F 81 -37.70 22.89 61.75
C THR F 81 -38.41 24.13 61.25
N VAL F 82 -39.67 23.97 60.82
CA VAL F 82 -40.43 25.05 60.20
C VAL F 82 -41.73 25.25 60.96
N TYR F 83 -41.72 26.26 61.84
CA TYR F 83 -42.84 26.63 62.67
C TYR F 83 -43.80 27.50 61.89
N LEU F 84 -45.11 27.31 62.10
CA LEU F 84 -46.13 28.19 61.58
C LEU F 84 -46.93 28.71 62.74
N GLN F 85 -46.85 30.03 62.97
CA GLN F 85 -47.64 30.70 63.98
C GLN F 85 -48.89 31.22 63.33
N MET F 86 -50.07 30.79 63.81
CA MET F 86 -51.34 31.20 63.26
C MET F 86 -52.09 32.00 64.29
N ASN F 87 -52.38 33.29 64.00
CA ASN F 87 -53.08 34.19 64.90
C ASN F 87 -54.36 34.67 64.21
N MET F 88 -55.36 35.13 65.01
CA MET F 88 -56.63 35.64 64.51
C MET F 88 -57.38 34.60 63.67
N LEU F 89 -57.44 33.36 64.18
CA LEU F 89 -58.06 32.24 63.49
C LEU F 89 -59.55 32.38 63.30
N LYS F 90 -60.06 31.87 62.16
CA LYS F 90 -61.44 32.02 61.76
C LYS F 90 -62.00 30.66 61.38
N PRO F 91 -63.32 30.40 61.32
CA PRO F 91 -63.89 29.12 60.88
C PRO F 91 -63.41 28.68 59.51
N GLU F 92 -63.06 29.64 58.63
CA GLU F 92 -62.57 29.43 57.29
C GLU F 92 -61.17 28.84 57.26
N ASP F 93 -60.45 28.89 58.40
CA ASP F 93 -59.12 28.31 58.50
C ASP F 93 -59.18 26.85 59.00
N THR F 94 -60.38 26.28 59.22
CA THR F 94 -60.59 24.85 59.54
C THR F 94 -60.22 23.93 58.39
N ALA F 95 -59.15 23.12 58.57
CA ALA F 95 -58.62 22.29 57.53
C ALA F 95 -57.63 21.28 58.08
N VAL F 96 -57.20 20.30 57.25
CA VAL F 96 -56.01 19.53 57.54
C VAL F 96 -54.80 20.26 56.99
N TYR F 97 -53.81 20.53 57.85
CA TYR F 97 -52.60 21.27 57.54
C TYR F 97 -51.46 20.29 57.36
N TYR F 98 -50.74 20.42 56.23
CA TYR F 98 -49.68 19.51 55.86
C TYR F 98 -48.39 20.29 55.67
N CYS F 99 -47.28 19.77 56.23
CA CYS F 99 -45.92 20.20 55.97
C CYS F 99 -45.39 19.63 54.68
N TYR F 100 -44.55 20.40 53.96
CA TYR F 100 -43.90 19.95 52.75
C TYR F 100 -42.43 20.33 52.73
N VAL F 101 -41.67 19.56 51.95
CA VAL F 101 -40.27 19.78 51.68
C VAL F 101 -40.02 19.50 50.21
N TYR F 102 -39.29 20.38 49.51
CA TYR F 102 -38.90 20.19 48.12
C TYR F 102 -37.48 19.66 47.98
N THR F 113 -40.97 16.50 45.79
CA THR F 113 -41.81 17.01 46.86
C THR F 113 -42.17 15.91 47.84
N LEU F 114 -41.87 16.12 49.13
CA LEU F 114 -42.18 15.22 50.23
C LEU F 114 -43.22 15.88 51.12
N PHE F 115 -44.12 15.06 51.71
CA PHE F 115 -45.28 15.49 52.47
C PHE F 115 -45.29 14.87 53.86
N GLY F 116 -45.75 15.63 54.88
CA GLY F 116 -46.12 15.07 56.17
C GLY F 116 -47.49 14.41 56.14
N GLN F 117 -47.93 13.82 57.26
CA GLN F 117 -49.16 13.05 57.29
C GLN F 117 -50.39 13.94 57.36
N GLY F 118 -50.24 15.17 57.87
CA GLY F 118 -51.35 16.10 58.00
C GLY F 118 -51.90 16.19 59.39
N THR F 119 -52.06 17.41 59.89
CA THR F 119 -52.53 17.68 61.25
C THR F 119 -53.78 18.54 61.19
N GLN F 120 -54.86 18.07 61.84
CA GLN F 120 -56.16 18.75 61.87
C GLN F 120 -56.14 20.06 62.64
N VAL F 121 -56.76 21.12 62.08
CA VAL F 121 -56.95 22.39 62.75
C VAL F 121 -58.42 22.72 62.65
N THR F 122 -59.10 22.85 63.80
CA THR F 122 -60.54 23.09 63.85
C THR F 122 -60.80 24.34 64.64
N VAL F 123 -61.35 25.37 63.99
CA VAL F 123 -61.66 26.65 64.62
C VAL F 123 -63.15 26.70 64.88
#